data_5C53
#
_entry.id   5C53
#
_cell.length_a   217.447
_cell.length_b   217.447
_cell.length_c   163.593
_cell.angle_alpha   90.00
_cell.angle_beta   90.00
_cell.angle_gamma   90.00
#
_symmetry.space_group_name_H-M   'P 41 21 2'
#
loop_
_entity.id
_entity.type
_entity.pdbx_description
1 polymer 'DNA polymerase subunit gamma-1'
2 polymer 'Pol gamma B'
3 polymer 'DNA (26-MER)'
4 polymer "DNA (5'-D(*AP*AP*AP*AP*CP*GP*AP*GP*GP*GP*CP*CP*AP*GP*TP*GP*CP*CP*GP*TP*AP*C)-3')"
5 non-polymer 'MAGNESIUM ION'
6 non-polymer '[[(2~{S},5~{R})-5-(4-azanyl-5-fluoranyl-2-oxidanylidene-pyrimidin-1-yl)-1,3$l^{4}-oxathiolan-2-yl]methoxy-oxidanyl-phosphoryl] phosphono hydrogen phosphate'
7 non-polymer "2',3'-DIDEOXYCYTIDINE-5'-MONOPHOSPHATE"
#
loop_
_entity_poly.entity_id
_entity_poly.type
_entity_poly.pdbx_seq_one_letter_code
_entity_poly.pdbx_strand_id
1 'polypeptide(L)'
;WVSSSVPASDPSDGQRRRQQQPQQPQVLSSEGGQLRHNPLDIQMLSRGLHEQIFGQGGEMPGEAAVRRSVEHLQKHGLWG
QPAVPLPDVELRLPPLYGDNLDQHFRLLAQKQSLPYLEAANLLLQAQLPPKPPAWAWAEGWTRYGPEGEAVPVAIPEERA
LVFDVEVCLAEGTCPTLAVAISPSAWYSWCSQRLVEERYSWTSQLSPADLIPLEVPTGASSPTQRDWQEQLVVGHNVSFD
RAHIREQYLIQGSRMRFLDTMSMHMAISGLSSFQRSLWIAAKQGKHKVQPPTKQGQKSQRKARRGPAISSWDWLDISSVN
SLAEVHRLYVGGPPLEKEPRELFVKGTMKDIRENFQDLMQYCAQDVWATHEVFQQQLPLFLERCPHPVTLAGMLEMGVSY
LPVNQNWERYLAEAQGTYEELQREMKKSLMDLANDACQLLSGERYKEDPWLWDLEWDLQEFKQKKAKKVKKEPATASKLP
IEGAGAPGDPMDQEDLGPCSEEEEFQQDVMARACLQKLKGTTELLPKRPQHLPGHPGWYRKLCPRLDDPAWTPGPSLLSL
QMRVTPKLMALTWDGFPLHYSERHGWGYLVPGRRDNLAKLPTGTTLESAGVVCPYRAIESLYRKHCLEQGKQQLMPQEAG
LAEEFLLTDNSAIWQTVEELDYLEVEAEAKMENLRAAVPGQPLALTARGGPKDTQPSYHHGNGPYNDVDIPGCWFFKLPH
KDGNSCNVGSPFAKDFLPKMEDGTLQAGPGGASGPRALEINKMISFWRNAHKRISSQMVVWLPRSALPRAVIRHPDYDEE
GLYGAILPQVVTAGTITRRAVEPTWLTASNARPDRVGSELKAMVQAPPGYTLVGADVDSQELWIAAVLGDAHFAGMHGCT
AFGWMTLQGRKSRGTDLHSKTATTVGISREHAKIFNYGRIYGAGQPFAERLLMQFNHRLTQQEAAEKAQQMYAATKGLRW
YRLSDEGEWLVRELNLPVDRTEGGWISLQDLRKVQRETARKSQWKKWEVVAERAWKGGTESEMFNKLESIATSDIPRTPV
LGCCISRALEPSAVQEEFMTSRVNWVVQSSAVDYLHLMLVAMKWLFEEFAIDGRFCISIHDEVRYLVREEDRYRAALALQ
ITNLLTRCMFAYKLGLNDLPQSVAFFSAVDIDRCLRKEVTMDCKTPSNPTGMERRYGIPQGEALDIYQIIELTKGSLEKR
SQPGP
;
A
2 'polypeptide(L)'
;MRSRVAVRACHKVCRCLLSGFGGRVDAGQPELLTERSSPKGGHVKSHAELEGNGEHPEAPGSGEGSEALLEICQRRHFLS
GSKQQLSRDSLLSGCHPGFGPLGVELRKNLAAEWWTSVVVFREQVFPVDALHHKPGPLLPGDSAFRKLRENLLHGALEHY
VNCLDLVNKRLPYGLAQIGVCFHPVFDTKQIRNGVKSIGEKTEASLVWFTPPRTSNQWLDFWLRHRLQWWRKFAMSPSNF
SSSDCQDEEGRKGNKLYYNFPWGKELIETLWNLGDHELLHMYPGNVSKLHGRDGRKNVVPCVLSVNGDLDRGMLAYLYDS
FQLTENSFTRKKNLHRKVLKLHPCLAPIKVALDVGRGPTLELRQVCQGLFNELLENGISVWPGYLETMQSSLEQLYSKYD
EMSILFTVLVTETTLENGLIHLRSRDTTMKEMMHISKLKDFLIKYISSAKNVMRSRVAVRACHKVCRCLLSGFGGRVDAG
QPELLTERSSPKGGHVKSHAELEGNGEHPEAPGSGEGSEALLEICQRRHFLSGSKQQLSRDSLLSGCHPGFGPLGVELRK
NLAAEWWTSVVVFREQVFPVDALHHKPGPLLPGDSAFRLRENLLHGALEHYVNCLDLVNKRLPYGLAQIGVCFHPVFDTK
QIRNGVKSIGEKTEASLVWFTPPRTSNQWLDFWLRHRLQWWRKFAMSPSNFSSSDCQDEEGRKGNKLYYNFPWGKELIET
LWNLGDHELLHMYPGNVSKLHGRDGRKNVVPCVLSVNGDLDRGMLAYLYDSFQLTENSFTRKKNLHRKVLKLHPCLAPIK
VALDVGRGPTLELRQVCQGLFNELLENGISVWPGYLETMQSSLEQLYSKYDEMSILFTVLVTETTLENGLIHLRSRDTTM
KEMMHISKLKDFLIKYISSAKNV
;
B,C
3 'polydeoxyribonucleotide'
;(DA)(DG)(DC)(DG)(DA)(DT)(DA)(DC)(DG)(DG)(DC)(DA)(DC)(DT)(DG)(DG)(DC)(DC)(DC)(DT)
(DC)(DG)(DT)(DT)(DT)(DT)
;
T
4 'polydeoxyribonucleotide'
;(DA)(DA)(DA)(DA)(DC)(DG)(DA)(DG)(DG)(DG)(DC)(DC)(DA)(DG)(DT)(DG)(DC)(DC)(DG)(DT)
(DA)(DC)
;
P
#
# COMPACT_ATOMS: atom_id res chain seq x y z
N MET A 44 -39.05 43.58 7.61
CA MET A 44 -40.40 43.48 7.10
C MET A 44 -40.83 42.02 6.98
N LEU A 45 -41.52 41.51 8.00
CA LEU A 45 -41.83 42.28 9.20
C LEU A 45 -41.56 41.42 10.44
N SER A 46 -41.86 41.95 11.62
CA SER A 46 -41.69 41.24 12.88
C SER A 46 -40.28 40.66 13.04
N ARG A 47 -39.28 41.46 12.68
CA ARG A 47 -37.87 41.10 12.84
C ARG A 47 -37.50 39.84 12.04
N GLY A 48 -38.13 39.65 10.88
CA GLY A 48 -37.77 38.55 10.01
C GLY A 48 -38.92 37.66 9.55
N LEU A 49 -39.36 37.87 8.31
CA LEU A 49 -40.32 36.98 7.65
C LEU A 49 -40.27 37.18 6.15
N HIS A 50 -40.67 36.16 5.40
CA HIS A 50 -40.72 36.25 3.94
C HIS A 50 -42.16 36.12 3.44
N GLU A 51 -42.38 36.44 2.16
CA GLU A 51 -43.69 36.32 1.56
C GLU A 51 -44.10 34.86 1.45
N GLN A 52 -45.13 34.46 2.18
CA GLN A 52 -45.55 33.07 2.20
C GLN A 52 -47.06 32.91 2.01
N ILE A 53 -47.46 31.75 1.51
CA ILE A 53 -48.87 31.42 1.40
C ILE A 53 -49.09 30.10 2.12
N PHE A 54 -48.80 30.08 3.42
CA PHE A 54 -48.93 28.89 4.25
C PHE A 54 -49.89 29.13 5.39
N GLY A 55 -50.76 30.12 5.23
CA GLY A 55 -51.71 30.48 6.27
C GLY A 55 -51.80 31.98 6.46
N GLN A 56 -53.00 32.53 6.30
CA GLN A 56 -53.19 33.97 6.40
C GLN A 56 -53.17 34.42 7.87
N GLY A 57 -53.67 33.57 8.75
CA GLY A 57 -53.68 33.88 10.18
C GLY A 57 -53.44 32.66 11.04
N GLY A 58 -52.48 32.76 11.96
CA GLY A 58 -51.72 33.98 12.17
C GLY A 58 -51.59 34.32 13.64
N GLU A 59 -51.25 35.58 13.93
CA GLU A 59 -51.18 36.06 15.30
C GLU A 59 -52.50 35.80 16.05
N MET A 60 -52.48 35.24 17.26
CA MET A 60 -51.32 34.84 18.08
C MET A 60 -50.28 35.92 18.36
N PRO A 61 -50.67 37.00 19.06
CA PRO A 61 -49.71 38.06 19.39
C PRO A 61 -48.90 37.76 20.66
N GLY A 62 -49.60 37.49 21.77
CA GLY A 62 -48.95 37.24 23.04
C GLY A 62 -48.24 38.47 23.57
N GLU A 63 -49.00 39.54 23.79
CA GLU A 63 -48.44 40.83 24.19
C GLU A 63 -47.66 40.76 25.50
N ALA A 64 -48.22 40.07 26.49
CA ALA A 64 -47.54 39.88 27.77
C ALA A 64 -46.29 39.04 27.58
N ALA A 65 -46.41 38.00 26.76
CA ALA A 65 -45.30 37.08 26.50
C ALA A 65 -44.15 37.81 25.80
N VAL A 66 -44.48 38.62 24.80
CA VAL A 66 -43.44 39.35 24.06
C VAL A 66 -42.91 40.52 24.88
N ARG A 67 -43.69 40.98 25.86
CA ARG A 67 -43.19 41.99 26.77
C ARG A 67 -42.15 41.35 27.69
N ARG A 68 -42.43 40.12 28.12
CA ARG A 68 -41.49 39.39 28.97
C ARG A 68 -40.23 39.04 28.18
N SER A 69 -40.41 38.70 26.92
CA SER A 69 -39.27 38.35 26.05
C SER A 69 -38.41 39.58 25.76
N VAL A 70 -39.06 40.71 25.50
CA VAL A 70 -38.34 41.95 25.23
C VAL A 70 -37.58 42.41 26.47
N GLU A 71 -38.23 42.36 27.63
CA GLU A 71 -37.59 42.73 28.88
C GLU A 71 -36.40 41.82 29.17
N HIS A 72 -36.60 40.52 28.93
CA HIS A 72 -35.54 39.53 29.12
C HIS A 72 -34.34 39.80 28.22
N LEU A 73 -34.63 40.10 26.96
CA LEU A 73 -33.58 40.38 25.97
C LEU A 73 -32.98 41.76 26.16
N GLN A 74 -33.59 42.56 27.03
CA GLN A 74 -33.08 43.89 27.35
C GLN A 74 -32.15 43.83 28.54
N LYS A 75 -32.50 43.00 29.52
CA LYS A 75 -31.69 42.85 30.73
C LYS A 75 -30.54 41.85 30.52
N HIS A 76 -30.71 40.97 29.54
CA HIS A 76 -29.71 39.94 29.25
C HIS A 76 -28.30 40.48 28.88
N GLY A 77 -28.17 41.44 27.96
CA GLY A 77 -29.24 42.07 27.20
C GLY A 77 -28.84 42.39 25.78
N LEU A 78 -29.73 42.08 24.84
CA LEU A 78 -29.46 42.33 23.42
C LEU A 78 -30.53 43.21 22.80
N TRP A 79 -30.17 44.45 22.47
CA TRP A 79 -31.09 45.38 21.84
C TRP A 79 -30.39 46.26 20.82
N GLY A 80 -29.25 45.80 20.32
CA GLY A 80 -28.51 46.52 19.30
C GLY A 80 -28.65 45.85 17.95
N GLN A 81 -29.84 45.95 17.37
CA GLN A 81 -30.13 45.32 16.09
C GLN A 81 -29.30 45.92 14.95
N PRO A 82 -28.74 45.06 14.09
CA PRO A 82 -27.93 45.51 12.95
C PRO A 82 -28.79 46.06 11.81
N ALA A 83 -30.05 45.67 11.76
CA ALA A 83 -30.99 46.10 10.72
C ALA A 83 -30.44 45.84 9.32
N VAL A 84 -30.18 44.56 9.02
CA VAL A 84 -29.67 44.16 7.72
C VAL A 84 -30.61 43.17 7.03
N PRO A 85 -31.66 43.68 6.37
CA PRO A 85 -32.67 42.86 5.70
C PRO A 85 -32.08 42.03 4.55
N LEU A 86 -32.28 40.72 4.60
CA LEU A 86 -31.85 39.83 3.52
C LEU A 86 -32.77 39.99 2.32
N PRO A 87 -32.23 39.84 1.10
CA PRO A 87 -33.02 39.99 -0.12
C PRO A 87 -34.17 38.99 -0.21
N ASP A 88 -35.39 39.49 -0.13
CA ASP A 88 -36.58 38.63 -0.20
C ASP A 88 -36.73 38.04 -1.60
N VAL A 89 -37.25 36.81 -1.66
CA VAL A 89 -37.41 36.12 -2.94
C VAL A 89 -38.88 35.96 -3.31
N GLU A 90 -39.22 36.36 -4.53
CA GLU A 90 -40.58 36.23 -5.04
C GLU A 90 -40.66 35.20 -6.16
N LEU A 91 -41.16 34.01 -5.84
CA LEU A 91 -41.30 32.96 -6.84
C LEU A 91 -42.63 32.23 -6.68
N ARG A 92 -43.10 31.62 -7.76
CA ARG A 92 -44.35 30.89 -7.73
C ARG A 92 -44.15 29.51 -7.12
N LEU A 93 -44.69 29.32 -5.93
CA LEU A 93 -44.54 28.06 -5.19
C LEU A 93 -45.34 26.95 -5.85
N PRO A 94 -44.85 25.70 -5.73
CA PRO A 94 -45.56 24.51 -6.21
C PRO A 94 -46.94 24.36 -5.57
N PRO A 95 -47.87 23.67 -6.26
CA PRO A 95 -49.24 23.53 -5.77
C PRO A 95 -49.35 22.76 -4.46
N LEU A 96 -49.98 23.38 -3.46
CA LEU A 96 -50.23 22.73 -2.17
C LEU A 96 -51.55 21.98 -2.21
N TYR A 97 -51.65 20.90 -1.41
CA TYR A 97 -52.83 20.05 -1.45
C TYR A 97 -53.81 20.36 -0.32
N GLY A 98 -53.37 21.11 0.67
CA GLY A 98 -54.25 21.53 1.75
C GLY A 98 -54.46 20.46 2.81
N ASP A 99 -54.91 20.86 3.99
CA ASP A 99 -55.16 22.27 4.30
C ASP A 99 -53.87 22.97 4.72
N ASN A 100 -53.17 22.34 5.66
CA ASN A 100 -51.85 22.82 6.07
C ASN A 100 -50.76 22.04 5.35
N LEU A 101 -49.51 22.37 5.63
CA LEU A 101 -48.40 21.64 5.03
C LEU A 101 -48.22 20.30 5.74
N ASP A 102 -48.82 20.17 6.91
CA ASP A 102 -48.82 18.91 7.65
C ASP A 102 -49.53 17.82 6.86
N GLN A 103 -50.75 18.13 6.41
CA GLN A 103 -51.51 17.19 5.60
C GLN A 103 -50.89 17.04 4.22
N HIS A 104 -50.14 18.05 3.80
CA HIS A 104 -49.40 17.99 2.54
C HIS A 104 -48.36 16.88 2.61
N PHE A 105 -47.41 17.02 3.53
CA PHE A 105 -46.36 16.03 3.73
C PHE A 105 -46.95 14.66 4.12
N ARG A 106 -48.09 14.68 4.81
CA ARG A 106 -48.75 13.45 5.22
C ARG A 106 -49.28 12.68 4.00
N LEU A 107 -50.01 13.38 3.13
CA LEU A 107 -50.55 12.78 1.92
C LEU A 107 -49.44 12.33 0.99
N LEU A 108 -48.39 13.14 0.88
CA LEU A 108 -47.23 12.79 0.06
C LEU A 108 -46.61 11.48 0.56
N ALA A 109 -46.27 11.46 1.85
CA ALA A 109 -45.64 10.28 2.45
C ALA A 109 -46.54 9.05 2.37
N GLN A 110 -47.85 9.26 2.41
CA GLN A 110 -48.80 8.16 2.32
C GLN A 110 -48.86 7.59 0.91
N LYS A 111 -48.92 8.46 -0.10
CA LYS A 111 -49.01 8.00 -1.48
C LYS A 111 -47.67 7.46 -1.96
N GLN A 112 -46.59 7.82 -1.27
CA GLN A 112 -45.25 7.32 -1.61
C GLN A 112 -44.95 5.97 -0.96
N SER A 113 -45.71 5.62 0.07
CA SER A 113 -45.47 4.39 0.80
C SER A 113 -46.71 3.49 0.85
N LEU A 114 -47.72 3.85 0.07
CA LEU A 114 -48.96 3.06 0.02
C LEU A 114 -48.78 1.67 -0.62
N PRO A 115 -48.11 1.57 -1.79
CA PRO A 115 -47.97 0.23 -2.37
C PRO A 115 -47.12 -0.68 -1.50
N TYR A 116 -46.12 -0.11 -0.85
CA TYR A 116 -45.22 -0.88 0.00
C TYR A 116 -45.94 -1.31 1.28
N LEU A 117 -46.81 -0.46 1.81
CA LEU A 117 -47.63 -0.83 2.95
C LEU A 117 -48.60 -1.94 2.57
N GLU A 118 -49.13 -1.87 1.36
CA GLU A 118 -50.00 -2.93 0.85
C GLU A 118 -49.24 -4.26 0.78
N ALA A 119 -48.03 -4.20 0.24
CA ALA A 119 -47.20 -5.40 0.12
C ALA A 119 -46.86 -5.98 1.49
N ALA A 120 -46.53 -5.10 2.43
CA ALA A 120 -46.24 -5.49 3.80
C ALA A 120 -47.45 -6.17 4.43
N ASN A 121 -48.63 -5.63 4.17
CA ASN A 121 -49.87 -6.23 4.65
C ASN A 121 -50.11 -7.58 4.00
N LEU A 122 -49.66 -7.74 2.76
CA LEU A 122 -49.73 -9.03 2.08
C LEU A 122 -48.80 -10.01 2.77
N LEU A 123 -47.70 -9.51 3.32
CA LEU A 123 -46.77 -10.36 4.07
C LEU A 123 -47.32 -10.72 5.45
N LEU A 124 -48.07 -9.81 6.05
CA LEU A 124 -48.61 -10.03 7.39
C LEU A 124 -49.70 -11.11 7.41
N GLN A 125 -50.63 -11.02 6.45
CA GLN A 125 -51.72 -11.98 6.38
C GLN A 125 -51.34 -13.20 5.54
N ALA A 126 -50.05 -13.41 5.37
CA ALA A 126 -49.56 -14.52 4.56
C ALA A 126 -49.68 -15.85 5.28
N GLN A 127 -50.36 -16.80 4.63
CA GLN A 127 -50.42 -18.16 5.15
C GLN A 127 -49.24 -18.96 4.64
N LEU A 128 -48.45 -19.51 5.56
CA LEU A 128 -47.15 -20.11 5.23
C LEU A 128 -47.27 -21.56 4.80
N PRO A 129 -46.78 -21.86 3.58
CA PRO A 129 -46.60 -23.25 3.14
C PRO A 129 -45.30 -23.84 3.71
N PRO A 130 -45.33 -25.11 4.13
CA PRO A 130 -44.20 -25.74 4.81
C PRO A 130 -42.94 -25.81 3.96
N LYS A 131 -41.79 -25.93 4.62
CA LYS A 131 -40.51 -26.03 3.93
C LYS A 131 -40.42 -27.30 3.11
N PRO A 132 -39.76 -27.24 1.95
CA PRO A 132 -39.54 -28.40 1.07
C PRO A 132 -38.74 -29.50 1.77
N PRO A 133 -38.98 -30.76 1.41
CA PRO A 133 -38.26 -31.90 1.98
C PRO A 133 -36.81 -31.95 1.52
N ALA A 134 -36.53 -31.31 0.38
CA ALA A 134 -35.17 -31.25 -0.16
C ALA A 134 -35.01 -29.99 -1.02
N TRP A 135 -33.80 -29.45 -1.05
CA TRP A 135 -33.52 -28.25 -1.84
C TRP A 135 -32.92 -28.61 -3.19
N ALA A 136 -33.45 -27.98 -4.24
CA ALA A 136 -32.99 -28.24 -5.59
C ALA A 136 -31.56 -27.73 -5.82
N TRP A 137 -30.74 -28.58 -6.43
CA TRP A 137 -29.35 -28.23 -6.73
C TRP A 137 -29.22 -27.77 -8.18
N ALA A 138 -29.92 -26.69 -8.53
CA ALA A 138 -29.86 -26.17 -9.89
C ALA A 138 -29.64 -24.66 -9.88
N GLU A 139 -29.01 -24.16 -10.95
CA GLU A 139 -28.70 -22.75 -11.09
C GLU A 139 -29.99 -21.92 -11.24
N GLY A 140 -29.98 -20.71 -10.71
CA GLY A 140 -31.12 -19.82 -10.84
C GLY A 140 -32.12 -19.99 -9.71
N TRP A 141 -33.37 -19.57 -9.94
CA TRP A 141 -34.38 -19.67 -8.90
C TRP A 141 -35.15 -20.98 -9.02
N THR A 142 -35.57 -21.50 -7.88
CA THR A 142 -36.39 -22.70 -7.85
C THR A 142 -37.62 -22.47 -6.99
N ARG A 143 -38.79 -22.56 -7.62
CA ARG A 143 -40.07 -22.37 -6.94
C ARG A 143 -40.53 -23.66 -6.28
N TYR A 144 -40.87 -23.56 -5.00
CA TYR A 144 -41.45 -24.65 -4.24
C TYR A 144 -42.89 -24.32 -3.84
N GLY A 145 -43.84 -24.90 -4.56
CA GLY A 145 -45.25 -24.66 -4.29
C GLY A 145 -45.92 -25.82 -3.57
N PRO A 146 -46.78 -26.56 -4.29
CA PRO A 146 -47.49 -27.71 -3.73
C PRO A 146 -46.54 -28.84 -3.33
N GLU A 147 -46.54 -29.18 -2.05
CA GLU A 147 -45.71 -30.27 -1.51
C GLU A 147 -44.22 -30.07 -1.78
N GLY A 148 -43.82 -28.82 -1.96
CA GLY A 148 -42.43 -28.48 -2.16
C GLY A 148 -41.77 -29.10 -3.38
N GLU A 149 -42.47 -29.05 -4.51
CA GLU A 149 -41.91 -29.55 -5.76
C GLU A 149 -40.91 -28.54 -6.32
N ALA A 150 -40.03 -29.00 -7.21
CA ALA A 150 -39.01 -28.13 -7.78
C ALA A 150 -39.45 -27.59 -9.14
N VAL A 151 -39.71 -26.29 -9.21
CA VAL A 151 -40.12 -25.66 -10.47
C VAL A 151 -39.11 -24.61 -10.90
N PRO A 152 -38.30 -24.93 -11.93
CA PRO A 152 -37.27 -24.03 -12.44
C PRO A 152 -37.83 -22.66 -12.84
N VAL A 153 -37.31 -21.60 -12.23
CA VAL A 153 -37.77 -20.24 -12.50
C VAL A 153 -36.59 -19.28 -12.63
N ALA A 154 -36.70 -18.33 -13.56
CA ALA A 154 -35.67 -17.31 -13.74
C ALA A 154 -35.83 -16.19 -12.72
N ILE A 155 -37.06 -15.69 -12.57
CA ILE A 155 -37.34 -14.59 -11.65
C ILE A 155 -38.60 -14.85 -10.84
N PRO A 156 -38.47 -14.80 -9.50
CA PRO A 156 -39.63 -14.97 -8.61
C PRO A 156 -40.58 -13.77 -8.69
N GLU A 157 -41.71 -13.94 -9.37
CA GLU A 157 -42.66 -12.87 -9.56
C GLU A 157 -43.62 -12.78 -8.37
N GLU A 158 -43.30 -11.91 -7.43
CA GLU A 158 -44.12 -11.71 -6.24
C GLU A 158 -44.23 -10.23 -5.90
N ARG A 159 -45.31 -9.85 -5.23
CA ARG A 159 -45.49 -8.47 -4.80
C ARG A 159 -44.49 -8.14 -3.69
N ALA A 160 -44.31 -9.08 -2.77
CA ALA A 160 -43.38 -8.89 -1.65
C ALA A 160 -42.83 -10.23 -1.17
N LEU A 161 -41.64 -10.20 -0.59
CA LEU A 161 -41.03 -11.39 -0.02
C LEU A 161 -39.97 -11.04 1.02
N VAL A 162 -39.54 -12.05 1.78
CA VAL A 162 -38.40 -11.90 2.67
C VAL A 162 -37.15 -12.35 1.92
N PHE A 163 -35.98 -11.93 2.38
CA PHE A 163 -34.76 -12.26 1.67
C PHE A 163 -33.54 -12.30 2.57
N ASP A 164 -32.68 -13.29 2.35
CA ASP A 164 -31.38 -13.35 2.99
C ASP A 164 -30.39 -14.09 2.08
N VAL A 165 -29.44 -13.35 1.53
CA VAL A 165 -28.48 -13.92 0.59
C VAL A 165 -27.26 -14.48 1.30
N GLU A 166 -26.63 -15.47 0.68
CA GLU A 166 -25.41 -16.05 1.19
C GLU A 166 -24.27 -15.79 0.22
N VAL A 167 -23.04 -15.75 0.73
CA VAL A 167 -21.88 -15.52 -0.12
C VAL A 167 -20.62 -16.12 0.50
N CYS A 168 -19.96 -16.99 -0.25
CA CYS A 168 -18.73 -17.60 0.20
C CYS A 168 -17.64 -16.55 0.32
N LEU A 169 -17.25 -16.26 1.56
CA LEU A 169 -16.27 -15.21 1.82
C LEU A 169 -14.88 -15.62 1.32
N ALA A 170 -14.65 -16.93 1.23
CA ALA A 170 -13.35 -17.48 0.84
C ALA A 170 -12.91 -16.97 -0.54
N GLU A 171 -13.88 -16.68 -1.41
CA GLU A 171 -13.58 -16.09 -2.71
C GLU A 171 -14.69 -15.14 -3.13
N GLY A 172 -15.15 -14.32 -2.19
CA GLY A 172 -16.20 -13.35 -2.46
C GLY A 172 -15.76 -12.22 -3.37
N THR A 173 -16.57 -11.17 -3.47
CA THR A 173 -17.82 -11.08 -2.73
C THR A 173 -19.01 -11.43 -3.63
N CYS A 174 -18.94 -12.60 -4.25
CA CYS A 174 -19.98 -13.03 -5.18
C CYS A 174 -20.96 -13.98 -4.51
N PRO A 175 -22.26 -13.67 -4.60
CA PRO A 175 -23.35 -14.46 -4.00
C PRO A 175 -23.27 -15.93 -4.38
N THR A 176 -23.68 -16.82 -3.48
CA THR A 176 -23.62 -18.25 -3.75
C THR A 176 -24.95 -18.95 -3.50
N LEU A 177 -25.62 -18.59 -2.41
CA LEU A 177 -26.92 -19.16 -2.07
C LEU A 177 -27.91 -18.05 -1.72
N ALA A 178 -29.19 -18.36 -1.84
CA ALA A 178 -30.25 -17.44 -1.43
C ALA A 178 -31.56 -18.20 -1.21
N VAL A 179 -32.34 -17.73 -0.25
CA VAL A 179 -33.66 -18.29 0.01
C VAL A 179 -34.64 -17.13 0.21
N ALA A 180 -35.84 -17.25 -0.36
CA ALA A 180 -36.85 -16.22 -0.22
C ALA A 180 -38.25 -16.82 -0.19
N ILE A 181 -39.01 -16.53 0.86
CA ILE A 181 -40.37 -17.03 0.96
C ILE A 181 -41.36 -15.94 0.56
N SER A 182 -42.54 -16.36 0.12
CA SER A 182 -43.56 -15.43 -0.35
C SER A 182 -44.92 -15.81 0.24
N PRO A 183 -45.88 -14.87 0.21
CA PRO A 183 -47.25 -15.19 0.66
C PRO A 183 -47.89 -16.34 -0.11
N SER A 184 -47.27 -16.74 -1.22
CA SER A 184 -47.77 -17.83 -2.04
C SER A 184 -47.00 -19.13 -1.80
N ALA A 185 -45.68 -19.07 -1.96
CA ALA A 185 -44.85 -20.27 -1.88
C ALA A 185 -43.39 -19.95 -1.57
N TRP A 186 -42.52 -20.93 -1.72
CA TRP A 186 -41.11 -20.74 -1.40
C TRP A 186 -40.24 -20.60 -2.66
N TYR A 187 -39.04 -20.08 -2.47
CA TYR A 187 -38.08 -19.91 -3.56
C TYR A 187 -36.65 -20.12 -3.05
N SER A 188 -35.83 -20.83 -3.82
CA SER A 188 -34.42 -20.95 -3.49
C SER A 188 -33.53 -20.69 -4.70
N TRP A 189 -32.68 -19.68 -4.59
CA TRP A 189 -31.78 -19.29 -5.67
C TRP A 189 -30.36 -19.81 -5.45
N CYS A 190 -29.81 -20.46 -6.49
CA CYS A 190 -28.41 -20.86 -6.50
C CYS A 190 -27.64 -20.06 -7.54
N SER A 191 -26.40 -19.73 -7.23
CA SER A 191 -25.54 -19.02 -8.17
C SER A 191 -24.95 -19.98 -9.20
N GLN A 192 -24.12 -19.44 -10.09
CA GLN A 192 -23.51 -20.25 -11.15
C GLN A 192 -22.43 -21.16 -10.58
N ARG A 193 -22.13 -20.99 -9.29
CA ARG A 193 -21.12 -21.81 -8.63
C ARG A 193 -21.63 -23.22 -8.34
N LEU A 194 -21.95 -23.94 -9.42
CA LEU A 194 -22.37 -25.33 -9.32
C LEU A 194 -21.45 -26.19 -10.17
N VAL A 195 -20.68 -25.53 -11.04
CA VAL A 195 -19.72 -26.23 -11.89
C VAL A 195 -18.30 -25.82 -11.53
N GLU A 196 -17.44 -26.81 -11.32
CA GLU A 196 -16.05 -26.55 -10.93
C GLU A 196 -15.24 -25.98 -12.09
N GLU A 197 -14.97 -24.68 -12.03
CA GLU A 197 -14.17 -24.02 -13.04
C GLU A 197 -13.10 -23.13 -12.40
N ARG A 198 -12.28 -22.50 -13.24
CA ARG A 198 -11.32 -21.52 -12.76
C ARG A 198 -11.82 -20.12 -13.10
N TYR A 199 -12.85 -19.69 -12.39
CA TYR A 199 -13.52 -18.42 -12.66
C TYR A 199 -12.61 -17.20 -12.52
N SER A 200 -13.02 -16.11 -13.15
CA SER A 200 -12.32 -14.83 -13.03
C SER A 200 -13.31 -13.75 -12.59
N TRP A 201 -13.19 -13.35 -11.33
CA TRP A 201 -14.15 -12.42 -10.74
C TRP A 201 -13.75 -10.95 -10.96
N THR A 202 -14.47 -10.30 -11.86
CA THR A 202 -14.31 -8.86 -12.08
C THR A 202 -15.65 -8.19 -11.74
N SER A 203 -16.46 -8.89 -10.95
CA SER A 203 -17.79 -8.45 -10.54
C SER A 203 -18.67 -8.05 -11.71
N GLN A 204 -19.14 -9.05 -12.46
CA GLN A 204 -20.06 -8.83 -13.57
C GLN A 204 -21.48 -8.67 -13.06
N LEU A 205 -22.45 -8.92 -13.93
CA LEU A 205 -23.85 -8.92 -13.51
C LEU A 205 -24.24 -10.33 -13.07
N SER A 206 -23.46 -10.87 -12.15
CA SER A 206 -23.72 -12.18 -11.56
C SER A 206 -24.68 -12.17 -10.36
N PRO A 207 -24.71 -11.08 -9.56
CA PRO A 207 -25.72 -10.97 -8.49
C PRO A 207 -27.14 -11.42 -8.87
N ALA A 208 -27.90 -11.82 -7.85
CA ALA A 208 -29.22 -12.39 -8.02
C ALA A 208 -30.21 -11.44 -8.69
N ASP A 209 -30.97 -11.96 -9.65
CA ASP A 209 -32.01 -11.21 -10.33
C ASP A 209 -33.31 -11.28 -9.54
N LEU A 210 -33.95 -10.14 -9.32
CA LEU A 210 -35.14 -10.10 -8.48
C LEU A 210 -36.23 -9.21 -9.05
N ILE A 211 -35.83 -8.19 -9.82
CA ILE A 211 -36.77 -7.25 -10.39
C ILE A 211 -37.42 -7.84 -11.64
N PRO A 212 -38.72 -7.56 -11.84
CA PRO A 212 -39.44 -7.97 -13.05
C PRO A 212 -39.35 -6.92 -14.15
N LEU A 213 -39.43 -7.35 -15.40
CA LEU A 213 -39.36 -6.43 -16.53
C LEU A 213 -40.74 -5.88 -16.89
N GLU A 214 -40.77 -4.74 -17.55
CA GLU A 214 -42.02 -4.12 -17.96
C GLU A 214 -42.38 -4.52 -19.39
N VAL A 215 -41.47 -4.29 -20.31
CA VAL A 215 -41.69 -4.65 -21.71
C VAL A 215 -40.60 -5.60 -22.21
N GLN A 228 -47.70 -1.02 -6.57
CA GLN A 228 -46.70 -1.44 -7.55
C GLN A 228 -45.35 -0.78 -7.28
N GLU A 229 -44.28 -1.57 -7.37
CA GLU A 229 -44.38 -2.99 -7.72
C GLU A 229 -43.84 -3.92 -6.64
N GLN A 230 -42.62 -3.67 -6.20
CA GLN A 230 -41.92 -4.61 -5.34
C GLN A 230 -41.67 -4.10 -3.92
N LEU A 231 -41.42 -5.05 -3.02
CA LEU A 231 -41.02 -4.76 -1.64
C LEU A 231 -40.28 -5.95 -1.04
N VAL A 232 -39.04 -5.72 -0.62
CA VAL A 232 -38.21 -6.78 -0.08
C VAL A 232 -37.81 -6.48 1.36
N VAL A 233 -38.20 -7.36 2.27
CA VAL A 233 -37.82 -7.21 3.67
C VAL A 233 -36.74 -8.21 4.05
N GLY A 234 -36.01 -7.91 5.12
CA GLY A 234 -34.95 -8.78 5.56
C GLY A 234 -34.10 -8.17 6.66
N HIS A 235 -33.46 -9.02 7.45
CA HIS A 235 -32.57 -8.57 8.51
C HIS A 235 -31.26 -8.09 7.89
N ASN A 236 -30.94 -6.82 8.11
CA ASN A 236 -29.85 -6.15 7.41
C ASN A 236 -30.07 -6.26 5.92
N VAL A 237 -31.13 -5.63 5.44
CA VAL A 237 -31.60 -5.80 4.07
C VAL A 237 -30.67 -5.16 3.05
N SER A 238 -29.87 -4.19 3.49
CA SER A 238 -28.96 -3.47 2.59
C SER A 238 -27.91 -4.40 2.00
N PHE A 239 -27.45 -5.35 2.81
CA PHE A 239 -26.48 -6.34 2.37
C PHE A 239 -27.05 -7.24 1.27
N ASP A 240 -28.34 -7.52 1.36
CA ASP A 240 -29.01 -8.35 0.37
C ASP A 240 -29.30 -7.54 -0.88
N ARG A 241 -29.62 -6.27 -0.69
CA ARG A 241 -29.83 -5.33 -1.79
C ARG A 241 -28.56 -5.20 -2.63
N ALA A 242 -27.42 -5.21 -1.96
CA ALA A 242 -26.14 -5.14 -2.66
C ALA A 242 -25.93 -6.33 -3.60
N HIS A 243 -26.68 -7.40 -3.37
CA HIS A 243 -26.56 -8.59 -4.21
C HIS A 243 -27.74 -8.76 -5.16
N ILE A 244 -28.35 -7.64 -5.56
CA ILE A 244 -29.45 -7.65 -6.52
C ILE A 244 -28.95 -7.17 -7.89
N ARG A 245 -29.31 -7.91 -8.94
CA ARG A 245 -28.80 -7.68 -10.29
C ARG A 245 -29.20 -6.33 -10.87
N GLU A 246 -30.43 -5.91 -10.62
CA GLU A 246 -30.99 -4.72 -11.27
C GLU A 246 -30.93 -3.46 -10.41
N GLN A 247 -30.25 -3.54 -9.27
CA GLN A 247 -30.16 -2.40 -8.38
C GLN A 247 -28.95 -1.53 -8.67
N TYR A 248 -28.10 -2.00 -9.58
CA TYR A 248 -26.85 -1.32 -9.91
C TYR A 248 -27.00 -0.38 -11.10
N LEU A 249 -28.12 -0.51 -11.81
CA LEU A 249 -28.38 0.31 -13.00
C LEU A 249 -28.46 1.79 -12.64
N ILE A 250 -28.19 2.65 -13.61
CA ILE A 250 -28.20 4.10 -13.38
C ILE A 250 -29.62 4.58 -13.11
N GLN A 251 -30.57 4.06 -13.88
CA GLN A 251 -31.98 4.42 -13.69
C GLN A 251 -32.62 3.57 -12.61
N GLY A 252 -33.93 3.74 -12.44
CA GLY A 252 -34.66 3.01 -11.42
C GLY A 252 -34.60 3.69 -10.07
N SER A 253 -35.23 3.08 -9.06
CA SER A 253 -35.94 1.81 -9.22
C SER A 253 -37.26 1.83 -8.47
N ARG A 254 -38.15 0.90 -8.82
CA ARG A 254 -39.45 0.81 -8.17
C ARG A 254 -39.36 0.00 -6.87
N MET A 255 -38.44 -0.95 -6.84
CA MET A 255 -38.27 -1.82 -5.67
C MET A 255 -37.62 -1.07 -4.51
N ARG A 256 -38.26 -1.13 -3.35
CA ARG A 256 -37.69 -0.58 -2.12
C ARG A 256 -37.46 -1.69 -1.10
N PHE A 257 -36.81 -1.36 0.01
CA PHE A 257 -36.47 -2.36 1.01
C PHE A 257 -36.89 -1.97 2.42
N LEU A 258 -37.20 -2.97 3.24
CA LEU A 258 -37.60 -2.75 4.63
C LEU A 258 -36.74 -3.60 5.56
N ASP A 259 -36.03 -2.94 6.48
CA ASP A 259 -35.09 -3.62 7.35
C ASP A 259 -35.68 -3.92 8.74
N THR A 260 -35.69 -5.20 9.12
CA THR A 260 -36.21 -5.59 10.43
C THR A 260 -35.27 -5.16 11.54
N MET A 261 -33.99 -5.05 11.23
CA MET A 261 -33.00 -4.59 12.19
C MET A 261 -33.24 -3.12 12.54
N SER A 262 -33.46 -2.31 11.52
CA SER A 262 -33.72 -0.88 11.68
C SER A 262 -35.04 -0.66 12.40
N MET A 263 -36.01 -1.50 12.07
CA MET A 263 -37.33 -1.45 12.68
C MET A 263 -37.24 -1.80 14.16
N HIS A 264 -36.44 -2.81 14.46
CA HIS A 264 -36.18 -3.21 15.84
C HIS A 264 -35.52 -2.08 16.61
N MET A 265 -34.61 -1.38 15.94
CA MET A 265 -33.93 -0.25 16.55
C MET A 265 -34.91 0.88 16.85
N ALA A 266 -35.88 1.06 15.97
CA ALA A 266 -36.87 2.12 16.12
C ALA A 266 -37.90 1.81 17.21
N ILE A 267 -38.28 0.55 17.32
CA ILE A 267 -39.28 0.12 18.29
C ILE A 267 -38.68 -0.02 19.68
N SER A 268 -37.83 -1.03 19.86
CA SER A 268 -37.24 -1.31 21.17
C SER A 268 -35.72 -1.37 21.09
N GLY A 269 -35.09 -0.26 20.73
CA GLY A 269 -33.65 -0.21 20.60
C GLY A 269 -32.95 0.19 21.88
N LEU A 270 -31.63 0.19 21.87
CA LEU A 270 -30.84 0.58 23.04
C LEU A 270 -29.46 1.11 22.64
N SER A 271 -28.92 2.00 23.46
CA SER A 271 -27.62 2.61 23.19
C SER A 271 -26.48 1.61 23.36
N SER A 272 -25.30 1.98 22.86
CA SER A 272 -24.13 1.11 22.94
C SER A 272 -23.73 0.85 24.38
N PHE A 273 -23.86 1.88 25.21
CA PHE A 273 -23.60 1.75 26.64
C PHE A 273 -24.55 0.72 27.25
N GLN A 274 -25.78 0.71 26.76
CA GLN A 274 -26.75 -0.28 27.21
C GLN A 274 -26.40 -1.66 26.69
N ARG A 275 -25.91 -1.73 25.45
CA ARG A 275 -25.48 -3.00 24.86
C ARG A 275 -24.36 -3.63 25.66
N SER A 276 -23.47 -2.79 26.18
CA SER A 276 -22.30 -3.25 26.91
C SER A 276 -22.68 -4.05 28.16
N LEU A 277 -23.69 -3.57 28.87
CA LEU A 277 -24.11 -4.22 30.11
C LEU A 277 -25.32 -5.14 29.90
N TRP A 278 -25.89 -5.11 28.70
CA TRP A 278 -26.96 -6.04 28.34
C TRP A 278 -26.36 -7.43 28.15
N ILE A 279 -25.24 -7.49 27.43
CA ILE A 279 -24.55 -8.74 27.18
C ILE A 279 -23.74 -9.17 28.40
N ALA A 280 -23.57 -8.25 29.35
CA ALA A 280 -22.90 -8.55 30.59
C ALA A 280 -23.79 -9.44 31.47
N ALA A 281 -25.08 -9.40 31.21
CA ALA A 281 -26.03 -10.27 31.89
C ALA A 281 -25.79 -11.72 31.48
N LYS A 282 -24.83 -12.36 32.13
CA LYS A 282 -24.49 -13.75 31.83
C LYS A 282 -23.64 -14.35 32.95
N ALA A 307 -27.75 3.15 39.73
CA ALA A 307 -28.11 1.90 39.07
C ALA A 307 -29.01 1.05 39.97
N ILE A 308 -29.94 1.70 40.66
CA ILE A 308 -30.86 1.00 41.56
C ILE A 308 -31.96 0.30 40.76
N SER A 309 -32.52 0.99 39.78
CA SER A 309 -33.56 0.42 38.93
C SER A 309 -33.16 0.48 37.46
N SER A 310 -31.95 0.04 37.17
CA SER A 310 -31.42 0.07 35.81
C SER A 310 -31.48 -1.31 35.16
N TRP A 311 -32.10 -2.26 35.85
CA TRP A 311 -32.19 -3.63 35.35
C TRP A 311 -33.64 -4.04 35.08
N ASP A 312 -34.50 -3.06 34.86
CA ASP A 312 -35.91 -3.34 34.59
C ASP A 312 -36.19 -3.38 33.09
N TRP A 313 -35.36 -2.72 32.30
CA TRP A 313 -35.51 -2.68 30.86
C TRP A 313 -34.73 -3.81 30.18
N LEU A 314 -34.12 -4.66 31.00
CA LEU A 314 -33.27 -5.73 30.52
C LEU A 314 -34.03 -6.80 29.73
N ASP A 315 -35.30 -6.96 30.03
CA ASP A 315 -36.11 -8.00 29.40
C ASP A 315 -37.16 -7.43 28.44
N ILE A 316 -37.13 -6.12 28.24
CA ILE A 316 -38.07 -5.47 27.33
C ILE A 316 -37.38 -5.05 26.04
N SER A 317 -36.05 -5.18 26.03
CA SER A 317 -35.26 -4.82 24.85
C SER A 317 -34.15 -5.84 24.62
N SER A 318 -33.50 -5.76 23.47
CA SER A 318 -32.43 -6.70 23.13
C SER A 318 -31.44 -6.11 22.14
N VAL A 319 -30.33 -6.83 21.94
CA VAL A 319 -29.31 -6.45 20.99
C VAL A 319 -29.81 -6.70 19.57
N ASN A 320 -29.09 -6.18 18.58
CA ASN A 320 -29.56 -6.17 17.20
C ASN A 320 -29.38 -7.49 16.45
N SER A 321 -28.84 -8.50 17.13
CA SER A 321 -28.65 -9.82 16.53
C SER A 321 -29.98 -10.41 16.08
N LEU A 322 -29.93 -11.29 15.09
CA LEU A 322 -31.16 -11.89 14.56
C LEU A 322 -31.78 -12.86 15.56
N ALA A 323 -30.93 -13.70 16.16
CA ALA A 323 -31.39 -14.68 17.14
C ALA A 323 -32.00 -13.98 18.36
N GLU A 324 -31.36 -12.89 18.77
CA GLU A 324 -31.80 -12.14 19.94
C GLU A 324 -33.09 -11.37 19.67
N VAL A 325 -33.18 -10.74 18.50
CA VAL A 325 -34.36 -9.98 18.15
C VAL A 325 -35.54 -10.92 17.89
N HIS A 326 -35.23 -12.15 17.48
CA HIS A 326 -36.26 -13.16 17.30
C HIS A 326 -36.73 -13.67 18.65
N ARG A 327 -35.78 -13.82 19.58
CA ARG A 327 -36.12 -14.27 20.93
C ARG A 327 -36.88 -13.17 21.67
N LEU A 328 -36.75 -11.94 21.18
CA LEU A 328 -37.43 -10.80 21.80
C LEU A 328 -38.84 -10.60 21.24
N TYR A 329 -38.97 -10.60 19.92
CA TYR A 329 -40.26 -10.29 19.29
C TYR A 329 -41.14 -11.52 19.05
N VAL A 330 -40.53 -12.68 18.88
CA VAL A 330 -41.28 -13.91 18.67
C VAL A 330 -41.29 -14.75 19.94
N GLY A 331 -40.14 -14.79 20.61
CA GLY A 331 -40.02 -15.49 21.88
C GLY A 331 -40.21 -16.99 21.77
N GLY A 332 -39.97 -17.53 20.58
CA GLY A 332 -40.05 -18.96 20.36
C GLY A 332 -38.77 -19.64 20.80
N PRO A 333 -38.52 -20.85 20.27
CA PRO A 333 -37.29 -21.58 20.56
C PRO A 333 -36.07 -20.90 19.97
N PRO A 334 -34.92 -20.99 20.65
CA PRO A 334 -33.68 -20.35 20.17
C PRO A 334 -33.19 -20.95 18.86
N LEU A 335 -33.10 -20.14 17.82
CA LEU A 335 -32.65 -20.63 16.53
C LEU A 335 -31.17 -20.98 16.57
N GLU A 336 -30.81 -22.11 15.97
CA GLU A 336 -29.43 -22.58 15.96
C GLU A 336 -28.63 -21.87 14.87
N LYS A 337 -27.42 -21.46 15.21
CA LYS A 337 -26.54 -20.82 14.25
C LYS A 337 -25.48 -21.82 13.76
N GLU A 338 -24.90 -21.54 12.60
CA GLU A 338 -23.88 -22.40 12.02
C GLU A 338 -22.64 -22.48 12.90
N PRO A 339 -22.38 -23.66 13.49
CA PRO A 339 -21.28 -23.85 14.43
C PRO A 339 -19.90 -23.79 13.78
N ARG A 340 -19.83 -24.09 12.49
CA ARG A 340 -18.56 -24.11 11.78
C ARG A 340 -18.29 -22.79 11.07
N GLU A 341 -19.34 -21.97 10.93
CA GLU A 341 -19.26 -20.71 10.21
C GLU A 341 -18.67 -20.92 8.81
N LEU A 342 -19.22 -21.90 8.10
CA LEU A 342 -18.66 -22.38 6.85
C LEU A 342 -18.60 -21.32 5.75
N PHE A 343 -19.48 -20.32 5.82
CA PHE A 343 -19.52 -19.28 4.79
C PHE A 343 -18.39 -18.27 4.95
N VAL A 344 -17.77 -18.23 6.12
CA VAL A 344 -16.70 -17.27 6.37
C VAL A 344 -15.40 -17.95 6.79
N LYS A 345 -15.49 -19.22 7.18
CA LYS A 345 -14.31 -19.95 7.67
C LYS A 345 -13.81 -20.97 6.64
N GLY A 346 -14.73 -21.53 5.87
CA GLY A 346 -14.40 -22.57 4.90
C GLY A 346 -14.38 -22.10 3.47
N THR A 347 -14.00 -22.99 2.57
CA THR A 347 -13.92 -22.66 1.15
C THR A 347 -15.21 -23.05 0.42
N MET A 348 -15.14 -23.07 -0.91
CA MET A 348 -16.29 -23.45 -1.72
C MET A 348 -16.46 -24.97 -1.73
N LYS A 349 -15.35 -25.67 -1.49
CA LYS A 349 -15.34 -27.13 -1.49
C LYS A 349 -16.25 -27.72 -0.42
N ASP A 350 -16.06 -27.30 0.83
CA ASP A 350 -16.82 -27.85 1.94
C ASP A 350 -18.24 -27.28 2.01
N ILE A 351 -18.56 -26.33 1.13
CA ILE A 351 -19.91 -25.80 1.07
C ILE A 351 -20.82 -26.77 0.32
N ARG A 352 -20.36 -27.25 -0.83
CA ARG A 352 -21.12 -28.20 -1.63
C ARG A 352 -21.34 -29.50 -0.87
N GLU A 353 -20.42 -29.83 0.03
CA GLU A 353 -20.54 -31.04 0.84
C GLU A 353 -21.64 -30.90 1.88
N ASN A 354 -21.95 -29.65 2.24
CA ASN A 354 -22.99 -29.36 3.21
C ASN A 354 -24.03 -28.39 2.66
N PHE A 355 -24.35 -28.55 1.38
CA PHE A 355 -25.27 -27.66 0.68
C PHE A 355 -26.67 -27.66 1.27
N GLN A 356 -27.22 -28.85 1.45
CA GLN A 356 -28.57 -28.99 1.98
C GLN A 356 -28.71 -28.33 3.34
N ASP A 357 -27.74 -28.58 4.21
CA ASP A 357 -27.75 -28.02 5.56
C ASP A 357 -27.68 -26.49 5.55
N LEU A 358 -26.77 -25.93 4.75
CA LEU A 358 -26.63 -24.48 4.65
C LEU A 358 -27.91 -23.84 4.12
N MET A 359 -28.51 -24.50 3.13
CA MET A 359 -29.80 -24.08 2.61
C MET A 359 -30.86 -24.04 3.72
N GLN A 360 -30.86 -25.10 4.54
CA GLN A 360 -31.79 -25.20 5.65
C GLN A 360 -31.60 -24.05 6.64
N TYR A 361 -30.34 -23.75 6.95
CA TYR A 361 -30.00 -22.65 7.84
C TYR A 361 -30.49 -21.33 7.30
N CYS A 362 -30.25 -21.09 6.01
CA CYS A 362 -30.71 -19.87 5.37
C CYS A 362 -32.23 -19.76 5.44
N ALA A 363 -32.90 -20.89 5.27
CA ALA A 363 -34.36 -20.95 5.37
C ALA A 363 -34.83 -20.57 6.78
N GLN A 364 -34.14 -21.09 7.78
CA GLN A 364 -34.45 -20.75 9.17
C GLN A 364 -34.28 -19.25 9.39
N ASP A 365 -33.24 -18.69 8.80
CA ASP A 365 -32.99 -17.25 8.90
C ASP A 365 -34.11 -16.42 8.27
N VAL A 366 -34.51 -16.76 7.05
CA VAL A 366 -35.55 -15.99 6.37
C VAL A 366 -36.92 -16.18 7.04
N TRP A 367 -37.11 -17.32 7.69
CA TRP A 367 -38.36 -17.61 8.39
C TRP A 367 -38.45 -16.79 9.68
N ALA A 368 -37.39 -16.83 10.46
CA ALA A 368 -37.31 -16.04 11.69
C ALA A 368 -37.46 -14.56 11.35
N THR A 369 -36.79 -14.15 10.27
CA THR A 369 -36.91 -12.77 9.79
C THR A 369 -38.36 -12.45 9.43
N HIS A 370 -39.04 -13.41 8.82
CA HIS A 370 -40.43 -13.24 8.45
C HIS A 370 -41.32 -13.00 9.67
N GLU A 371 -41.19 -13.88 10.67
CA GLU A 371 -41.96 -13.76 11.91
C GLU A 371 -41.69 -12.43 12.61
N VAL A 372 -40.40 -12.12 12.79
CA VAL A 372 -39.98 -10.88 13.41
C VAL A 372 -40.60 -9.67 12.70
N PHE A 373 -40.56 -9.68 11.37
CA PHE A 373 -41.18 -8.61 10.59
C PHE A 373 -42.68 -8.51 10.86
N GLN A 374 -43.34 -9.66 10.86
CA GLN A 374 -44.77 -9.72 11.08
C GLN A 374 -45.15 -9.13 12.43
N GLN A 375 -44.28 -9.33 13.42
CA GLN A 375 -44.57 -8.83 14.76
C GLN A 375 -44.14 -7.37 14.91
N GLN A 376 -43.24 -6.91 14.05
CA GLN A 376 -42.67 -5.57 14.18
C GLN A 376 -43.43 -4.50 13.41
N LEU A 377 -43.97 -4.86 12.26
CA LEU A 377 -44.66 -3.88 11.41
C LEU A 377 -45.79 -3.14 12.13
N PRO A 378 -46.68 -3.85 12.84
CA PRO A 378 -47.74 -3.11 13.53
C PRO A 378 -47.23 -2.29 14.73
N LEU A 379 -46.24 -2.84 15.44
CA LEU A 379 -45.63 -2.13 16.55
C LEU A 379 -44.96 -0.86 16.08
N PHE A 380 -44.22 -0.96 14.97
CA PHE A 380 -43.54 0.18 14.37
C PHE A 380 -44.53 1.22 13.87
N LEU A 381 -45.61 0.74 13.24
CA LEU A 381 -46.64 1.63 12.74
C LEU A 381 -47.34 2.36 13.88
N GLU A 382 -47.40 1.70 15.04
CA GLU A 382 -48.01 2.29 16.22
C GLU A 382 -47.09 3.35 16.85
N ARG A 383 -45.82 3.00 17.03
CA ARG A 383 -44.86 3.89 17.67
C ARG A 383 -44.43 5.03 16.75
N CYS A 384 -44.48 4.77 15.44
CA CYS A 384 -44.14 5.81 14.47
C CYS A 384 -45.31 6.02 13.51
N PRO A 385 -46.36 6.70 13.99
CA PRO A 385 -47.64 6.84 13.29
C PRO A 385 -47.54 7.65 11.99
N HIS A 386 -46.67 8.65 11.98
CA HIS A 386 -46.54 9.51 10.80
C HIS A 386 -45.89 8.75 9.66
N PRO A 387 -46.46 8.86 8.46
CA PRO A 387 -45.97 8.15 7.27
C PRO A 387 -44.66 8.74 6.74
N VAL A 388 -44.35 9.96 7.17
CA VAL A 388 -43.11 10.61 6.78
C VAL A 388 -41.91 9.76 7.17
N THR A 389 -41.96 9.19 8.37
CA THR A 389 -40.88 8.33 8.85
C THR A 389 -40.80 7.06 8.01
N LEU A 390 -41.96 6.56 7.57
CA LEU A 390 -42.00 5.35 6.77
C LEU A 390 -41.38 5.55 5.39
N ALA A 391 -41.90 6.52 4.64
CA ALA A 391 -41.40 6.80 3.31
C ALA A 391 -39.94 7.26 3.37
N GLY A 392 -39.63 8.04 4.39
CA GLY A 392 -38.27 8.48 4.65
C GLY A 392 -37.34 7.30 4.80
N MET A 393 -37.76 6.32 5.59
CA MET A 393 -36.98 5.10 5.78
C MET A 393 -36.91 4.25 4.51
N LEU A 394 -37.91 4.42 3.64
CA LEU A 394 -37.93 3.67 2.39
C LEU A 394 -36.91 4.21 1.40
N GLU A 395 -36.87 5.54 1.24
CA GLU A 395 -35.95 6.14 0.29
C GLU A 395 -34.52 6.17 0.82
N MET A 396 -34.38 6.10 2.14
CA MET A 396 -33.07 6.17 2.78
C MET A 396 -32.32 4.85 2.66
N GLY A 397 -33.01 3.82 2.16
CA GLY A 397 -32.43 2.51 2.04
C GLY A 397 -31.94 2.17 0.64
N VAL A 398 -32.29 3.02 -0.33
CA VAL A 398 -31.92 2.78 -1.72
C VAL A 398 -30.85 3.76 -2.21
N SER A 399 -29.74 3.83 -1.48
CA SER A 399 -28.63 4.71 -1.84
C SER A 399 -27.84 4.13 -3.02
N TYR A 400 -27.00 4.97 -3.64
CA TYR A 400 -26.33 4.58 -4.88
C TYR A 400 -25.07 5.40 -5.13
N LEU A 401 -23.93 4.71 -5.26
CA LEU A 401 -22.66 5.39 -5.50
C LEU A 401 -22.02 4.96 -6.82
N PRO A 402 -22.12 5.81 -7.85
CA PRO A 402 -21.53 5.51 -9.16
C PRO A 402 -20.01 5.70 -9.19
N VAL A 403 -19.29 4.76 -9.77
CA VAL A 403 -17.83 4.85 -9.87
C VAL A 403 -17.31 4.30 -11.19
N ASN A 404 -15.98 4.33 -11.33
CA ASN A 404 -15.31 3.85 -12.54
C ASN A 404 -13.93 3.28 -12.24
N GLN A 405 -13.08 3.19 -13.25
CA GLN A 405 -11.74 2.60 -13.11
C GLN A 405 -10.86 3.42 -12.16
N ASN A 406 -11.17 4.70 -12.06
CA ASN A 406 -10.47 5.59 -11.15
C ASN A 406 -10.54 5.09 -9.71
N TRP A 407 -11.58 4.33 -9.40
CA TRP A 407 -11.69 3.65 -8.11
C TRP A 407 -10.52 2.67 -7.94
N GLU A 408 -10.30 1.83 -8.93
CA GLU A 408 -9.24 0.83 -8.88
C GLU A 408 -7.88 1.51 -8.79
N ARG A 409 -7.70 2.56 -9.60
CA ARG A 409 -6.45 3.34 -9.57
C ARG A 409 -6.22 3.96 -8.20
N TYR A 410 -7.30 4.44 -7.57
CA TYR A 410 -7.25 5.03 -6.24
C TYR A 410 -6.79 4.00 -5.22
N LEU A 411 -7.38 2.81 -5.29
CA LEU A 411 -7.00 1.71 -4.42
C LEU A 411 -5.51 1.38 -4.55
N ALA A 412 -5.06 1.20 -5.78
CA ALA A 412 -3.66 0.84 -6.03
C ALA A 412 -2.69 1.92 -5.54
N GLU A 413 -2.96 3.17 -5.90
CA GLU A 413 -2.07 4.27 -5.51
C GLU A 413 -2.04 4.47 -4.01
N ALA A 414 -3.20 4.51 -3.37
CA ALA A 414 -3.26 4.71 -1.93
C ALA A 414 -2.58 3.57 -1.18
N GLN A 415 -2.80 2.34 -1.63
CA GLN A 415 -2.18 1.19 -0.99
C GLN A 415 -0.66 1.22 -1.17
N GLY A 416 -0.22 1.66 -2.34
CA GLY A 416 1.19 1.82 -2.62
C GLY A 416 1.85 2.83 -1.69
N THR A 417 1.25 4.02 -1.62
CA THR A 417 1.73 5.08 -0.74
C THR A 417 1.81 4.61 0.71
N TYR A 418 0.73 3.97 1.18
CA TYR A 418 0.68 3.43 2.53
C TYR A 418 1.82 2.45 2.78
N GLU A 419 2.00 1.52 1.85
CA GLU A 419 3.07 0.53 1.98
C GLU A 419 4.45 1.16 1.99
N GLU A 420 4.61 2.25 1.25
CA GLU A 420 5.89 2.96 1.19
C GLU A 420 6.20 3.67 2.51
N LEU A 421 5.24 4.46 2.99
CA LEU A 421 5.41 5.18 4.25
C LEU A 421 5.64 4.19 5.41
N GLN A 422 4.86 3.11 5.42
CA GLN A 422 5.02 2.09 6.44
C GLN A 422 6.38 1.41 6.31
N ARG A 423 6.85 1.25 5.08
CA ARG A 423 8.17 0.68 4.83
C ARG A 423 9.26 1.54 5.44
N GLU A 424 9.19 2.85 5.19
CA GLU A 424 10.15 3.79 5.74
C GLU A 424 10.13 3.79 7.27
N MET A 425 8.93 3.91 7.83
CA MET A 425 8.75 3.93 9.28
C MET A 425 9.33 2.67 9.94
N LYS A 426 8.90 1.50 9.46
CA LYS A 426 9.35 0.24 10.02
C LYS A 426 10.86 0.03 9.79
N LYS A 427 11.38 0.63 8.72
CA LYS A 427 12.81 0.54 8.42
C LYS A 427 13.62 1.31 9.46
N SER A 428 13.19 2.55 9.73
CA SER A 428 13.85 3.37 10.74
C SER A 428 13.75 2.73 12.12
N LEU A 429 12.55 2.31 12.49
CA LEU A 429 12.32 1.70 13.81
C LEU A 429 13.12 0.41 13.99
N MET A 430 13.18 -0.44 12.97
CA MET A 430 13.93 -1.68 13.08
C MET A 430 15.42 -1.39 13.08
N ASP A 431 15.81 -0.29 12.44
CA ASP A 431 17.19 0.16 12.48
C ASP A 431 17.59 0.54 13.90
N LEU A 432 16.70 1.28 14.57
CA LEU A 432 16.92 1.64 15.97
C LEU A 432 16.95 0.40 16.87
N ALA A 433 16.07 -0.56 16.56
CA ALA A 433 15.97 -1.78 17.35
C ALA A 433 17.15 -2.71 17.14
N ASN A 434 17.86 -2.55 16.02
CA ASN A 434 19.01 -3.39 15.72
C ASN A 434 20.29 -2.89 16.37
N ASP A 435 20.45 -1.57 16.42
CA ASP A 435 21.65 -0.97 16.96
C ASP A 435 21.60 -0.85 18.48
N ALA A 436 20.45 -1.15 19.06
CA ALA A 436 20.29 -1.10 20.52
C ALA A 436 20.40 -2.50 21.13
N CYS A 437 20.51 -3.50 20.27
CA CYS A 437 20.61 -4.89 20.70
C CYS A 437 22.06 -5.27 21.00
N GLN A 438 22.97 -4.39 20.59
CA GLN A 438 24.40 -4.66 20.72
C GLN A 438 24.91 -4.49 22.15
N LEU A 439 24.16 -3.74 22.96
CA LEU A 439 24.58 -3.49 24.33
C LEU A 439 24.10 -4.57 25.29
N LEU A 440 24.09 -5.81 24.81
CA LEU A 440 23.79 -6.96 25.65
C LEU A 440 25.06 -7.47 26.30
N SER A 441 26.18 -7.29 25.60
CA SER A 441 27.48 -7.72 26.09
C SER A 441 28.36 -6.52 26.42
N GLY A 442 28.76 -6.41 27.68
CA GLY A 442 28.39 -7.38 28.70
C GLY A 442 27.66 -6.73 29.86
N GLU A 443 26.37 -7.01 29.98
CA GLU A 443 25.53 -6.50 31.07
C GLU A 443 25.55 -4.97 31.14
N ARG A 444 25.80 -4.32 30.01
CA ARG A 444 25.87 -2.86 29.98
C ARG A 444 24.50 -2.24 29.75
N TYR A 445 23.48 -3.08 29.64
CA TYR A 445 22.12 -2.62 29.42
C TYR A 445 21.53 -2.00 30.69
N LYS A 446 22.09 -2.38 31.83
CA LYS A 446 21.62 -1.90 33.12
C LYS A 446 21.86 -0.40 33.28
N GLU A 447 22.82 0.12 32.52
CA GLU A 447 23.15 1.54 32.56
C GLU A 447 22.17 2.36 31.71
N ASP A 448 21.57 1.71 30.72
CA ASP A 448 20.63 2.38 29.83
C ASP A 448 19.36 2.77 30.59
N PRO A 449 19.06 4.07 30.62
CA PRO A 449 17.90 4.60 31.35
C PRO A 449 16.57 4.31 30.64
N TRP A 450 16.63 3.66 29.48
CA TRP A 450 15.42 3.31 28.74
C TRP A 450 15.26 1.80 28.59
N LEU A 451 16.38 1.10 28.50
CA LEU A 451 16.35 -0.33 28.23
C LEU A 451 16.87 -1.16 29.40
N TRP A 452 15.98 -1.44 30.36
CA TRP A 452 16.36 -2.24 31.52
C TRP A 452 15.15 -2.95 32.13
N ASP A 453 13.97 -2.67 31.58
CA ASP A 453 12.73 -3.28 32.07
C ASP A 453 12.48 -4.65 31.43
N LEU A 454 12.92 -4.79 30.18
CA LEU A 454 12.60 -5.96 29.39
C LEU A 454 13.49 -7.16 29.70
N GLU A 455 13.38 -8.19 28.87
CA GLU A 455 13.94 -9.51 29.16
C GLU A 455 15.48 -9.55 29.22
N TRP A 456 16.10 -9.27 28.08
CA TRP A 456 17.55 -9.46 27.90
C TRP A 456 17.94 -10.91 28.20
N ASP A 457 17.20 -11.86 27.63
CA ASP A 457 17.45 -13.27 27.86
C ASP A 457 18.50 -13.85 26.92
N LEU A 458 19.10 -14.96 27.34
CA LEU A 458 20.11 -15.65 26.53
C LEU A 458 19.89 -17.15 26.64
N GLN A 459 19.20 -17.72 25.65
CA GLN A 459 18.85 -19.14 25.68
C GLN A 459 19.71 -19.94 24.70
N GLU A 460 19.88 -21.22 25.00
CA GLU A 460 20.65 -22.12 24.14
C GLU A 460 20.22 -23.57 24.38
N PHE A 461 19.01 -23.87 23.94
CA PHE A 461 18.40 -25.17 24.21
C PHE A 461 17.82 -25.79 22.93
N LYS A 462 17.83 -27.12 22.80
CA LYS A 462 18.40 -28.05 23.78
C LYS A 462 18.89 -29.30 23.06
N GLN A 463 19.56 -30.19 23.78
CA GLN A 463 20.01 -31.46 23.23
C GLN A 463 20.00 -32.58 24.27
N LYS A 464 19.96 -33.82 23.80
CA LYS A 464 20.01 -34.99 24.69
C LYS A 464 21.10 -35.97 24.28
N LYS A 465 21.63 -36.68 25.26
CA LYS A 465 22.73 -37.62 25.02
C LYS A 465 22.26 -38.90 24.32
N ALA A 466 23.06 -39.37 23.37
CA ALA A 466 22.76 -40.58 22.62
C ALA A 466 24.05 -41.26 22.19
N LYS A 467 25.14 -40.51 22.17
CA LYS A 467 26.46 -41.04 21.82
C LYS A 467 27.29 -41.29 23.07
N LYS A 468 28.12 -42.33 23.02
CA LYS A 468 28.83 -42.84 24.19
C LYS A 468 30.11 -43.57 23.76
N VAL A 469 31.12 -43.67 24.64
CA VAL A 469 31.10 -43.21 26.02
C VAL A 469 32.49 -42.77 26.50
N LYS A 470 32.51 -41.89 27.49
CA LYS A 470 33.71 -41.59 28.27
C LYS A 470 34.90 -41.06 27.46
N LYS A 471 34.63 -40.12 26.57
CA LYS A 471 35.70 -39.44 25.84
C LYS A 471 35.26 -38.03 25.44
N GLU A 472 36.17 -37.07 25.62
CA GLU A 472 35.85 -35.67 25.37
C GLU A 472 35.66 -35.40 23.88
N PRO A 473 34.49 -34.88 23.50
CA PRO A 473 34.18 -34.50 22.11
C PRO A 473 34.38 -33.02 21.86
N ALA A 474 34.79 -32.26 22.87
CA ALA A 474 34.90 -30.82 22.76
C ALA A 474 36.22 -30.39 22.13
N THR A 475 37.24 -31.24 22.22
CA THR A 475 38.54 -30.94 21.65
C THR A 475 38.93 -31.93 20.57
N ALA A 476 38.06 -32.90 20.32
CA ALA A 476 38.30 -33.90 19.29
C ALA A 476 37.40 -33.70 18.09
N LEU A 496 50.62 -23.82 4.37
CA LEU A 496 51.36 -22.80 3.64
C LEU A 496 52.02 -23.39 2.39
N GLY A 497 51.65 -24.63 2.07
CA GLY A 497 52.22 -25.32 0.93
C GLY A 497 51.58 -24.94 -0.39
N PRO A 498 52.39 -24.39 -1.31
CA PRO A 498 51.94 -23.95 -2.63
C PRO A 498 51.93 -25.07 -3.67
N CYS A 499 50.89 -25.14 -4.49
CA CYS A 499 50.78 -26.18 -5.51
C CYS A 499 49.72 -25.83 -6.57
N SER A 500 49.36 -26.82 -7.37
CA SER A 500 48.34 -26.65 -8.42
C SER A 500 47.83 -28.01 -8.89
N GLU A 501 46.96 -28.63 -8.09
CA GLU A 501 46.45 -29.95 -8.40
C GLU A 501 44.98 -29.92 -8.80
N GLU A 502 44.61 -30.77 -9.76
CA GLU A 502 43.22 -30.82 -10.24
C GLU A 502 42.86 -32.25 -10.66
N GLU A 503 43.78 -33.18 -10.43
CA GLU A 503 43.57 -34.58 -10.81
C GLU A 503 42.42 -35.20 -10.02
N GLU A 504 42.11 -34.61 -8.87
CA GLU A 504 40.99 -35.06 -8.05
C GLU A 504 39.72 -34.33 -8.47
N PHE A 505 39.26 -34.63 -9.69
CA PHE A 505 38.10 -33.97 -10.26
C PHE A 505 36.83 -34.26 -9.47
N GLN A 506 36.79 -35.43 -8.85
CA GLN A 506 35.59 -35.87 -8.13
C GLN A 506 35.75 -35.82 -6.62
N GLN A 507 36.61 -34.93 -6.13
CA GLN A 507 36.72 -34.71 -4.70
C GLN A 507 35.65 -33.72 -4.26
N ASP A 508 35.14 -32.97 -5.24
CA ASP A 508 34.05 -32.02 -4.99
C ASP A 508 32.78 -32.75 -4.61
N VAL A 509 32.47 -33.83 -5.34
CA VAL A 509 31.29 -34.63 -5.05
C VAL A 509 31.53 -35.50 -3.81
N MET A 510 32.79 -35.63 -3.43
CA MET A 510 33.15 -36.33 -2.21
C MET A 510 32.84 -35.44 -1.01
N ALA A 511 33.24 -34.18 -1.10
CA ALA A 511 32.93 -33.20 -0.07
C ALA A 511 31.42 -32.96 0.00
N ARG A 512 30.77 -33.01 -1.17
CA ARG A 512 29.32 -32.88 -1.24
C ARG A 512 28.62 -34.05 -0.56
N ALA A 513 29.06 -35.26 -0.88
CA ALA A 513 28.48 -36.46 -0.29
C ALA A 513 28.67 -36.46 1.22
N CYS A 514 29.88 -36.11 1.66
CA CYS A 514 30.17 -35.98 3.08
C CYS A 514 29.25 -34.95 3.75
N LEU A 515 29.02 -33.84 3.04
CA LEU A 515 28.17 -32.77 3.54
C LEU A 515 26.72 -33.23 3.74
N GLN A 516 26.16 -33.87 2.72
CA GLN A 516 24.78 -34.33 2.78
C GLN A 516 24.62 -35.46 3.79
N LYS A 517 25.62 -36.32 3.89
CA LYS A 517 25.60 -37.42 4.86
C LYS A 517 25.69 -36.88 6.28
N LEU A 518 26.39 -35.76 6.45
CA LEU A 518 26.49 -35.10 7.74
C LEU A 518 25.20 -34.36 8.07
N LYS A 519 24.50 -33.91 7.02
CA LYS A 519 23.28 -33.12 7.19
C LYS A 519 22.12 -33.95 7.75
N GLY A 520 21.82 -35.07 7.12
CA GLY A 520 20.66 -35.87 7.46
C GLY A 520 20.81 -36.74 8.70
N THR A 521 21.72 -36.36 9.59
CA THR A 521 21.95 -37.11 10.82
C THR A 521 21.74 -36.25 12.06
N THR A 522 21.47 -34.97 11.84
CA THR A 522 21.29 -34.03 12.95
C THR A 522 19.84 -33.59 13.06
N GLU A 523 19.03 -33.98 12.07
CA GLU A 523 17.65 -33.55 12.00
C GLU A 523 16.81 -34.10 13.15
N LEU A 524 17.13 -35.29 13.62
CA LEU A 524 16.36 -35.92 14.68
C LEU A 524 16.80 -35.47 16.07
N LEU A 525 17.84 -34.63 16.13
CA LEU A 525 18.32 -34.12 17.41
C LEU A 525 17.37 -33.08 18.01
N PRO A 526 16.93 -32.07 17.22
CA PRO A 526 15.89 -31.20 17.78
C PRO A 526 14.50 -31.70 17.39
N LYS A 527 13.50 -30.84 17.48
CA LYS A 527 12.13 -31.23 17.13
C LYS A 527 11.38 -30.09 16.45
N ARG A 528 10.83 -29.19 17.27
CA ARG A 528 10.09 -28.04 16.77
C ARG A 528 10.97 -26.79 16.77
N PRO A 529 11.18 -26.20 15.59
CA PRO A 529 12.01 -24.99 15.46
C PRO A 529 11.45 -23.78 16.20
N GLN A 530 12.03 -23.46 17.34
CA GLN A 530 11.61 -22.31 18.13
C GLN A 530 12.19 -21.02 17.58
N HIS A 531 11.81 -19.89 18.18
CA HIS A 531 12.33 -18.60 17.76
C HIS A 531 13.80 -18.48 18.14
N LEU A 532 14.48 -17.50 17.54
CA LEU A 532 15.92 -17.32 17.77
C LEU A 532 16.24 -17.06 19.25
N PRO A 533 16.92 -18.02 19.89
CA PRO A 533 17.24 -17.92 21.32
C PRO A 533 18.42 -17.01 21.61
N GLY A 534 19.32 -16.87 20.64
CA GLY A 534 20.49 -16.03 20.80
C GLY A 534 20.15 -14.58 21.10
N HIS A 535 19.12 -14.10 20.42
CA HIS A 535 18.68 -12.71 20.59
C HIS A 535 17.80 -12.57 21.83
N PRO A 536 17.90 -11.42 22.52
CA PRO A 536 17.11 -11.11 23.72
C PRO A 536 15.60 -11.26 23.51
N GLY A 537 14.86 -11.42 24.60
CA GLY A 537 13.42 -11.65 24.53
C GLY A 537 12.64 -10.55 23.85
N TRP A 538 13.01 -9.31 24.16
CA TRP A 538 12.36 -8.15 23.56
C TRP A 538 12.57 -8.14 22.05
N TYR A 539 13.68 -8.74 21.60
CA TYR A 539 13.99 -8.80 20.18
C TYR A 539 13.28 -9.98 19.52
N ARG A 540 13.07 -11.06 20.29
CA ARG A 540 12.32 -12.20 19.79
C ARG A 540 10.87 -11.81 19.55
N LYS A 541 10.29 -11.10 20.51
CA LYS A 541 8.90 -10.66 20.39
C LYS A 541 8.71 -9.70 19.22
N LEU A 542 9.78 -8.97 18.90
CA LEU A 542 9.74 -7.96 17.85
C LEU A 542 10.13 -8.57 16.49
N CYS A 543 9.91 -9.88 16.36
CA CYS A 543 10.22 -10.58 15.11
C CYS A 543 9.12 -11.56 14.75
N PRO A 544 8.88 -11.74 13.44
CA PRO A 544 7.93 -12.75 12.96
C PRO A 544 8.49 -14.16 13.08
N ARG A 545 7.61 -15.14 13.23
CA ARG A 545 8.01 -16.53 13.38
C ARG A 545 8.68 -17.05 12.11
N LEU A 546 9.60 -18.01 12.27
CA LEU A 546 10.33 -18.55 11.13
C LEU A 546 9.43 -19.35 10.19
N ASP A 547 8.51 -20.11 10.76
CA ASP A 547 7.61 -20.95 9.96
C ASP A 547 6.34 -20.19 9.59
N ASP A 548 6.44 -18.88 9.46
CA ASP A 548 5.31 -18.04 9.09
C ASP A 548 5.35 -17.71 7.61
N PRO A 549 4.22 -17.93 6.91
CA PRO A 549 4.09 -17.70 5.46
C PRO A 549 4.40 -16.25 5.05
N ALA A 550 4.25 -15.32 5.98
CA ALA A 550 4.53 -13.91 5.69
C ALA A 550 5.76 -13.43 6.44
N TRP A 551 6.83 -14.21 6.40
CA TRP A 551 8.05 -13.88 7.10
C TRP A 551 8.85 -12.81 6.38
N THR A 552 9.26 -11.79 7.13
CA THR A 552 10.10 -10.73 6.60
C THR A 552 11.41 -10.69 7.39
N PRO A 553 12.53 -10.39 6.71
CA PRO A 553 13.84 -10.40 7.36
C PRO A 553 13.98 -9.34 8.44
N GLY A 554 14.82 -9.60 9.43
CA GLY A 554 15.05 -8.67 10.52
C GLY A 554 13.85 -8.53 11.42
N PRO A 555 13.90 -7.55 12.35
CA PRO A 555 12.80 -7.28 13.27
C PRO A 555 11.64 -6.57 12.59
N SER A 556 10.49 -7.23 12.52
CA SER A 556 9.31 -6.63 11.93
C SER A 556 8.30 -6.32 13.03
N LEU A 557 7.06 -6.04 12.62
CA LEU A 557 5.99 -5.72 13.56
C LEU A 557 6.30 -4.50 14.41
N LEU A 558 7.07 -3.57 13.84
CA LEU A 558 7.44 -2.35 14.54
C LEU A 558 6.27 -1.38 14.58
N SER A 559 6.19 -0.60 15.66
CA SER A 559 5.02 0.23 15.92
C SER A 559 5.32 1.25 17.04
N LEU A 560 4.67 2.41 17.11
CA LEU A 560 3.72 3.01 16.15
C LEU A 560 2.48 2.17 15.76
N GLN A 561 1.57 1.95 16.70
CA GLN A 561 1.66 2.51 18.05
C GLN A 561 1.87 1.43 19.10
N MET A 562 3.12 0.99 19.26
CA MET A 562 3.46 -0.01 20.26
C MET A 562 3.80 0.67 21.59
N ARG A 563 4.39 -0.07 22.51
CA ARG A 563 4.71 0.45 23.83
C ARG A 563 6.17 0.23 24.20
N VAL A 564 6.89 -0.48 23.34
CA VAL A 564 8.31 -0.74 23.55
C VAL A 564 9.15 0.28 22.79
N THR A 565 8.84 0.44 21.51
CA THR A 565 9.57 1.36 20.65
C THR A 565 9.48 2.85 21.01
N PRO A 566 8.34 3.33 21.58
CA PRO A 566 8.37 4.75 21.94
C PRO A 566 9.32 5.04 23.10
N LYS A 567 9.50 4.06 23.98
CA LYS A 567 10.44 4.21 25.09
C LYS A 567 11.85 3.93 24.59
N LEU A 568 11.93 3.15 23.52
CA LEU A 568 13.21 2.73 22.94
C LEU A 568 14.09 3.90 22.52
N MET A 569 13.47 5.02 22.12
CA MET A 569 14.23 6.12 21.53
C MET A 569 13.95 7.50 22.14
N ALA A 570 12.69 7.78 22.41
CA ALA A 570 12.25 9.14 22.72
C ALA A 570 12.72 9.65 24.09
N LEU A 571 13.10 10.92 24.13
CA LEU A 571 13.34 11.63 25.38
C LEU A 571 11.99 12.04 25.95
N THR A 572 11.94 12.30 27.25
CA THR A 572 10.66 12.40 27.94
C THR A 572 10.41 13.72 28.68
N TRP A 573 9.85 14.69 27.96
CA TRP A 573 9.38 15.95 28.56
C TRP A 573 10.37 16.59 29.53
N ASP A 574 11.48 17.08 28.99
CA ASP A 574 12.54 17.69 29.81
C ASP A 574 13.07 16.69 30.84
N GLY A 575 12.92 15.41 30.55
CA GLY A 575 13.40 14.35 31.43
C GLY A 575 14.04 13.24 30.62
N PHE A 576 14.26 12.09 31.25
CA PHE A 576 14.89 10.97 30.56
C PHE A 576 14.00 9.74 30.45
N PRO A 577 13.45 9.24 31.59
CA PRO A 577 12.74 7.97 31.42
C PRO A 577 11.24 8.12 31.21
N LEU A 578 10.67 7.20 30.45
CA LEU A 578 9.22 7.09 30.31
C LEU A 578 8.81 5.76 30.92
N HIS A 579 7.53 5.63 31.28
CA HIS A 579 7.08 4.40 31.91
C HIS A 579 5.60 4.13 31.68
N TYR A 580 5.20 2.89 31.93
CA TYR A 580 3.82 2.47 31.79
C TYR A 580 3.44 1.50 32.91
N SER A 581 2.23 1.65 33.43
CA SER A 581 1.71 0.77 34.47
C SER A 581 0.19 0.76 34.45
N GLU A 582 -0.39 1.92 34.68
CA GLU A 582 -1.84 2.11 34.53
C GLU A 582 -2.06 3.17 33.46
N ARG A 583 -1.00 3.90 33.15
CA ARG A 583 -1.00 4.93 32.14
C ARG A 583 0.43 5.24 31.73
N HIS A 584 0.62 5.70 30.50
CA HIS A 584 1.97 5.99 30.00
C HIS A 584 2.47 7.31 30.56
N GLY A 585 3.32 7.99 29.78
CA GLY A 585 3.83 9.29 30.19
C GLY A 585 2.72 10.32 30.28
N TRP A 586 2.52 10.86 31.49
CA TRP A 586 1.45 11.82 31.73
C TRP A 586 1.59 13.07 30.86
N GLY A 587 0.48 13.48 30.25
CA GLY A 587 0.46 14.66 29.40
C GLY A 587 -0.91 15.27 29.28
N TYR A 588 -1.43 15.32 28.07
CA TYR A 588 -2.76 15.89 27.83
C TYR A 588 -3.76 14.80 27.46
N LEU A 589 -4.73 14.57 28.34
CA LEU A 589 -5.78 13.57 28.14
C LEU A 589 -5.18 12.18 27.88
N ASN A 596 -1.34 26.63 50.92
CA ASN A 596 -1.93 25.77 49.91
C ASN A 596 -0.87 24.98 49.15
N LEU A 597 0.03 24.36 49.91
CA LEU A 597 1.13 23.57 49.37
C LEU A 597 0.89 22.06 49.51
N ALA A 598 1.26 21.30 48.50
CA ALA A 598 1.13 19.84 48.57
C ALA A 598 2.50 19.16 48.52
N LYS A 599 2.71 18.21 49.42
CA LYS A 599 3.99 17.50 49.52
C LYS A 599 3.85 15.98 49.49
N LEU A 600 4.94 15.31 49.11
CA LEU A 600 4.99 13.84 49.10
C LEU A 600 6.40 13.33 49.42
N PRO A 601 6.50 12.32 50.30
CA PRO A 601 7.78 11.82 50.80
C PRO A 601 8.60 11.05 49.78
N THR A 602 9.77 10.57 50.22
CA THR A 602 10.67 9.80 49.37
C THR A 602 11.26 8.61 50.12
N GLY A 603 11.97 7.75 49.40
CA GLY A 603 12.57 6.57 50.00
C GLY A 603 13.42 5.78 49.03
N THR A 604 14.44 5.12 49.57
CA THR A 604 15.36 4.32 48.77
C THR A 604 15.98 3.21 49.63
N THR A 605 15.70 1.96 49.29
CA THR A 605 16.23 0.81 50.03
C THR A 605 16.51 -0.38 49.10
N LEU A 606 17.36 -1.30 49.55
CA LEU A 606 17.64 -2.54 48.82
C LEU A 606 17.27 -3.77 49.68
N GLU A 607 16.98 -4.90 49.02
CA GLU A 607 16.60 -6.11 49.74
C GLU A 607 16.88 -7.39 48.95
N SER A 608 16.92 -7.29 47.62
CA SER A 608 17.17 -8.42 46.73
C SER A 608 16.06 -9.48 46.78
N ALA A 609 15.67 -10.00 45.62
CA ALA A 609 16.29 -9.65 44.35
C ALA A 609 15.27 -9.12 43.34
N GLY A 610 15.48 -7.89 42.89
CA GLY A 610 14.67 -7.29 41.84
C GLY A 610 15.56 -6.79 40.72
N VAL A 611 14.96 -6.26 39.66
CA VAL A 611 15.77 -5.74 38.55
C VAL A 611 16.44 -4.45 39.00
N VAL A 612 17.66 -4.22 38.52
CA VAL A 612 18.43 -3.04 38.89
C VAL A 612 17.90 -1.80 38.18
N CYS A 613 17.65 -0.75 38.95
CA CYS A 613 17.14 0.50 38.39
C CYS A 613 18.14 1.64 38.53
N PRO A 614 18.65 2.12 37.38
CA PRO A 614 19.55 3.28 37.34
C PRO A 614 18.83 4.61 37.47
N TYR A 615 19.47 5.58 38.11
CA TYR A 615 18.87 6.91 38.27
C TYR A 615 19.94 8.00 38.27
N ARG A 616 21.13 7.67 37.78
CA ARG A 616 22.20 8.64 37.67
C ARG A 616 22.30 9.13 36.24
N ALA A 617 22.13 8.20 35.29
CA ALA A 617 22.09 8.53 33.88
C ALA A 617 20.90 9.45 33.59
N ILE A 618 19.87 9.34 34.41
CA ILE A 618 18.70 10.20 34.30
C ILE A 618 19.07 11.64 34.64
N GLU A 619 19.71 11.81 35.79
CA GLU A 619 20.13 13.13 36.24
C GLU A 619 21.14 13.75 35.28
N SER A 620 22.07 12.93 34.80
CA SER A 620 23.07 13.41 33.85
C SER A 620 22.43 13.79 32.52
N LEU A 621 21.39 13.05 32.13
CA LEU A 621 20.65 13.36 30.92
C LEU A 621 19.92 14.69 31.08
N TYR A 622 19.43 14.94 32.30
CA TYR A 622 18.80 16.21 32.61
C TYR A 622 19.82 17.34 32.55
N ARG A 623 21.05 17.04 32.96
CA ARG A 623 22.14 18.00 32.90
C ARG A 623 22.47 18.35 31.46
N LYS A 624 22.54 17.34 30.60
CA LYS A 624 22.82 17.54 29.18
C LYS A 624 21.69 18.30 28.51
N HIS A 625 20.46 18.07 28.97
CA HIS A 625 19.29 18.70 28.38
C HIS A 625 19.24 20.20 28.66
N CYS A 626 19.62 20.58 29.88
CA CYS A 626 19.62 21.99 30.28
C CYS A 626 20.97 22.64 30.05
N LEU A 627 21.82 21.97 29.26
CA LEU A 627 23.14 22.50 28.96
C LEU A 627 23.04 23.69 28.00
N GLU A 628 21.99 23.68 27.18
CA GLU A 628 21.78 24.75 26.21
C GLU A 628 21.42 26.07 26.88
N PRO A 704 11.24 14.36 43.41
CA PRO A 704 9.81 14.69 43.32
C PRO A 704 9.55 16.20 43.36
N TYR A 705 10.40 16.93 44.08
CA TYR A 705 10.26 18.38 44.19
C TYR A 705 11.63 19.06 44.21
N ASN A 706 11.75 20.22 43.55
CA ASN A 706 10.62 20.86 42.88
C ASN A 706 10.54 20.49 41.40
N ASP A 707 10.14 21.44 40.57
CA ASP A 707 10.01 21.25 39.13
C ASP A 707 9.05 20.10 38.79
N VAL A 708 7.81 20.24 39.21
CA VAL A 708 6.80 19.22 38.98
C VAL A 708 5.52 19.80 38.37
N ASP A 709 5.31 21.09 38.60
CA ASP A 709 4.12 21.77 38.09
C ASP A 709 4.21 21.96 36.58
N ILE A 710 4.93 23.00 36.16
CA ILE A 710 5.10 23.31 34.74
C ILE A 710 6.37 22.66 34.14
N PRO A 711 7.50 22.63 34.87
CA PRO A 711 8.64 21.92 34.28
C PRO A 711 8.45 20.40 34.25
N GLY A 712 9.48 19.68 33.83
CA GLY A 712 9.41 18.23 33.75
C GLY A 712 10.62 17.52 34.33
N CYS A 713 10.36 16.54 35.19
CA CYS A 713 11.41 15.74 35.80
C CYS A 713 10.87 14.44 36.35
N TRP A 714 11.73 13.41 36.40
CA TRP A 714 11.33 12.11 36.93
C TRP A 714 12.02 11.85 38.27
N PHE A 715 11.30 11.19 39.18
CA PHE A 715 11.82 10.91 40.51
C PHE A 715 12.82 9.76 40.51
N PHE A 716 12.64 8.82 41.43
CA PHE A 716 13.55 7.68 41.56
C PHE A 716 12.83 6.37 41.31
N LYS A 717 11.92 6.01 42.22
CA LYS A 717 11.18 4.75 42.10
C LYS A 717 9.68 4.95 42.32
N LEU A 718 9.27 4.91 43.58
CA LEU A 718 7.86 4.97 44.01
C LEU A 718 7.01 3.85 43.34
N PRO A 719 6.29 4.07 42.20
CA PRO A 719 5.88 5.14 41.28
C PRO A 719 4.46 5.64 41.53
N HIS A 720 4.26 6.95 41.40
CA HIS A 720 2.94 7.56 41.55
C HIS A 720 2.78 8.78 40.66
N LYS A 721 1.63 9.45 40.78
CA LYS A 721 1.33 10.61 39.95
C LYS A 721 2.23 11.79 40.32
N ASP A 722 1.96 12.40 41.48
CA ASP A 722 2.77 13.50 42.01
C ASP A 722 2.81 14.70 41.07
N GLY A 723 1.68 14.98 40.43
CA GLY A 723 1.57 16.15 39.57
C GLY A 723 1.15 15.84 38.14
N ASN A 724 -0.06 15.30 38.00
CA ASN A 724 -0.62 14.99 36.68
C ASN A 724 -1.97 15.67 36.46
N SER A 725 -2.26 16.01 35.21
CA SER A 725 -3.51 16.68 34.88
C SER A 725 -4.53 15.70 34.31
N CYS A 726 -4.07 14.81 33.42
CA CYS A 726 -4.95 13.83 32.79
C CYS A 726 -5.29 12.70 33.75
N ASN A 727 -6.50 12.18 33.63
CA ASN A 727 -6.96 11.09 34.49
C ASN A 727 -7.13 9.79 33.70
N VAL A 728 -6.33 9.63 32.64
CA VAL A 728 -6.44 8.45 31.80
C VAL A 728 -5.08 7.99 31.29
N GLY A 729 -4.28 8.92 30.78
CA GLY A 729 -3.00 8.59 30.20
C GLY A 729 -3.08 8.60 28.68
N SER A 730 -1.95 8.34 28.03
CA SER A 730 -1.91 8.38 26.57
C SER A 730 -0.74 7.60 25.98
N PRO A 731 -0.93 6.28 25.79
CA PRO A 731 0.03 5.42 25.11
C PRO A 731 -0.36 5.15 23.65
N PHE A 732 0.31 5.80 22.70
CA PHE A 732 1.41 6.72 22.98
C PHE A 732 1.09 8.11 22.45
N ALA A 733 1.96 9.08 22.75
CA ALA A 733 1.83 10.44 22.23
C ALA A 733 1.82 10.46 20.70
N LYS A 734 0.63 10.47 20.12
CA LYS A 734 0.48 10.38 18.68
C LYS A 734 -0.24 11.60 18.08
N ASP A 735 -0.72 12.49 18.94
CA ASP A 735 -1.33 13.73 18.48
C ASP A 735 -0.81 14.92 19.29
N PHE A 736 0.51 15.01 19.40
CA PHE A 736 1.14 16.12 20.09
C PHE A 736 2.21 16.78 19.22
N LEU A 737 1.90 16.96 17.94
CA LEU A 737 2.80 17.63 17.01
C LEU A 737 3.15 19.06 17.41
N PRO A 738 2.18 19.85 17.90
CA PRO A 738 2.62 21.16 18.40
C PRO A 738 3.45 21.05 19.68
N LYS A 739 3.32 19.92 20.38
CA LYS A 739 4.10 19.68 21.59
C LYS A 739 5.31 18.82 21.25
N MET A 740 5.62 18.74 19.97
CA MET A 740 6.78 18.00 19.49
C MET A 740 7.65 18.89 18.62
N GLU A 741 7.04 19.93 18.06
CA GLU A 741 7.73 20.89 17.22
C GLU A 741 7.86 22.24 17.94
N ASP A 742 8.13 22.19 19.24
CA ASP A 742 8.31 23.39 20.04
C ASP A 742 9.39 23.17 21.10
N GLY A 743 10.19 22.13 20.92
CA GLY A 743 11.22 21.78 21.88
C GLY A 743 10.83 20.59 22.73
N THR A 744 9.99 20.85 23.74
CA THR A 744 9.52 19.79 24.63
C THR A 744 8.17 19.25 24.17
N LEU A 745 8.11 17.95 23.87
CA LEU A 745 9.25 17.05 24.03
C LEU A 745 9.89 16.73 22.68
N GLN A 746 11.07 16.12 22.72
CA GLN A 746 11.78 15.73 21.52
C GLN A 746 12.30 14.29 21.62
N ALA A 747 12.98 13.84 20.56
CA ALA A 747 13.54 12.49 20.54
C ALA A 747 15.04 12.53 20.26
N GLY A 748 15.72 11.42 20.55
CA GLY A 748 17.15 11.32 20.34
C GLY A 748 17.68 9.93 20.64
N PRO A 749 18.45 9.36 19.69
CA PRO A 749 18.77 9.97 18.39
C PRO A 749 17.64 9.83 17.37
N GLY A 750 17.33 10.91 16.66
CA GLY A 750 18.02 12.18 16.85
C GLY A 750 17.69 13.19 15.77
N GLY A 751 17.54 14.44 16.17
CA GLY A 751 17.25 15.52 15.23
C GLY A 751 15.77 15.70 14.98
N ALA A 752 15.39 15.72 13.71
CA ALA A 752 13.99 15.90 13.33
C ALA A 752 13.35 14.56 12.98
N SER A 753 13.92 13.47 13.46
CA SER A 753 13.38 12.14 13.22
C SER A 753 12.07 11.95 13.98
N GLY A 754 11.98 12.56 15.16
CA GLY A 754 10.77 12.50 15.97
C GLY A 754 9.54 13.06 15.27
N PRO A 755 9.52 14.38 15.03
CA PRO A 755 8.39 15.02 14.35
C PRO A 755 8.08 14.42 12.99
N ARG A 756 9.11 13.91 12.31
CA ARG A 756 8.89 13.23 11.04
C ARG A 756 8.16 11.91 11.26
N ALA A 757 8.52 11.20 12.33
CA ALA A 757 7.86 9.95 12.66
C ALA A 757 6.40 10.18 13.03
N LEU A 758 6.16 11.24 13.79
CA LEU A 758 4.79 11.63 14.14
C LEU A 758 4.00 12.02 12.89
N GLU A 759 4.68 12.66 11.94
CA GLU A 759 4.05 13.01 10.67
C GLU A 759 3.66 11.77 9.89
N ILE A 760 4.57 10.80 9.84
CA ILE A 760 4.32 9.53 9.15
C ILE A 760 3.13 8.81 9.79
N ASN A 761 3.09 8.81 11.11
CA ASN A 761 1.96 8.21 11.82
C ASN A 761 0.65 8.92 11.50
N LYS A 762 0.70 10.24 11.45
CA LYS A 762 -0.49 11.05 11.19
C LYS A 762 -1.02 10.84 9.77
N MET A 763 -0.10 10.62 8.84
CA MET A 763 -0.46 10.41 7.45
C MET A 763 -1.23 9.11 7.23
N ILE A 764 -0.70 8.02 7.76
CA ILE A 764 -1.29 6.71 7.53
C ILE A 764 -2.26 6.30 8.64
N SER A 765 -2.64 7.25 9.49
CA SER A 765 -3.55 6.97 10.59
C SER A 765 -4.93 6.53 10.08
N PHE A 766 -5.40 7.16 9.01
CA PHE A 766 -6.70 6.85 8.46
C PHE A 766 -6.70 5.53 7.69
N TRP A 767 -5.72 5.37 6.81
CA TRP A 767 -5.65 4.22 5.95
C TRP A 767 -5.26 2.96 6.72
N ARG A 768 -4.77 3.13 7.94
CA ARG A 768 -4.42 1.99 8.77
C ARG A 768 -5.69 1.32 9.29
N ASN A 769 -6.67 2.14 9.66
CA ASN A 769 -7.91 1.63 10.25
C ASN A 769 -9.09 1.66 9.29
N ALA A 770 -8.82 1.52 8.00
CA ALA A 770 -9.88 1.63 7.00
C ALA A 770 -9.59 0.89 5.70
N HIS A 771 -8.33 0.57 5.44
CA HIS A 771 -7.93 -0.04 4.17
C HIS A 771 -8.66 -1.35 3.91
N LYS A 772 -9.00 -2.09 4.96
CA LYS A 772 -9.75 -3.33 4.82
C LYS A 772 -11.15 -3.03 4.31
N ARG A 773 -11.75 -1.97 4.83
CA ARG A 773 -13.12 -1.59 4.44
C ARG A 773 -13.16 -0.98 3.04
N ILE A 774 -12.08 -0.32 2.64
CA ILE A 774 -12.05 0.35 1.35
C ILE A 774 -11.69 -0.60 0.21
N SER A 775 -10.71 -1.47 0.45
CA SER A 775 -10.24 -2.39 -0.59
C SER A 775 -11.25 -3.50 -0.85
N SER A 776 -11.94 -3.93 0.20
CA SER A 776 -12.93 -5.00 0.07
C SER A 776 -14.28 -4.45 -0.36
N GLN A 777 -14.41 -3.13 -0.31
CA GLN A 777 -15.61 -2.44 -0.79
C GLN A 777 -15.86 -2.83 -2.25
N MET A 778 -16.80 -3.75 -2.46
CA MET A 778 -17.03 -4.31 -3.78
C MET A 778 -17.70 -3.29 -4.71
N VAL A 779 -17.70 -3.61 -6.01
CA VAL A 779 -18.31 -2.74 -7.00
C VAL A 779 -18.64 -3.54 -8.27
N VAL A 780 -19.89 -3.49 -8.69
CA VAL A 780 -20.32 -4.19 -9.89
C VAL A 780 -20.21 -3.29 -11.12
N TRP A 781 -19.51 -3.78 -12.13
CA TRP A 781 -19.35 -3.05 -13.39
C TRP A 781 -20.43 -3.44 -14.39
N LEU A 782 -21.26 -2.50 -14.80
CA LEU A 782 -22.28 -2.78 -15.80
C LEU A 782 -21.74 -2.56 -17.21
N PRO A 783 -22.02 -3.51 -18.12
CA PRO A 783 -21.52 -3.47 -19.49
C PRO A 783 -22.21 -2.41 -20.34
N ARG A 784 -21.73 -2.22 -21.57
CA ARG A 784 -22.26 -1.21 -22.47
C ARG A 784 -23.65 -1.58 -23.00
N SER A 785 -24.08 -2.80 -22.71
CA SER A 785 -25.40 -3.26 -23.13
C SER A 785 -26.48 -2.85 -22.13
N ALA A 786 -26.09 -2.67 -20.87
CA ALA A 786 -27.04 -2.34 -19.82
C ALA A 786 -26.76 -0.97 -19.19
N LEU A 787 -26.61 0.05 -20.04
CA LEU A 787 -26.45 1.41 -19.55
C LEU A 787 -27.17 2.39 -20.47
N PRO A 788 -27.61 3.54 -19.93
CA PRO A 788 -28.30 4.56 -20.72
C PRO A 788 -27.49 4.98 -21.95
N ARG A 789 -28.07 4.79 -23.12
CA ARG A 789 -27.38 5.09 -24.38
C ARG A 789 -27.20 6.59 -24.55
N ALA A 790 -27.99 7.36 -23.80
CA ALA A 790 -27.85 8.82 -23.79
C ALA A 790 -26.53 9.23 -23.17
N VAL A 791 -25.94 8.34 -22.38
CA VAL A 791 -24.62 8.54 -21.81
C VAL A 791 -23.56 8.21 -22.86
N ILE A 792 -23.84 7.19 -23.67
CA ILE A 792 -22.95 6.82 -24.77
C ILE A 792 -22.88 7.95 -25.79
N ARG A 793 -24.01 8.59 -26.05
CA ARG A 793 -24.07 9.73 -26.97
C ARG A 793 -23.23 10.90 -26.46
N HIS A 794 -23.17 11.03 -25.13
CA HIS A 794 -22.33 12.05 -24.49
C HIS A 794 -20.87 11.79 -24.81
N PRO A 795 -20.12 12.84 -25.18
CA PRO A 795 -18.72 12.72 -25.61
C PRO A 795 -17.77 12.16 -24.56
N ASP A 796 -18.09 11.00 -24.01
CA ASP A 796 -17.23 10.31 -23.06
C ASP A 796 -17.51 8.81 -23.08
N TYR A 797 -16.47 7.99 -23.12
CA TYR A 797 -16.64 6.54 -23.11
C TYR A 797 -16.17 5.83 -21.82
N ASP A 798 -14.96 6.09 -21.30
CA ASP A 798 -13.97 7.02 -21.84
C ASP A 798 -12.65 6.32 -22.07
N GLU A 799 -12.30 6.14 -23.35
CA GLU A 799 -11.06 5.47 -23.75
C GLU A 799 -10.97 4.08 -23.13
N GLU A 800 -11.89 3.20 -23.54
CA GLU A 800 -11.97 1.84 -23.02
C GLU A 800 -12.12 1.81 -21.50
N GLY A 801 -12.90 2.76 -20.98
CA GLY A 801 -13.11 2.87 -19.55
C GLY A 801 -14.33 2.10 -19.07
N LEU A 802 -14.25 1.56 -17.86
CA LEU A 802 -15.33 0.78 -17.28
C LEU A 802 -16.16 1.61 -16.30
N TYR A 803 -17.47 1.65 -16.53
CA TYR A 803 -18.37 2.32 -15.61
C TYR A 803 -19.18 1.34 -14.79
N GLY A 804 -19.25 1.59 -13.49
CA GLY A 804 -20.01 0.75 -12.59
C GLY A 804 -20.52 1.53 -11.39
N ALA A 805 -20.87 0.81 -10.33
CA ALA A 805 -21.37 1.44 -9.12
C ALA A 805 -21.34 0.50 -7.93
N ILE A 806 -21.72 1.03 -6.76
CA ILE A 806 -21.81 0.26 -5.54
C ILE A 806 -22.87 0.87 -4.62
N LEU A 807 -23.73 0.02 -4.07
CA LEU A 807 -24.72 0.46 -3.11
C LEU A 807 -24.09 0.48 -1.72
N PRO A 808 -24.11 1.66 -1.07
CA PRO A 808 -23.45 1.92 0.22
C PRO A 808 -23.70 0.88 1.30
N GLN A 809 -24.77 0.11 1.18
CA GLN A 809 -25.10 -0.94 2.14
C GLN A 809 -25.24 -0.33 3.54
N VAL A 810 -26.35 0.37 3.74
CA VAL A 810 -26.58 1.13 4.96
C VAL A 810 -27.78 0.64 5.75
N VAL A 811 -27.57 0.41 7.05
CA VAL A 811 -28.67 0.12 7.96
C VAL A 811 -29.56 1.36 8.07
N THR A 812 -30.81 1.22 7.66
CA THR A 812 -31.75 2.34 7.55
C THR A 812 -31.89 3.17 8.83
N ALA A 813 -31.92 2.49 9.97
CA ALA A 813 -32.14 3.17 11.24
C ALA A 813 -31.33 2.51 12.36
N GLY A 814 -30.34 3.24 12.87
CA GLY A 814 -29.58 2.78 14.01
C GLY A 814 -29.56 3.85 15.08
N THR A 815 -29.58 3.43 16.35
CA THR A 815 -29.56 4.37 17.46
C THR A 815 -28.39 5.32 17.31
N ILE A 816 -28.58 6.60 17.66
CA ILE A 816 -29.88 7.20 17.94
C ILE A 816 -29.78 8.59 17.30
N THR A 817 -30.87 9.09 16.71
CA THR A 817 -32.15 8.40 16.70
C THR A 817 -32.51 7.91 15.31
N ARG A 818 -32.44 6.59 15.13
CA ARG A 818 -32.76 5.96 13.85
C ARG A 818 -31.89 6.52 12.72
N ARG A 819 -30.70 6.99 13.06
CA ARG A 819 -29.76 7.51 12.08
C ARG A 819 -29.24 6.38 11.18
N ALA A 820 -28.54 6.75 10.12
CA ALA A 820 -27.93 5.77 9.24
C ALA A 820 -26.73 5.13 9.93
N VAL A 821 -26.51 3.85 9.66
CA VAL A 821 -25.33 3.15 10.18
C VAL A 821 -24.64 2.38 9.07
N GLU A 822 -23.45 2.83 8.71
CA GLU A 822 -22.68 2.21 7.62
C GLU A 822 -21.21 2.16 7.98
N PRO A 823 -20.60 0.96 7.86
CA PRO A 823 -19.23 0.67 8.29
C PRO A 823 -18.15 1.56 7.67
N THR A 824 -18.39 2.07 6.46
CA THR A 824 -17.31 2.71 5.70
C THR A 824 -17.58 4.17 5.33
N TRP A 825 -18.69 4.40 4.65
CA TRP A 825 -18.97 5.70 4.03
C TRP A 825 -19.44 6.77 5.00
N LEU A 826 -19.86 6.36 6.19
CA LEU A 826 -20.28 7.31 7.20
C LEU A 826 -19.09 7.76 8.05
N THR A 827 -18.03 6.97 8.04
CA THR A 827 -16.81 7.32 8.74
C THR A 827 -15.70 7.64 7.74
N ALA A 828 -16.10 8.02 6.53
CA ALA A 828 -15.16 8.34 5.46
C ALA A 828 -14.49 9.69 5.69
N SER A 829 -13.16 9.69 5.70
CA SER A 829 -12.39 10.91 5.95
C SER A 829 -12.64 11.98 4.89
N ASN A 830 -12.48 13.24 5.30
CA ASN A 830 -12.68 14.36 4.39
C ASN A 830 -11.45 14.64 3.53
N ALA A 831 -11.47 15.77 2.83
CA ALA A 831 -10.38 16.15 1.95
C ALA A 831 -9.26 16.86 2.71
N ARG A 832 -8.30 16.09 3.20
CA ARG A 832 -7.14 16.67 3.90
C ARG A 832 -5.85 16.33 3.17
N PRO A 833 -4.98 17.34 2.98
CA PRO A 833 -3.72 17.19 2.24
C PRO A 833 -2.66 16.44 3.03
N ASP A 834 -3.07 15.84 4.15
CA ASP A 834 -2.16 15.12 5.02
C ASP A 834 -2.44 13.62 4.98
N ARG A 835 -3.72 13.26 5.03
CA ARG A 835 -4.12 11.86 5.10
C ARG A 835 -3.99 11.16 3.74
N VAL A 836 -3.64 9.87 3.77
CA VAL A 836 -3.39 9.12 2.55
C VAL A 836 -4.65 8.90 1.73
N GLY A 837 -5.58 8.11 2.26
CA GLY A 837 -6.82 7.84 1.54
C GLY A 837 -7.88 8.91 1.72
N SER A 838 -7.46 10.16 1.70
CA SER A 838 -8.35 11.29 1.96
C SER A 838 -9.23 11.62 0.77
N GLU A 839 -9.03 10.89 -0.34
CA GLU A 839 -9.75 11.14 -1.58
C GLU A 839 -10.98 10.24 -1.69
N LEU A 840 -11.12 9.32 -0.74
CA LEU A 840 -12.20 8.34 -0.73
C LEU A 840 -13.57 8.97 -0.95
N LYS A 841 -13.75 10.16 -0.39
CA LYS A 841 -15.02 10.88 -0.50
C LYS A 841 -15.22 11.43 -1.92
N ALA A 842 -14.13 11.85 -2.56
CA ALA A 842 -14.21 12.46 -3.88
C ALA A 842 -13.96 11.47 -5.01
N MET A 843 -14.08 10.17 -4.72
CA MET A 843 -13.90 9.14 -5.72
C MET A 843 -15.22 8.70 -6.33
N VAL A 844 -16.32 9.09 -5.69
CA VAL A 844 -17.65 8.80 -6.22
C VAL A 844 -17.93 9.76 -7.36
N GLN A 845 -17.45 9.39 -8.55
CA GLN A 845 -17.57 10.26 -9.72
C GLN A 845 -18.82 9.91 -10.53
N ALA A 846 -19.62 10.93 -10.81
CA ALA A 846 -20.85 10.75 -11.57
C ALA A 846 -20.56 10.42 -13.03
N PRO A 847 -21.39 9.55 -13.62
CA PRO A 847 -21.27 9.17 -15.03
C PRO A 847 -21.42 10.38 -15.95
N PRO A 848 -20.81 10.32 -17.14
CA PRO A 848 -20.88 11.42 -18.12
C PRO A 848 -22.32 11.73 -18.53
N GLY A 849 -22.66 13.01 -18.53
CA GLY A 849 -24.03 13.43 -18.80
C GLY A 849 -24.77 13.67 -17.49
N TYR A 850 -24.28 13.02 -16.43
CA TYR A 850 -24.86 13.17 -15.10
C TYR A 850 -23.97 14.00 -14.20
N THR A 851 -24.58 14.59 -13.17
CA THR A 851 -23.84 15.34 -12.17
C THR A 851 -24.60 15.29 -10.85
N LEU A 852 -23.88 15.32 -9.74
CA LEU A 852 -24.53 15.30 -8.44
C LEU A 852 -24.74 16.71 -7.89
N VAL A 853 -25.93 16.91 -7.31
CA VAL A 853 -26.33 18.16 -6.68
C VAL A 853 -26.77 17.88 -5.25
N GLY A 854 -26.05 18.45 -4.29
CA GLY A 854 -26.35 18.23 -2.89
C GLY A 854 -26.25 19.47 -2.03
N ALA A 855 -26.56 19.33 -0.74
CA ALA A 855 -26.54 20.45 0.18
C ALA A 855 -26.35 20.00 1.62
N ASP A 856 -25.83 20.91 2.45
CA ASP A 856 -25.60 20.64 3.86
C ASP A 856 -26.35 21.67 4.72
N VAL A 857 -27.16 21.19 5.65
CA VAL A 857 -27.94 22.07 6.50
C VAL A 857 -27.04 22.84 7.46
N ASP A 858 -27.16 24.16 7.43
CA ASP A 858 -26.32 25.03 8.26
C ASP A 858 -27.13 26.11 8.98
N SER A 859 -27.51 25.83 10.22
CA SER A 859 -27.24 24.56 10.88
C SER A 859 -28.55 23.93 11.34
N GLN A 860 -28.54 22.63 11.61
CA GLN A 860 -29.77 21.97 12.00
C GLN A 860 -30.01 21.97 13.50
N GLU A 861 -29.18 21.23 14.25
CA GLU A 861 -29.45 20.99 15.68
C GLU A 861 -29.46 22.26 16.52
N LEU A 862 -28.62 23.22 16.16
CA LEU A 862 -28.56 24.49 16.86
C LEU A 862 -29.89 25.22 16.76
N TRP A 863 -30.37 25.40 15.53
CA TRP A 863 -31.63 26.07 15.27
C TRP A 863 -32.80 25.26 15.82
N ILE A 864 -32.63 23.94 15.87
CA ILE A 864 -33.63 23.06 16.47
C ILE A 864 -33.81 23.39 17.95
N ALA A 865 -32.69 23.39 18.68
CA ALA A 865 -32.71 23.74 20.09
C ALA A 865 -33.27 25.14 20.30
N ALA A 866 -32.86 26.05 19.41
CA ALA A 866 -33.37 27.42 19.43
C ALA A 866 -34.89 27.46 19.38
N VAL A 867 -35.46 26.79 18.38
CA VAL A 867 -36.90 26.75 18.19
C VAL A 867 -37.59 26.10 19.38
N LEU A 868 -37.04 24.99 19.86
CA LEU A 868 -37.57 24.31 21.04
C LEU A 868 -37.54 25.22 22.26
N GLY A 869 -36.69 26.24 22.22
CA GLY A 869 -36.65 27.23 23.27
C GLY A 869 -37.68 28.34 23.13
N ASP A 870 -37.68 29.00 21.97
CA ASP A 870 -38.55 30.15 21.75
C ASP A 870 -40.02 29.77 21.65
N ALA A 871 -40.31 28.63 21.04
CA ALA A 871 -41.68 28.16 20.91
C ALA A 871 -42.25 27.81 22.28
N HIS A 872 -41.36 27.44 23.19
CA HIS A 872 -41.76 27.12 24.56
C HIS A 872 -41.94 28.38 25.40
N PHE A 873 -41.07 29.37 25.18
CA PHE A 873 -41.13 30.62 25.91
C PHE A 873 -42.31 31.47 25.45
N ALA A 874 -42.42 31.67 24.13
CA ALA A 874 -43.52 32.44 23.56
C ALA A 874 -43.89 31.92 22.18
N GLY A 875 -44.34 32.82 21.30
CA GLY A 875 -44.80 32.43 19.98
C GLY A 875 -43.80 32.69 18.88
N MET A 876 -43.06 33.79 18.98
CA MET A 876 -42.11 34.18 17.96
C MET A 876 -40.82 33.35 18.08
N HIS A 877 -39.92 33.50 17.11
CA HIS A 877 -38.71 32.70 17.05
C HIS A 877 -37.53 33.37 17.74
N GLY A 878 -37.58 34.69 17.86
CA GLY A 878 -36.48 35.43 18.46
C GLY A 878 -36.81 35.95 19.85
N CYS A 879 -37.52 35.15 20.63
CA CYS A 879 -37.91 35.55 21.98
C CYS A 879 -37.06 34.84 23.04
N THR A 880 -35.85 34.46 22.67
CA THR A 880 -34.92 33.82 23.60
C THR A 880 -33.51 34.38 23.43
N ALA A 881 -32.70 34.27 24.49
CA ALA A 881 -31.34 34.77 24.47
C ALA A 881 -30.46 33.92 23.55
N PHE A 882 -30.70 32.61 23.56
CA PHE A 882 -29.93 31.68 22.76
C PHE A 882 -30.48 31.56 21.35
N GLY A 883 -31.80 31.58 21.23
CA GLY A 883 -32.46 31.39 19.94
C GLY A 883 -32.45 32.61 19.04
N TRP A 884 -31.90 33.71 19.52
CA TRP A 884 -31.84 34.94 18.73
C TRP A 884 -30.52 35.05 17.97
N MET A 885 -29.48 34.44 18.53
CA MET A 885 -28.16 34.52 17.94
C MET A 885 -27.94 33.47 16.86
N THR A 886 -28.76 32.42 16.88
CA THR A 886 -28.63 31.33 15.91
C THR A 886 -29.10 31.77 14.53
N LEU A 887 -30.23 32.45 14.48
CA LEU A 887 -30.83 32.87 13.22
C LEU A 887 -30.49 34.32 12.90
N GLN A 888 -29.30 34.75 13.34
CA GLN A 888 -28.89 36.14 13.14
C GLN A 888 -27.66 36.24 12.24
N GLY A 889 -26.80 35.24 12.29
CA GLY A 889 -25.57 35.26 11.52
C GLY A 889 -25.64 34.54 10.19
N ARG A 890 -24.90 35.06 9.21
CA ARG A 890 -24.82 34.42 7.91
C ARG A 890 -23.39 33.96 7.64
N LYS A 891 -23.24 32.78 7.06
CA LYS A 891 -21.92 32.22 6.82
C LYS A 891 -21.23 32.90 5.64
N SER A 892 -22.03 33.42 4.70
CA SER A 892 -21.49 34.14 3.56
C SER A 892 -21.03 35.53 3.99
N ARG A 893 -19.74 35.81 3.79
CA ARG A 893 -19.07 37.05 4.20
C ARG A 893 -19.59 37.65 5.52
N GLY A 894 -19.91 36.77 6.47
CA GLY A 894 -20.45 37.21 7.74
C GLY A 894 -19.91 36.42 8.91
N THR A 895 -20.77 36.14 9.88
CA THR A 895 -20.36 35.42 11.07
C THR A 895 -21.55 34.72 11.75
N ASP A 896 -21.53 33.39 11.73
CA ASP A 896 -22.56 32.60 12.37
C ASP A 896 -22.36 32.59 13.89
N LEU A 897 -23.20 31.83 14.59
CA LEU A 897 -23.07 31.70 16.04
C LEU A 897 -21.80 30.94 16.39
N HIS A 898 -21.56 29.84 15.67
CA HIS A 898 -20.34 29.05 15.83
C HIS A 898 -19.12 29.91 15.54
N SER A 899 -19.21 30.72 14.49
CA SER A 899 -18.13 31.60 14.09
C SER A 899 -17.96 32.74 15.08
N LYS A 900 -19.06 33.16 15.71
CA LYS A 900 -19.02 34.23 16.69
C LYS A 900 -18.36 33.76 17.98
N THR A 901 -18.53 32.48 18.28
CA THR A 901 -17.87 31.88 19.43
C THR A 901 -16.45 31.48 19.07
N ALA A 902 -16.18 31.36 17.78
CA ALA A 902 -14.85 30.99 17.29
C ALA A 902 -13.95 32.22 17.18
N THR A 903 -14.56 33.40 17.18
CA THR A 903 -13.80 34.65 17.14
C THR A 903 -13.92 35.40 18.46
N THR A 904 -13.46 34.75 19.53
CA THR A 904 -13.52 35.35 20.86
C THR A 904 -12.19 35.91 21.43
N VAL A 905 -11.03 35.28 21.26
CA VAL A 905 -10.80 34.03 20.53
C VAL A 905 -10.34 32.92 21.48
N GLY A 906 -10.71 31.67 21.20
CA GLY A 906 -11.54 31.33 20.05
C GLY A 906 -10.76 30.62 18.97
N ILE A 907 -11.36 29.58 18.42
CA ILE A 907 -10.74 28.79 17.35
C ILE A 907 -11.76 28.39 16.29
N SER A 908 -11.46 28.71 15.04
CA SER A 908 -12.38 28.43 13.94
C SER A 908 -12.04 27.13 13.23
N ARG A 909 -13.05 26.33 12.94
CA ARG A 909 -14.43 26.63 13.30
C ARG A 909 -15.11 25.39 13.89
N GLU A 910 -14.64 24.22 13.46
CA GLU A 910 -15.20 22.95 13.91
C GLU A 910 -15.03 22.77 15.42
N HIS A 911 -13.96 23.33 15.96
CA HIS A 911 -13.66 23.23 17.39
C HIS A 911 -14.71 23.96 18.22
N ALA A 912 -15.10 25.15 17.77
CA ALA A 912 -16.13 25.92 18.44
C ALA A 912 -17.48 25.21 18.34
N LYS A 913 -17.66 24.49 17.24
CA LYS A 913 -18.87 23.69 17.04
C LYS A 913 -18.93 22.55 18.04
N ILE A 914 -17.79 21.89 18.25
CA ILE A 914 -17.68 20.82 19.24
C ILE A 914 -17.91 21.37 20.64
N PHE A 915 -17.42 22.59 20.85
CA PHE A 915 -17.57 23.26 22.15
C PHE A 915 -19.04 23.57 22.43
N ASN A 916 -19.73 24.10 21.43
CA ASN A 916 -21.14 24.44 21.57
C ASN A 916 -22.03 23.22 21.73
N TYR A 917 -21.95 22.30 20.76
CA TYR A 917 -22.76 21.09 20.79
C TYR A 917 -22.40 20.20 21.99
N GLY A 918 -21.20 20.39 22.53
CA GLY A 918 -20.80 19.69 23.74
C GLY A 918 -21.34 20.41 24.97
N ARG A 919 -21.56 21.71 24.84
CA ARG A 919 -22.11 22.52 25.92
C ARG A 919 -23.60 22.26 26.10
N ILE A 920 -24.30 22.10 24.98
CA ILE A 920 -25.73 21.87 25.00
C ILE A 920 -26.08 20.53 25.66
N TYR A 921 -25.24 19.52 25.43
CA TYR A 921 -25.52 18.19 25.95
C TYR A 921 -24.65 17.88 27.17
N GLY A 922 -24.43 18.88 28.01
CA GLY A 922 -23.66 18.70 29.23
C GLY A 922 -22.31 19.38 29.21
N ALA A 923 -22.29 20.66 29.55
CA ALA A 923 -21.06 21.43 29.59
C ALA A 923 -20.29 21.18 30.88
N GLY A 924 -19.70 20.00 31.01
CA GLY A 924 -18.90 19.66 32.16
C GLY A 924 -17.75 20.63 32.33
N GLN A 925 -17.55 21.12 33.54
CA GLN A 925 -16.48 22.09 33.80
C GLN A 925 -15.08 21.55 33.45
N PRO A 926 -14.72 20.34 33.92
CA PRO A 926 -13.38 19.87 33.54
C PRO A 926 -13.29 19.47 32.06
N PHE A 927 -14.41 19.00 31.50
CA PHE A 927 -14.45 18.61 30.10
C PHE A 927 -14.23 19.82 29.21
N ALA A 928 -15.05 20.85 29.41
CA ALA A 928 -14.89 22.10 28.68
C ALA A 928 -13.52 22.71 28.95
N GLU A 929 -13.02 22.46 30.16
CA GLU A 929 -11.70 22.95 30.54
C GLU A 929 -10.61 22.38 29.65
N ARG A 930 -10.41 21.07 29.72
CA ARG A 930 -9.32 20.45 28.97
C ARG A 930 -9.58 20.49 27.46
N LEU A 931 -10.84 20.62 27.08
CA LEU A 931 -11.19 20.73 25.65
C LEU A 931 -10.76 22.09 25.09
N LEU A 932 -11.26 23.16 25.72
CA LEU A 932 -10.93 24.51 25.27
C LEU A 932 -9.44 24.79 25.41
N MET A 933 -8.83 24.21 26.43
CA MET A 933 -7.39 24.36 26.65
C MET A 933 -6.60 23.58 25.60
N GLN A 934 -7.15 22.45 25.15
CA GLN A 934 -6.52 21.67 24.10
C GLN A 934 -6.62 22.37 22.75
N PHE A 935 -7.74 23.05 22.51
CA PHE A 935 -7.97 23.68 21.22
C PHE A 935 -7.35 25.08 21.10
N ASN A 936 -7.20 25.78 22.21
CA ASN A 936 -6.69 27.15 22.18
C ASN A 936 -5.19 27.23 22.47
N HIS A 937 -4.67 26.25 23.20
CA HIS A 937 -3.26 26.18 23.56
C HIS A 937 -2.76 27.43 24.30
N ARG A 938 -3.11 27.53 25.58
CA ARG A 938 -2.64 28.63 26.42
C ARG A 938 -2.49 28.17 27.87
N LEU A 939 -2.63 29.12 28.80
CA LEU A 939 -2.50 28.80 30.23
C LEU A 939 -3.88 28.57 30.86
N THR A 940 -3.90 27.82 31.96
CA THR A 940 -5.14 27.31 32.52
C THR A 940 -5.99 28.33 33.28
N GLN A 941 -5.35 29.36 33.82
CA GLN A 941 -6.07 30.36 34.61
C GLN A 941 -7.00 31.22 33.74
N GLN A 942 -6.42 31.88 32.74
CA GLN A 942 -7.19 32.71 31.82
C GLN A 942 -8.26 31.88 31.12
N GLU A 943 -7.90 30.65 30.78
CA GLU A 943 -8.83 29.70 30.19
C GLU A 943 -10.02 29.48 31.12
N ALA A 944 -9.73 29.20 32.40
CA ALA A 944 -10.77 28.98 33.40
C ALA A 944 -11.65 30.22 33.55
N ALA A 945 -11.06 31.39 33.38
CA ALA A 945 -11.82 32.64 33.38
C ALA A 945 -12.79 32.67 32.21
N GLU A 946 -12.30 32.29 31.03
CA GLU A 946 -13.14 32.25 29.83
C GLU A 946 -14.32 31.30 30.01
N LYS A 947 -14.04 30.13 30.58
CA LYS A 947 -15.07 29.13 30.83
C LYS A 947 -16.10 29.65 31.82
N ALA A 948 -15.62 30.26 32.90
CA ALA A 948 -16.50 30.84 33.92
C ALA A 948 -17.37 31.94 33.33
N GLN A 949 -16.85 32.63 32.32
CA GLN A 949 -17.62 33.64 31.61
C GLN A 949 -18.65 33.00 30.68
N GLN A 950 -18.31 31.82 30.16
CA GLN A 950 -19.19 31.11 29.24
C GLN A 950 -20.16 30.17 29.95
N MET A 951 -19.94 29.96 31.24
CA MET A 951 -20.83 29.10 32.03
C MET A 951 -22.03 29.87 32.57
N TYR A 952 -22.18 31.10 32.12
CA TYR A 952 -23.31 31.93 32.53
C TYR A 952 -24.60 31.45 31.88
N ALA A 953 -24.46 30.70 30.79
CA ALA A 953 -25.61 30.25 30.02
C ALA A 953 -26.42 29.18 30.75
N ALA A 954 -25.72 28.24 31.38
CA ALA A 954 -26.39 27.14 32.07
C ALA A 954 -26.91 27.56 33.45
N THR A 955 -26.25 28.55 34.06
CA THR A 955 -26.66 29.06 35.37
C THR A 955 -28.02 29.75 35.29
N LYS A 956 -28.85 29.59 36.32
CA LYS A 956 -28.49 28.83 37.52
C LYS A 956 -28.99 27.39 37.45
N GLY A 957 -30.11 27.12 38.11
CA GLY A 957 -30.69 25.80 38.13
C GLY A 957 -31.81 25.70 39.13
N LEU A 958 -31.75 24.67 39.97
CA LEU A 958 -32.78 24.43 40.99
C LEU A 958 -32.87 25.61 41.95
N LEU A 991 -33.93 18.93 54.09
CA LEU A 991 -32.86 19.12 55.06
C LEU A 991 -31.68 19.85 54.42
N ARG A 992 -30.67 19.10 54.01
CA ARG A 992 -29.52 19.66 53.32
C ARG A 992 -29.71 19.61 51.81
N LYS A 993 -29.40 20.71 51.14
CA LYS A 993 -29.63 20.83 49.71
C LYS A 993 -28.93 22.04 49.10
N VAL A 994 -29.06 22.19 47.78
CA VAL A 994 -28.54 23.36 47.09
C VAL A 994 -29.32 24.60 47.51
N GLN A 995 -28.60 25.69 47.76
CA GLN A 995 -29.19 26.90 48.31
C GLN A 995 -30.05 27.67 47.29
N ARG A 996 -31.05 26.98 46.73
CA ARG A 996 -31.99 27.61 45.80
C ARG A 996 -33.21 26.72 45.58
N GLU A 997 -34.38 27.20 45.99
CA GLU A 997 -35.62 26.43 45.85
C GLU A 997 -36.75 27.29 45.29
N THR A 998 -37.97 26.83 45.45
CA THR A 998 -39.14 27.58 45.00
C THR A 998 -39.46 28.70 45.99
N ALA A 999 -38.95 28.56 47.21
CA ALA A 999 -39.13 29.59 48.24
C ALA A 999 -38.17 30.73 47.98
N ARG A 1000 -38.48 31.90 48.55
CA ARG A 1000 -37.66 33.08 48.36
C ARG A 1000 -36.34 32.96 49.12
N LYS A 1001 -36.37 32.23 50.23
CA LYS A 1001 -35.16 31.97 51.01
C LYS A 1001 -35.15 30.52 51.51
N SER A 1002 -33.96 29.97 51.66
CA SER A 1002 -33.80 28.57 52.04
C SER A 1002 -33.89 28.36 53.55
N GLN A 1003 -33.43 29.35 54.32
CA GLN A 1003 -33.41 29.24 55.77
C GLN A 1003 -34.82 29.23 56.38
N TRP A 1004 -35.10 28.18 57.15
CA TRP A 1004 -36.38 28.04 57.84
C TRP A 1004 -36.23 27.11 59.03
N LYS A 1005 -37.29 27.02 59.84
CA LYS A 1005 -37.25 26.15 61.02
C LYS A 1005 -38.43 25.16 61.03
N LYS A 1006 -38.11 23.88 60.87
CA LYS A 1006 -39.11 22.81 60.89
C LYS A 1006 -40.24 23.07 59.90
N TRP A 1007 -39.88 23.35 58.65
CA TRP A 1007 -40.87 23.68 57.62
C TRP A 1007 -41.09 22.50 56.68
N GLU A 1008 -42.26 21.89 56.76
CA GLU A 1008 -42.60 20.74 55.94
C GLU A 1008 -42.91 21.12 54.51
N VAL A 1009 -42.00 20.79 53.60
CA VAL A 1009 -42.18 21.06 52.18
C VAL A 1009 -41.51 20.01 51.32
N VAL A 1010 -42.07 18.80 51.33
CA VAL A 1010 -41.55 17.72 50.52
C VAL A 1010 -42.34 17.63 49.21
N ALA A 1011 -43.39 18.44 49.12
CA ALA A 1011 -44.23 18.46 47.94
C ALA A 1011 -43.74 19.48 46.90
N GLU A 1012 -42.73 20.25 47.27
CA GLU A 1012 -42.20 21.27 46.37
C GLU A 1012 -40.91 20.82 45.67
N ARG A 1013 -40.21 19.87 46.29
CA ARG A 1013 -38.95 19.38 45.75
C ARG A 1013 -39.16 18.40 44.59
N ALA A 1014 -39.95 18.81 43.62
CA ALA A 1014 -40.26 17.98 42.46
C ALA A 1014 -40.00 18.75 41.16
N TRP A 1015 -39.74 20.06 41.30
CA TRP A 1015 -39.47 20.90 40.14
C TRP A 1015 -37.97 21.15 40.00
N LYS A 1016 -37.51 21.20 38.75
CA LYS A 1016 -36.11 21.45 38.45
C LYS A 1016 -35.94 22.06 37.04
N GLY A 1017 -35.18 23.13 36.96
CA GLY A 1017 -34.87 23.73 35.67
C GLY A 1017 -33.91 24.90 35.78
N GLY A 1018 -33.10 25.07 34.75
CA GLY A 1018 -32.15 26.16 34.66
C GLY A 1018 -32.81 27.50 34.48
N THR A 1019 -32.00 28.56 34.46
CA THR A 1019 -32.51 29.92 34.30
C THR A 1019 -31.74 30.72 33.24
N GLU A 1020 -32.17 31.97 33.06
CA GLU A 1020 -31.48 32.93 32.19
C GLU A 1020 -31.40 32.53 30.71
N SER A 1021 -30.18 32.41 30.20
CA SER A 1021 -29.94 32.32 28.75
C SER A 1021 -30.56 31.10 28.08
N GLU A 1022 -30.07 29.91 28.42
CA GLU A 1022 -30.43 28.70 27.67
C GLU A 1022 -31.86 28.22 27.93
N MET A 1023 -32.20 27.10 27.29
CA MET A 1023 -33.55 26.57 27.30
C MET A 1023 -33.56 25.08 27.60
N PHE A 1024 -32.59 24.62 28.39
CA PHE A 1024 -32.46 23.20 28.73
C PHE A 1024 -33.71 22.68 29.45
N ASN A 1025 -34.51 23.60 29.97
CA ASN A 1025 -35.73 23.25 30.68
C ASN A 1025 -36.72 22.49 29.81
N LYS A 1026 -36.76 22.83 28.53
CA LYS A 1026 -37.66 22.16 27.58
C LYS A 1026 -37.10 20.80 27.17
N LEU A 1027 -35.78 20.76 26.98
CA LEU A 1027 -35.11 19.51 26.62
C LEU A 1027 -35.23 18.50 27.75
N GLU A 1028 -35.32 19.01 28.98
CA GLU A 1028 -35.60 18.16 30.14
C GLU A 1028 -37.09 17.89 30.26
N SER A 1029 -37.90 18.82 29.75
CA SER A 1029 -39.35 18.66 29.79
C SER A 1029 -39.78 17.47 28.93
N ILE A 1030 -39.11 17.29 27.80
CA ILE A 1030 -39.36 16.15 26.95
C ILE A 1030 -38.68 14.91 27.55
N ALA A 1031 -37.72 15.13 28.44
CA ALA A 1031 -36.99 14.04 29.08
C ALA A 1031 -37.60 13.64 30.42
N THR A 1032 -38.74 14.25 30.75
CA THR A 1032 -39.42 13.92 32.01
C THR A 1032 -40.70 13.15 31.77
N SER A 1033 -41.29 13.31 30.60
CA SER A 1033 -42.54 12.63 30.25
C SER A 1033 -42.35 11.13 30.21
N ASP A 1034 -43.21 10.39 30.92
CA ASP A 1034 -43.17 8.94 30.91
C ASP A 1034 -43.97 8.39 29.74
N ILE A 1035 -44.32 9.28 28.82
CA ILE A 1035 -45.14 8.94 27.67
C ILE A 1035 -44.49 9.48 26.39
N PRO A 1036 -44.52 8.68 25.30
CA PRO A 1036 -43.81 8.80 24.03
C PRO A 1036 -42.71 9.87 23.88
N ARG A 1037 -42.94 11.10 24.33
CA ARG A 1037 -41.97 12.19 24.18
C ARG A 1037 -41.55 12.37 22.74
N THR A 1038 -42.46 12.83 21.89
CA THR A 1038 -42.23 12.81 20.44
C THR A 1038 -42.48 14.15 19.74
N PRO A 1039 -41.52 15.08 19.82
CA PRO A 1039 -41.71 16.35 19.12
C PRO A 1039 -40.69 16.63 18.01
N VAL A 1040 -41.11 17.06 16.81
CA VAL A 1040 -42.49 17.11 16.30
C VAL A 1040 -42.40 17.20 14.77
N LEU A 1041 -42.58 16.11 14.04
CA LEU A 1041 -42.87 14.78 14.55
C LEU A 1041 -41.63 14.14 15.21
N GLY A 1042 -41.83 13.13 16.06
CA GLY A 1042 -43.14 12.62 16.42
C GLY A 1042 -43.19 11.11 16.41
N CYS A 1043 -42.10 10.49 16.85
CA CYS A 1043 -42.00 9.03 16.90
C CYS A 1043 -41.31 8.60 18.19
N CYS A 1044 -41.98 7.78 18.99
CA CYS A 1044 -41.42 7.34 20.27
C CYS A 1044 -40.43 6.21 20.06
N ILE A 1045 -39.37 6.20 20.87
CA ILE A 1045 -38.31 5.22 20.71
C ILE A 1045 -38.00 4.44 21.98
N SER A 1046 -37.68 3.16 21.79
CA SER A 1046 -37.06 2.33 22.82
C SER A 1046 -37.89 2.13 24.08
N ARG A 1047 -38.27 0.89 24.34
CA ARG A 1047 -38.90 0.55 25.61
C ARG A 1047 -37.85 0.48 26.72
N ALA A 1048 -36.60 0.74 26.34
CA ALA A 1048 -35.47 0.62 27.26
C ALA A 1048 -34.99 1.98 27.77
N LEU A 1049 -35.45 3.05 27.14
CA LEU A 1049 -35.08 4.40 27.58
C LEU A 1049 -36.28 5.19 28.06
N GLU A 1050 -37.47 4.68 27.78
CA GLU A 1050 -38.70 5.30 28.26
C GLU A 1050 -38.74 5.23 29.78
N PRO A 1051 -38.78 6.40 30.44
CA PRO A 1051 -38.67 6.52 31.91
C PRO A 1051 -39.69 5.67 32.67
N SER A 1052 -40.75 5.25 32.01
CA SER A 1052 -41.67 4.30 32.61
C SER A 1052 -40.95 2.97 32.82
N ALA A 1053 -40.87 2.55 34.08
CA ALA A 1053 -40.17 1.34 34.49
C ALA A 1053 -38.67 1.41 34.17
N VAL A 1054 -38.14 2.61 34.07
CA VAL A 1054 -36.69 2.83 33.93
C VAL A 1054 -36.29 3.98 34.85
N GLN A 1055 -35.12 3.85 35.48
CA GLN A 1055 -34.70 4.73 36.58
C GLN A 1055 -34.87 6.26 36.40
N GLU A 1056 -34.42 6.88 35.31
CA GLU A 1056 -33.82 6.25 34.13
C GLU A 1056 -32.32 6.50 34.04
N GLU A 1057 -31.85 7.53 34.73
CA GLU A 1057 -30.44 7.91 34.84
C GLU A 1057 -29.72 8.08 33.50
N PHE A 1058 -30.47 8.05 32.40
CA PHE A 1058 -29.92 8.24 31.06
C PHE A 1058 -30.43 9.55 30.46
N MET A 1059 -30.15 10.67 31.13
CA MET A 1059 -30.72 11.96 30.75
C MET A 1059 -30.10 12.53 29.48
N THR A 1060 -28.77 12.61 29.46
CA THR A 1060 -28.03 13.17 28.33
C THR A 1060 -28.38 12.48 27.01
N SER A 1061 -28.45 11.16 27.08
CA SER A 1061 -28.81 10.35 25.91
C SER A 1061 -30.20 10.68 25.42
N ARG A 1062 -31.05 11.18 26.33
CA ARG A 1062 -32.43 11.48 25.97
C ARG A 1062 -32.61 12.92 25.48
N VAL A 1063 -31.81 13.85 25.99
CA VAL A 1063 -31.80 15.20 25.44
C VAL A 1063 -31.28 15.13 24.01
N ASN A 1064 -30.13 14.46 23.89
CA ASN A 1064 -29.55 14.15 22.59
C ASN A 1064 -30.56 13.42 21.72
N TRP A 1065 -31.33 12.51 22.32
CA TRP A 1065 -32.38 11.81 21.57
C TRP A 1065 -33.39 12.80 21.01
N VAL A 1066 -33.81 13.77 21.83
CA VAL A 1066 -34.79 14.76 21.37
C VAL A 1066 -34.28 15.55 20.17
N VAL A 1067 -33.15 16.21 20.36
CA VAL A 1067 -32.64 17.11 19.32
C VAL A 1067 -32.22 16.35 18.06
N GLN A 1068 -31.57 15.20 18.23
CA GLN A 1068 -31.10 14.42 17.11
C GLN A 1068 -32.27 13.76 16.39
N SER A 1069 -33.36 13.52 17.12
CA SER A 1069 -34.57 13.02 16.49
C SER A 1069 -35.20 14.09 15.64
N SER A 1070 -35.18 15.32 16.15
CA SER A 1070 -35.64 16.45 15.35
C SER A 1070 -34.81 16.53 14.08
N ALA A 1071 -33.50 16.27 14.20
CA ALA A 1071 -32.59 16.28 13.06
C ALA A 1071 -32.92 15.17 12.04
N VAL A 1072 -33.23 13.97 12.54
CA VAL A 1072 -33.51 12.83 11.68
C VAL A 1072 -34.87 12.96 11.00
N ASP A 1073 -35.84 13.49 11.72
CA ASP A 1073 -37.15 13.77 11.14
C ASP A 1073 -37.00 14.88 10.10
N TYR A 1074 -36.09 15.81 10.35
CA TYR A 1074 -35.73 16.82 9.36
C TYR A 1074 -35.22 16.12 8.10
N LEU A 1075 -34.34 15.14 8.28
CA LEU A 1075 -33.80 14.37 7.17
C LEU A 1075 -34.91 13.67 6.38
N HIS A 1076 -35.81 12.99 7.07
CA HIS A 1076 -36.91 12.28 6.43
C HIS A 1076 -37.81 13.22 5.65
N LEU A 1077 -38.10 14.38 6.24
CA LEU A 1077 -38.89 15.41 5.58
C LEU A 1077 -38.21 15.86 4.31
N MET A 1078 -36.89 16.06 4.38
CA MET A 1078 -36.13 16.45 3.20
C MET A 1078 -36.22 15.39 2.12
N LEU A 1079 -36.12 14.12 2.52
CA LEU A 1079 -36.18 13.02 1.58
C LEU A 1079 -37.52 12.97 0.84
N VAL A 1080 -38.61 12.91 1.60
CA VAL A 1080 -39.94 12.81 0.98
C VAL A 1080 -40.27 14.05 0.16
N ALA A 1081 -39.82 15.21 0.63
CA ALA A 1081 -40.06 16.45 -0.11
C ALA A 1081 -39.33 16.44 -1.44
N MET A 1082 -38.06 16.04 -1.41
CA MET A 1082 -37.26 15.96 -2.63
C MET A 1082 -37.81 14.91 -3.59
N LYS A 1083 -38.38 13.84 -3.05
CA LYS A 1083 -38.95 12.79 -3.86
C LYS A 1083 -40.27 13.22 -4.49
N TRP A 1084 -40.99 14.10 -3.80
CA TRP A 1084 -42.31 14.50 -4.25
C TRP A 1084 -42.25 15.35 -5.53
N LEU A 1085 -41.28 16.24 -5.63
CA LEU A 1085 -41.21 17.15 -6.78
C LEU A 1085 -40.19 16.70 -7.82
N PHE A 1086 -39.64 15.50 -7.61
CA PHE A 1086 -38.70 14.91 -8.57
C PHE A 1086 -39.43 13.99 -9.54
N GLU A 1087 -40.55 13.44 -9.09
CA GLU A 1087 -41.37 12.57 -9.92
C GLU A 1087 -42.50 13.36 -10.57
N GLU A 1088 -42.92 14.42 -9.90
CA GLU A 1088 -43.98 15.28 -10.41
C GLU A 1088 -43.49 16.09 -11.60
N PHE A 1089 -42.22 16.50 -11.56
CA PHE A 1089 -41.63 17.27 -12.64
C PHE A 1089 -40.60 16.44 -13.39
N ALA A 1090 -40.15 16.95 -14.53
CA ALA A 1090 -39.19 16.23 -15.36
C ALA A 1090 -37.76 16.41 -14.85
N ILE A 1091 -37.45 15.77 -13.73
CA ILE A 1091 -36.10 15.81 -13.18
C ILE A 1091 -35.52 14.40 -13.12
N ASP A 1092 -34.71 14.06 -14.13
CA ASP A 1092 -34.13 12.73 -14.22
C ASP A 1092 -33.04 12.52 -13.16
N GLY A 1093 -32.97 11.31 -12.62
CA GLY A 1093 -31.98 11.00 -11.60
C GLY A 1093 -32.49 11.31 -10.22
N ARG A 1094 -33.04 10.30 -9.55
CA ARG A 1094 -33.67 10.50 -8.25
C ARG A 1094 -32.89 9.79 -7.15
N PHE A 1095 -31.80 9.14 -7.52
CA PHE A 1095 -30.98 8.38 -6.57
C PHE A 1095 -30.46 9.26 -5.43
N CYS A 1096 -30.54 8.74 -4.22
CA CYS A 1096 -30.23 9.51 -3.02
C CYS A 1096 -28.94 9.05 -2.32
N ILE A 1097 -28.16 10.01 -1.83
CA ILE A 1097 -26.95 9.72 -1.05
C ILE A 1097 -26.86 10.68 0.14
N SER A 1098 -27.35 10.26 1.29
CA SER A 1098 -27.43 11.15 2.45
C SER A 1098 -26.47 10.80 3.58
N ILE A 1099 -25.90 11.83 4.20
CA ILE A 1099 -25.06 11.67 5.38
C ILE A 1099 -25.51 12.60 6.50
N HIS A 1100 -26.51 12.15 7.26
CA HIS A 1100 -27.03 12.87 8.42
C HIS A 1100 -27.45 14.30 8.11
N ASP A 1101 -26.50 15.21 8.18
CA ASP A 1101 -26.75 16.62 7.92
C ASP A 1101 -26.84 16.87 6.41
N GLU A 1102 -25.92 16.29 5.67
CA GLU A 1102 -25.80 16.56 4.24
C GLU A 1102 -26.62 15.58 3.41
N VAL A 1103 -26.94 15.96 2.19
CA VAL A 1103 -27.70 15.09 1.29
C VAL A 1103 -27.42 15.44 -0.18
N ARG A 1104 -27.03 14.43 -0.97
CA ARG A 1104 -26.66 14.65 -2.37
C ARG A 1104 -27.47 13.75 -3.31
N TYR A 1105 -28.02 14.36 -4.37
CA TYR A 1105 -28.79 13.62 -5.36
C TYR A 1105 -28.06 13.51 -6.70
N LEU A 1106 -28.12 12.33 -7.31
CA LEU A 1106 -27.45 12.09 -8.59
C LEU A 1106 -28.34 12.51 -9.76
N VAL A 1107 -28.24 13.78 -10.13
CA VAL A 1107 -29.03 14.33 -11.23
C VAL A 1107 -28.23 14.28 -12.54
N ARG A 1108 -28.65 15.07 -13.52
CA ARG A 1108 -27.92 15.16 -14.77
C ARG A 1108 -27.51 16.61 -15.07
N GLU A 1109 -26.63 16.77 -16.04
CA GLU A 1109 -26.01 18.06 -16.32
C GLU A 1109 -26.97 19.12 -16.84
N GLU A 1110 -28.12 18.67 -17.34
CA GLU A 1110 -29.10 19.60 -17.91
C GLU A 1110 -30.26 19.87 -16.95
N ASP A 1111 -30.29 19.15 -15.84
CA ASP A 1111 -31.34 19.33 -14.84
C ASP A 1111 -30.76 19.51 -13.44
N ARG A 1112 -29.62 20.19 -13.36
CA ARG A 1112 -28.93 20.37 -12.10
C ARG A 1112 -29.44 21.61 -11.34
N TYR A 1113 -29.68 22.69 -12.06
CA TYR A 1113 -30.11 23.94 -11.45
C TYR A 1113 -31.52 23.83 -10.89
N ARG A 1114 -32.39 23.13 -11.61
CA ARG A 1114 -33.75 22.92 -11.17
C ARG A 1114 -33.79 21.95 -9.99
N ALA A 1115 -32.79 21.07 -9.93
CA ALA A 1115 -32.65 20.15 -8.81
C ALA A 1115 -32.19 20.89 -7.57
N ALA A 1116 -31.28 21.85 -7.77
CA ALA A 1116 -30.83 22.71 -6.68
C ALA A 1116 -32.01 23.55 -6.18
N LEU A 1117 -32.84 23.99 -7.12
CA LEU A 1117 -34.04 24.73 -6.79
C LEU A 1117 -34.98 23.85 -5.96
N ALA A 1118 -35.05 22.58 -6.33
CA ALA A 1118 -35.85 21.61 -5.58
C ALA A 1118 -35.30 21.46 -4.17
N LEU A 1119 -33.98 21.51 -4.04
CA LEU A 1119 -33.34 21.47 -2.72
C LEU A 1119 -33.72 22.67 -1.87
N GLN A 1120 -33.71 23.84 -2.50
CA GLN A 1120 -34.08 25.07 -1.80
C GLN A 1120 -35.53 25.04 -1.34
N ILE A 1121 -36.42 24.65 -2.24
CA ILE A 1121 -37.84 24.50 -1.90
C ILE A 1121 -38.03 23.52 -0.76
N THR A 1122 -37.35 22.37 -0.86
CA THR A 1122 -37.40 21.34 0.17
C THR A 1122 -37.01 21.90 1.53
N ASN A 1123 -35.86 22.57 1.58
CA ASN A 1123 -35.38 23.16 2.82
C ASN A 1123 -36.38 24.17 3.39
N LEU A 1124 -36.93 24.99 2.50
CA LEU A 1124 -37.93 25.98 2.91
C LEU A 1124 -39.15 25.33 3.54
N LEU A 1125 -39.70 24.33 2.87
CA LEU A 1125 -40.89 23.63 3.35
C LEU A 1125 -40.64 22.90 4.66
N THR A 1126 -39.44 22.32 4.81
CA THR A 1126 -39.13 21.58 6.02
C THR A 1126 -38.95 22.54 7.20
N ARG A 1127 -38.27 23.66 6.98
CA ARG A 1127 -38.15 24.69 8.00
C ARG A 1127 -39.53 25.21 8.41
N CYS A 1128 -40.39 25.42 7.42
CA CYS A 1128 -41.76 25.87 7.68
C CYS A 1128 -42.56 24.81 8.43
N MET A 1129 -42.19 23.55 8.24
CA MET A 1129 -42.84 22.44 8.94
C MET A 1129 -42.47 22.47 10.41
N PHE A 1130 -41.17 22.58 10.68
CA PHE A 1130 -40.69 22.68 12.06
C PHE A 1130 -41.22 23.93 12.75
N ALA A 1131 -41.51 24.96 11.96
CA ALA A 1131 -42.11 26.18 12.50
C ALA A 1131 -43.59 25.97 12.80
N TYR A 1132 -44.26 25.22 11.94
CA TYR A 1132 -45.70 25.02 12.04
C TYR A 1132 -46.06 24.05 13.17
N LYS A 1133 -45.20 23.06 13.41
CA LYS A 1133 -45.47 22.06 14.44
C LYS A 1133 -45.43 22.63 15.86
N LEU A 1134 -44.96 23.87 15.99
CA LEU A 1134 -44.89 24.51 17.29
C LEU A 1134 -45.53 25.89 17.28
N GLY A 1135 -45.64 26.48 16.10
CA GLY A 1135 -46.23 27.80 15.95
C GLY A 1135 -45.20 28.89 16.20
N LEU A 1136 -45.25 29.96 15.40
CA LEU A 1136 -46.22 30.08 14.31
C LEU A 1136 -45.65 29.52 13.01
N ASN A 1137 -46.47 29.52 11.97
CA ASN A 1137 -46.03 29.07 10.65
C ASN A 1137 -45.01 30.02 10.05
N ASP A 1138 -44.96 31.24 10.58
CA ASP A 1138 -44.00 32.23 10.15
C ASP A 1138 -42.59 31.79 10.56
N LEU A 1139 -41.60 32.11 9.73
CA LEU A 1139 -40.23 31.72 10.00
C LEU A 1139 -39.26 32.86 9.65
N PRO A 1140 -38.11 32.90 10.34
CA PRO A 1140 -37.07 33.92 10.10
C PRO A 1140 -36.52 33.92 8.68
N GLN A 1141 -35.66 34.88 8.38
CA GLN A 1141 -35.11 35.02 7.03
C GLN A 1141 -33.85 34.19 6.82
N SER A 1142 -32.84 34.43 7.65
CA SER A 1142 -31.55 33.76 7.51
C SER A 1142 -31.58 32.33 8.07
N VAL A 1143 -32.55 31.53 7.60
CA VAL A 1143 -32.69 30.15 8.04
C VAL A 1143 -33.65 29.42 7.10
N ALA A 1144 -34.30 30.18 6.23
CA ALA A 1144 -35.34 29.64 5.35
C ALA A 1144 -34.74 28.83 4.20
N PHE A 1145 -33.65 29.35 3.62
CA PHE A 1145 -33.04 28.72 2.46
C PHE A 1145 -31.61 28.28 2.71
N PHE A 1146 -31.15 27.34 1.90
CA PHE A 1146 -29.77 26.88 1.96
C PHE A 1146 -28.82 28.00 1.57
N SER A 1147 -27.59 27.92 2.09
CA SER A 1147 -26.58 28.91 1.76
C SER A 1147 -25.56 28.33 0.78
N ALA A 1148 -25.34 27.02 0.87
CA ALA A 1148 -24.38 26.34 0.02
C ALA A 1148 -24.96 25.11 -0.67
N VAL A 1149 -24.96 25.13 -2.00
CA VAL A 1149 -25.42 23.98 -2.78
C VAL A 1149 -24.34 23.49 -3.74
N ASP A 1150 -23.79 22.30 -3.46
CA ASP A 1150 -22.71 21.76 -4.26
C ASP A 1150 -23.23 21.07 -5.54
N ILE A 1151 -22.71 21.49 -6.68
CA ILE A 1151 -23.12 20.94 -7.97
C ILE A 1151 -21.91 20.55 -8.82
N ASP A 1152 -21.56 19.27 -8.85
CA ASP A 1152 -20.42 18.83 -9.68
C ASP A 1152 -20.36 17.33 -9.89
N ARG A 1153 -19.24 16.86 -10.44
CA ARG A 1153 -19.09 15.47 -10.83
C ARG A 1153 -18.93 14.54 -9.63
N CYS A 1154 -17.87 14.72 -8.87
CA CYS A 1154 -17.65 13.92 -7.66
C CYS A 1154 -18.11 14.69 -6.43
N LEU A 1155 -18.55 13.97 -5.40
CA LEU A 1155 -19.03 14.62 -4.18
C LEU A 1155 -17.87 14.90 -3.23
N ARG A 1156 -17.93 16.05 -2.56
CA ARG A 1156 -16.92 16.44 -1.58
C ARG A 1156 -17.49 17.49 -0.63
N LYS A 1157 -16.62 18.14 0.13
CA LYS A 1157 -17.04 19.13 1.12
C LYS A 1157 -17.21 20.50 0.48
N GLU A 1158 -16.09 21.18 0.25
CA GLU A 1158 -16.11 22.48 -0.40
C GLU A 1158 -16.07 22.32 -1.92
N VAL A 1159 -16.40 23.37 -2.65
CA VAL A 1159 -16.41 23.31 -4.10
C VAL A 1159 -15.00 23.15 -4.68
N THR A 1160 -14.01 23.70 -3.97
CA THR A 1160 -12.61 23.57 -4.36
C THR A 1160 -11.95 22.45 -3.57
N MET A 1161 -11.36 21.49 -4.27
CA MET A 1161 -10.82 20.31 -3.61
C MET A 1161 -9.38 19.99 -4.00
N ASP A 1162 -8.51 19.90 -2.99
CA ASP A 1162 -7.15 19.44 -3.16
C ASP A 1162 -7.00 18.08 -2.49
N CYS A 1163 -5.89 17.40 -2.75
CA CYS A 1163 -5.69 16.05 -2.23
C CYS A 1163 -4.23 15.68 -2.03
N LYS A 1164 -3.99 14.47 -1.53
CA LYS A 1164 -2.64 14.03 -1.22
C LYS A 1164 -2.13 12.99 -2.22
N THR A 1165 -2.74 11.81 -2.23
CA THR A 1165 -2.23 10.68 -3.02
C THR A 1165 -2.12 11.00 -4.52
N PRO A 1166 -3.18 11.53 -5.15
CA PRO A 1166 -2.98 11.82 -6.57
C PRO A 1166 -2.26 13.16 -6.78
N SER A 1167 -1.98 13.86 -5.68
CA SER A 1167 -1.28 15.14 -5.71
C SER A 1167 -2.04 16.20 -6.50
N ASN A 1168 -2.22 15.95 -7.80
CA ASN A 1168 -2.99 16.84 -8.65
C ASN A 1168 -4.40 16.32 -8.93
N PRO A 1169 -5.42 17.03 -8.41
CA PRO A 1169 -6.82 16.64 -8.61
C PRO A 1169 -7.32 16.87 -10.04
N THR A 1170 -7.18 18.10 -10.54
CA THR A 1170 -7.56 18.43 -11.91
C THR A 1170 -6.55 17.82 -12.89
N GLY A 1171 -5.38 17.47 -12.37
CA GLY A 1171 -4.37 16.78 -13.15
C GLY A 1171 -4.90 15.43 -13.59
N MET A 1172 -5.71 14.83 -12.73
CA MET A 1172 -6.47 13.64 -13.10
C MET A 1172 -7.78 14.08 -13.73
N GLU A 1173 -8.46 13.18 -14.41
CA GLU A 1173 -9.68 13.52 -15.13
C GLU A 1173 -10.79 13.96 -14.19
N ARG A 1174 -10.81 15.26 -13.88
CA ARG A 1174 -11.83 15.83 -13.01
C ARG A 1174 -12.34 17.16 -13.57
N ARG A 1175 -13.20 17.83 -12.81
CA ARG A 1175 -13.69 19.16 -13.20
C ARG A 1175 -13.57 20.12 -12.03
N TYR A 1176 -14.61 20.92 -11.82
CA TYR A 1176 -14.63 21.89 -10.74
C TYR A 1176 -16.03 22.03 -10.15
N GLY A 1177 -16.14 22.77 -9.06
CA GLY A 1177 -17.41 22.96 -8.39
C GLY A 1177 -17.94 24.38 -8.53
N ILE A 1178 -19.17 24.59 -8.07
CA ILE A 1178 -19.79 25.91 -8.13
C ILE A 1178 -20.61 26.21 -6.87
N PRO A 1179 -20.26 27.30 -6.17
CA PRO A 1179 -21.00 27.76 -4.99
C PRO A 1179 -22.41 28.20 -5.34
N GLN A 1180 -23.37 27.91 -4.47
CA GLN A 1180 -24.77 28.27 -4.74
C GLN A 1180 -25.62 28.33 -3.48
N GLY A 1181 -26.23 29.49 -3.22
CA GLY A 1181 -26.11 30.64 -4.10
C GLY A 1181 -27.41 31.39 -4.27
N GLU A 1182 -27.40 32.41 -5.12
CA GLU A 1182 -28.58 33.22 -5.40
C GLU A 1182 -28.91 33.23 -6.88
N ALA A 1183 -28.00 32.70 -7.69
CA ALA A 1183 -28.18 32.68 -9.14
C ALA A 1183 -29.08 31.53 -9.59
N LEU A 1184 -29.33 30.59 -8.69
CA LEU A 1184 -30.18 29.44 -9.02
C LEU A 1184 -31.64 29.78 -8.73
N ASP A 1185 -31.88 30.94 -8.14
CA ASP A 1185 -33.23 31.37 -7.80
C ASP A 1185 -33.92 32.05 -8.99
N ILE A 1186 -33.42 31.79 -10.19
CA ILE A 1186 -34.00 32.35 -11.41
C ILE A 1186 -34.56 31.25 -12.31
N TYR A 1187 -34.20 30.00 -12.01
CA TYR A 1187 -34.71 28.86 -12.75
C TYR A 1187 -35.83 28.17 -11.98
N GLN A 1188 -37.06 28.38 -12.43
CA GLN A 1188 -38.22 27.81 -11.74
C GLN A 1188 -38.30 26.30 -11.92
N ILE A 1189 -39.22 25.68 -11.18
CA ILE A 1189 -39.35 24.23 -11.17
C ILE A 1189 -39.95 23.71 -12.48
N ILE A 1190 -40.52 24.62 -13.27
CA ILE A 1190 -41.08 24.28 -14.57
C ILE A 1190 -39.96 23.90 -15.53
N GLU A 1191 -40.25 22.97 -16.44
CA GLU A 1191 -39.26 22.46 -17.39
C GLU A 1191 -38.69 23.57 -18.27
N LEU A 1192 -39.56 24.43 -18.77
CA LEU A 1192 -39.15 25.49 -19.69
C LEU A 1192 -38.48 26.65 -18.95
N THR A 1193 -37.15 26.60 -18.89
CA THR A 1193 -36.36 27.66 -18.28
C THR A 1193 -35.32 28.20 -19.26
N LYS A 1194 -34.53 29.17 -18.79
CA LYS A 1194 -33.45 29.77 -19.57
C LYS A 1194 -33.95 30.38 -20.88
N ALA B 68 33.12 11.71 6.01
CA ALA B 68 34.28 11.97 5.17
C ALA B 68 35.53 11.33 5.76
N LEU B 69 35.35 10.14 6.34
CA LEU B 69 36.46 9.41 6.96
C LEU B 69 36.30 7.91 6.74
N LEU B 70 35.33 7.53 5.93
CA LEU B 70 35.09 6.13 5.61
C LEU B 70 35.93 5.68 4.43
N GLU B 71 36.69 6.62 3.87
CA GLU B 71 37.56 6.34 2.73
C GLU B 71 38.58 5.27 3.09
N ILE B 72 39.06 5.32 4.32
CA ILE B 72 40.02 4.34 4.82
C ILE B 72 39.41 2.94 4.81
N CYS B 73 38.10 2.87 5.05
CA CYS B 73 37.40 1.59 5.01
C CYS B 73 37.24 1.13 3.57
N GLN B 74 37.20 2.08 2.64
CA GLN B 74 37.08 1.77 1.22
C GLN B 74 38.41 1.30 0.65
N ARG B 75 39.50 1.77 1.24
CA ARG B 75 40.83 1.38 0.78
C ARG B 75 41.27 0.07 1.43
N ARG B 76 41.05 -0.04 2.74
CA ARG B 76 41.40 -1.25 3.49
C ARG B 76 40.68 -2.46 2.92
N HIS B 77 39.38 -2.30 2.70
CA HIS B 77 38.58 -3.32 2.06
C HIS B 77 38.13 -2.78 0.70
N PHE B 78 38.70 -3.35 -0.35
CA PHE B 78 38.67 -2.75 -1.67
C PHE B 78 37.29 -2.63 -2.30
N LEU B 79 36.57 -1.59 -1.91
CA LEU B 79 35.37 -1.18 -2.64
C LEU B 79 35.77 -0.05 -3.59
N SER B 80 37.00 0.43 -3.44
CA SER B 80 37.56 1.46 -4.31
C SER B 80 39.06 1.28 -4.49
N GLY B 81 39.69 2.21 -5.21
CA GLY B 81 41.13 2.17 -5.40
C GLY B 81 41.86 2.55 -4.13
N SER B 82 43.09 2.06 -3.98
CA SER B 82 43.88 2.34 -2.78
C SER B 82 44.64 3.65 -2.92
N LYS B 83 44.43 4.34 -4.04
CA LYS B 83 45.06 5.63 -4.28
C LYS B 83 44.52 6.68 -3.32
N GLN B 84 45.41 7.51 -2.80
CA GLN B 84 45.00 8.59 -1.90
C GLN B 84 44.28 9.68 -2.66
N GLN B 85 44.63 9.85 -3.93
CA GLN B 85 44.00 10.87 -4.76
C GLN B 85 42.62 10.42 -5.23
N LEU B 86 41.66 10.46 -4.31
CA LEU B 86 40.27 10.12 -4.62
C LEU B 86 39.34 11.21 -4.08
N SER B 87 39.59 12.44 -4.52
CA SER B 87 38.78 13.58 -4.06
C SER B 87 37.34 13.44 -4.52
N ARG B 88 36.47 14.29 -3.99
CA ARG B 88 35.07 14.29 -4.37
C ARG B 88 34.92 14.62 -5.85
N ASP B 89 35.80 15.49 -6.34
CA ASP B 89 35.79 15.90 -7.74
C ASP B 89 36.18 14.75 -8.66
N SER B 90 37.22 14.02 -8.27
CA SER B 90 37.73 12.89 -9.07
C SER B 90 36.72 11.75 -9.11
N LEU B 91 35.85 11.67 -8.11
CA LEU B 91 34.83 10.63 -8.06
C LEU B 91 33.57 11.04 -8.79
N LEU B 92 33.21 12.31 -8.66
CA LEU B 92 31.99 12.83 -9.29
C LEU B 92 32.17 13.07 -10.78
N SER B 93 33.42 13.23 -11.21
CA SER B 93 33.71 13.47 -12.62
C SER B 93 33.94 12.15 -13.37
N GLY B 94 34.20 11.08 -12.61
CA GLY B 94 34.44 9.78 -13.20
C GLY B 94 35.87 9.61 -13.65
N CYS B 95 36.76 10.44 -13.11
CA CYS B 95 38.18 10.38 -13.45
C CYS B 95 38.94 9.49 -12.46
N HIS B 96 38.20 8.76 -11.65
CA HIS B 96 38.80 7.84 -10.68
C HIS B 96 39.48 6.68 -11.40
N PRO B 97 40.57 6.17 -10.81
CA PRO B 97 41.36 5.08 -11.42
C PRO B 97 40.59 3.77 -11.57
N GLY B 98 39.44 3.66 -10.91
CA GLY B 98 38.64 2.45 -11.00
C GLY B 98 38.16 1.98 -9.65
N PHE B 99 37.17 1.10 -9.66
CA PHE B 99 36.60 0.58 -8.42
C PHE B 99 37.23 -0.77 -8.07
N GLY B 100 37.17 -1.13 -6.79
CA GLY B 100 37.69 -2.41 -6.34
C GLY B 100 36.72 -3.52 -6.65
N PRO B 101 37.11 -4.77 -6.35
CA PRO B 101 36.25 -5.94 -6.60
C PRO B 101 34.92 -5.87 -5.86
N LEU B 102 34.95 -5.46 -4.60
CA LEU B 102 33.74 -5.32 -3.81
C LEU B 102 32.89 -4.17 -4.33
N GLY B 103 33.56 -3.15 -4.87
CA GLY B 103 32.88 -1.98 -5.40
C GLY B 103 32.22 -2.27 -6.73
N VAL B 104 32.91 -3.03 -7.57
CA VAL B 104 32.37 -3.39 -8.88
C VAL B 104 31.32 -4.49 -8.73
N GLU B 105 31.38 -5.23 -7.62
CA GLU B 105 30.38 -6.23 -7.32
C GLU B 105 29.12 -5.56 -6.78
N LEU B 106 29.32 -4.56 -5.92
CA LEU B 106 28.23 -3.73 -5.43
C LEU B 106 27.53 -3.07 -6.61
N ARG B 107 28.31 -2.47 -7.50
CA ARG B 107 27.75 -1.82 -8.69
C ARG B 107 27.08 -2.84 -9.59
N LYS B 108 27.62 -4.05 -9.63
CA LYS B 108 27.02 -5.13 -10.41
C LYS B 108 25.62 -5.45 -9.91
N ASN B 109 25.51 -5.68 -8.60
CA ASN B 109 24.22 -6.01 -7.99
C ASN B 109 23.24 -4.84 -8.08
N LEU B 110 23.76 -3.62 -8.03
CA LEU B 110 22.93 -2.44 -8.15
C LEU B 110 22.33 -2.34 -9.56
N ALA B 111 23.18 -2.58 -10.56
CA ALA B 111 22.77 -2.54 -11.95
C ALA B 111 21.80 -3.68 -12.28
N ALA B 112 22.04 -4.83 -11.67
CA ALA B 112 21.15 -5.97 -11.83
C ALA B 112 19.79 -5.66 -11.20
N GLU B 113 19.83 -4.98 -10.06
CA GLU B 113 18.61 -4.60 -9.37
C GLU B 113 17.83 -3.56 -10.18
N TRP B 114 18.56 -2.75 -10.94
CA TRP B 114 17.95 -1.84 -11.91
C TRP B 114 17.26 -2.64 -13.00
N TRP B 115 18.01 -3.57 -13.59
CA TRP B 115 17.53 -4.36 -14.71
C TRP B 115 16.30 -5.18 -14.36
N THR B 116 16.20 -5.57 -13.08
CA THR B 116 15.05 -6.35 -12.63
C THR B 116 13.83 -5.46 -12.47
N SER B 117 13.99 -4.31 -11.84
CA SER B 117 12.87 -3.43 -11.53
C SER B 117 12.61 -2.39 -12.63
N VAL B 118 13.06 -2.66 -13.85
CA VAL B 118 12.81 -1.76 -14.98
C VAL B 118 12.49 -2.52 -16.26
N VAL B 119 13.27 -3.57 -16.55
CA VAL B 119 13.15 -4.27 -17.82
C VAL B 119 12.34 -5.55 -17.73
N VAL B 120 12.70 -6.40 -16.77
CA VAL B 120 12.10 -7.73 -16.69
C VAL B 120 10.60 -7.69 -16.36
N PHE B 121 10.25 -7.16 -15.20
CA PHE B 121 8.88 -7.17 -14.73
C PHE B 121 7.92 -6.41 -15.63
N ARG B 122 8.38 -5.29 -16.18
CA ARG B 122 7.54 -4.49 -17.07
C ARG B 122 7.72 -4.91 -18.52
N GLU B 123 6.60 -5.27 -19.16
CA GLU B 123 6.60 -5.64 -20.57
C GLU B 123 6.76 -4.39 -21.43
N GLN B 124 6.84 -4.59 -22.74
CA GLN B 124 7.03 -3.51 -23.71
C GLN B 124 8.39 -2.81 -23.52
N VAL B 125 9.29 -3.46 -22.80
CA VAL B 125 10.64 -2.92 -22.60
C VAL B 125 11.69 -3.96 -22.96
N PHE B 126 12.52 -3.61 -23.94
CA PHE B 126 13.48 -4.55 -24.48
C PHE B 126 14.90 -3.98 -24.43
N PRO B 127 15.90 -4.86 -24.22
CA PRO B 127 17.31 -4.46 -24.17
C PRO B 127 17.84 -3.99 -25.52
N VAL B 128 18.61 -2.92 -25.52
CA VAL B 128 19.17 -2.39 -26.76
C VAL B 128 20.70 -2.31 -26.65
N ASP B 129 21.38 -2.62 -27.75
CA ASP B 129 22.83 -2.53 -27.78
C ASP B 129 23.31 -1.39 -28.67
N ALA B 130 23.71 -0.30 -28.04
CA ALA B 130 24.24 0.85 -28.76
C ALA B 130 25.77 0.82 -28.75
N LEU B 131 26.38 1.28 -29.84
CA LEU B 131 27.83 1.30 -29.96
C LEU B 131 28.42 2.44 -29.12
N HIS B 132 29.72 2.36 -28.86
CA HIS B 132 30.40 3.36 -28.04
C HIS B 132 30.86 4.56 -28.87
N HIS B 133 30.93 4.38 -30.18
CA HIS B 133 31.43 5.44 -31.06
C HIS B 133 30.53 5.65 -32.28
N LYS B 134 31.00 6.47 -33.21
CA LYS B 134 30.31 6.70 -34.47
C LYS B 134 31.18 6.26 -35.65
N PRO B 135 30.55 5.68 -36.68
CA PRO B 135 31.25 5.21 -37.88
C PRO B 135 32.03 6.32 -38.59
N GLY B 136 31.51 7.54 -38.53
CA GLY B 136 32.17 8.67 -39.16
C GLY B 136 33.45 9.08 -38.44
N ARG B 146 40.00 11.83 -31.16
CA ARG B 146 38.70 11.22 -31.33
C ARG B 146 37.86 11.26 -30.06
N LYS B 147 36.57 11.56 -30.23
CA LYS B 147 35.64 11.65 -29.10
C LYS B 147 34.56 10.57 -29.20
N LEU B 148 34.07 10.12 -28.05
CA LEU B 148 33.09 9.05 -28.01
C LEU B 148 31.67 9.55 -27.69
N ARG B 149 30.83 8.65 -27.18
CA ARG B 149 29.45 9.00 -26.85
C ARG B 149 29.34 9.68 -25.49
N GLU B 150 28.51 10.72 -25.42
CA GLU B 150 28.24 11.41 -24.16
C GLU B 150 27.01 10.81 -23.47
N ASN B 151 26.11 10.27 -24.28
CA ASN B 151 24.89 9.65 -23.77
C ASN B 151 24.44 8.50 -24.65
N LEU B 152 23.94 7.43 -24.03
CA LEU B 152 23.52 6.25 -24.78
C LEU B 152 22.04 6.34 -25.15
N LEU B 153 21.54 7.56 -25.24
CA LEU B 153 20.17 7.81 -25.68
C LEU B 153 20.05 7.71 -27.19
N HIS B 154 20.96 8.38 -27.89
CA HIS B 154 20.92 8.46 -29.35
C HIS B 154 21.05 7.08 -30.00
N GLY B 155 22.02 6.30 -29.53
CA GLY B 155 22.23 4.96 -30.02
C GLY B 155 20.99 4.09 -29.87
N ALA B 156 20.22 4.36 -28.82
CA ALA B 156 18.96 3.67 -28.61
C ALA B 156 17.89 4.19 -29.56
N LEU B 157 17.93 5.49 -29.83
CA LEU B 157 16.99 6.11 -30.76
C LEU B 157 17.18 5.58 -32.18
N GLU B 158 18.40 5.14 -32.48
CA GLU B 158 18.70 4.57 -33.79
C GLU B 158 18.07 3.20 -33.99
N HIS B 159 17.68 2.56 -32.89
CA HIS B 159 17.06 1.24 -32.98
C HIS B 159 15.55 1.31 -32.78
N TYR B 160 14.95 2.43 -33.18
CA TYR B 160 13.53 2.62 -32.96
C TYR B 160 12.65 1.78 -33.88
N VAL B 161 12.99 1.75 -35.16
CA VAL B 161 12.16 1.08 -36.16
C VAL B 161 12.13 -0.44 -35.97
N ASN B 162 13.31 -1.04 -35.87
CA ASN B 162 13.43 -2.48 -35.69
C ASN B 162 12.74 -2.95 -34.42
N CYS B 163 12.82 -2.15 -33.36
CA CYS B 163 12.16 -2.49 -32.12
C CYS B 163 10.67 -2.18 -32.18
N LEU B 164 10.27 -1.36 -33.15
CA LEU B 164 8.86 -1.13 -33.43
C LEU B 164 8.28 -2.33 -34.17
N ASP B 165 9.16 -3.04 -34.89
CA ASP B 165 8.74 -4.19 -35.66
C ASP B 165 8.46 -5.42 -34.78
N LEU B 166 9.22 -5.57 -33.71
CA LEU B 166 9.06 -6.72 -32.83
C LEU B 166 7.93 -6.52 -31.83
N VAL B 167 7.47 -5.28 -31.70
CA VAL B 167 6.37 -4.95 -30.80
C VAL B 167 5.08 -4.73 -31.59
N ASN B 168 5.20 -4.84 -32.92
CA ASN B 168 4.07 -4.67 -33.83
C ASN B 168 3.42 -3.30 -33.72
N LYS B 169 4.25 -2.26 -33.66
CA LYS B 169 3.80 -0.87 -33.61
C LYS B 169 2.84 -0.60 -32.44
N ARG B 170 3.10 -1.25 -31.31
CA ARG B 170 2.28 -1.05 -30.12
C ARG B 170 3.00 -0.22 -29.06
N LEU B 171 2.86 1.10 -29.14
CA LEU B 171 3.42 2.00 -28.13
C LEU B 171 2.33 2.33 -27.11
N PRO B 172 2.72 2.71 -25.88
CA PRO B 172 4.06 3.00 -25.35
C PRO B 172 4.98 1.78 -25.21
N TYR B 173 6.26 1.97 -25.51
CA TYR B 173 7.26 0.92 -25.36
C TYR B 173 8.64 1.54 -25.20
N GLY B 174 9.52 0.86 -24.49
CA GLY B 174 10.81 1.42 -24.17
C GLY B 174 12.02 0.56 -24.48
N LEU B 175 13.19 1.21 -24.51
CA LEU B 175 14.46 0.52 -24.72
C LEU B 175 15.41 0.86 -23.59
N ALA B 176 15.93 -0.15 -22.92
CA ALA B 176 16.86 0.08 -21.81
C ALA B 176 18.25 -0.44 -22.12
N GLN B 177 19.25 0.17 -21.51
CA GLN B 177 20.64 -0.25 -21.68
C GLN B 177 21.52 0.32 -20.57
N ILE B 178 22.41 -0.51 -20.04
CA ILE B 178 23.39 -0.07 -19.05
C ILE B 178 24.77 -0.05 -19.68
N GLY B 179 25.25 1.14 -20.02
CA GLY B 179 26.54 1.29 -20.69
C GLY B 179 27.35 2.45 -20.16
N VAL B 180 28.67 2.36 -20.31
CA VAL B 180 29.55 3.43 -19.83
C VAL B 180 29.63 4.56 -20.84
N CYS B 181 29.47 5.79 -20.35
CA CYS B 181 29.58 6.96 -21.21
C CYS B 181 30.86 7.72 -20.91
N PHE B 182 31.31 8.52 -21.89
CA PHE B 182 32.54 9.29 -21.75
C PHE B 182 32.24 10.78 -21.76
N HIS B 183 32.62 11.46 -20.69
CA HIS B 183 32.36 12.88 -20.55
C HIS B 183 33.66 13.69 -20.58
N PRO B 184 33.74 14.65 -21.52
CA PRO B 184 34.89 15.56 -21.59
C PRO B 184 34.91 16.53 -20.42
N VAL B 185 36.01 16.56 -19.67
CA VAL B 185 36.11 17.40 -18.49
C VAL B 185 37.36 18.29 -18.51
N PHE B 186 37.14 19.59 -18.39
CA PHE B 186 38.23 20.56 -18.29
C PHE B 186 38.60 20.78 -16.84
N ASP B 187 39.63 20.07 -16.38
CA ASP B 187 40.05 20.16 -14.99
C ASP B 187 40.73 21.50 -14.70
N THR B 188 40.12 22.27 -13.80
CA THR B 188 40.66 23.58 -13.42
C THR B 188 41.37 23.51 -12.07
N LYS B 196 40.94 19.34 -19.57
CA LYS B 196 41.71 18.77 -20.67
C LYS B 196 41.64 17.25 -20.68
N SER B 197 40.99 16.69 -19.66
CA SER B 197 40.92 15.24 -19.55
C SER B 197 39.53 14.71 -19.88
N ILE B 198 39.36 13.39 -19.79
CA ILE B 198 38.09 12.77 -20.10
C ILE B 198 37.74 11.70 -19.08
N GLY B 199 36.57 11.83 -18.46
CA GLY B 199 36.15 10.91 -17.42
C GLY B 199 34.99 10.04 -17.84
N GLU B 200 35.14 8.73 -17.70
CA GLU B 200 34.10 7.79 -18.06
C GLU B 200 33.30 7.35 -16.83
N LYS B 201 32.02 7.08 -17.04
CA LYS B 201 31.16 6.62 -15.96
C LYS B 201 29.98 5.80 -16.48
N THR B 202 29.71 4.69 -15.79
CA THR B 202 28.63 3.79 -16.16
C THR B 202 27.27 4.41 -15.91
N GLU B 203 26.42 4.39 -16.93
CA GLU B 203 25.07 4.94 -16.81
C GLU B 203 24.03 3.95 -17.29
N ALA B 204 22.90 3.90 -16.59
CA ALA B 204 21.78 3.07 -16.99
C ALA B 204 20.66 3.95 -17.54
N SER B 205 20.40 3.86 -18.83
CA SER B 205 19.40 4.70 -19.48
C SER B 205 18.23 3.90 -20.03
N LEU B 206 17.03 4.48 -19.90
CA LEU B 206 15.82 3.92 -20.47
C LEU B 206 15.11 5.00 -21.29
N VAL B 207 14.95 4.74 -22.58
CA VAL B 207 14.21 5.64 -23.46
C VAL B 207 12.79 5.11 -23.68
N TRP B 208 11.80 5.86 -23.20
CA TRP B 208 10.41 5.45 -23.20
C TRP B 208 9.60 6.14 -24.29
N PHE B 209 9.36 5.45 -25.40
CA PHE B 209 8.56 5.99 -26.49
C PHE B 209 7.08 5.93 -26.14
N THR B 210 6.48 7.10 -25.93
CA THR B 210 5.10 7.19 -25.46
C THR B 210 4.28 8.22 -26.24
N PRO B 211 3.00 7.92 -26.49
CA PRO B 211 2.09 8.83 -27.20
C PRO B 211 1.99 10.20 -26.52
N PRO B 212 1.82 11.26 -27.32
CA PRO B 212 1.73 12.65 -26.84
C PRO B 212 0.59 12.87 -25.87
N ARG B 213 -0.47 12.08 -26.00
CA ARG B 213 -1.65 12.21 -25.15
C ARG B 213 -1.35 11.84 -23.70
N THR B 214 -0.39 10.95 -23.51
CA THR B 214 -0.08 10.44 -22.17
C THR B 214 1.40 10.58 -21.81
N SER B 215 2.05 11.61 -22.36
CA SER B 215 3.47 11.84 -22.11
C SER B 215 3.74 12.26 -20.66
N ASN B 216 3.07 13.30 -20.21
CA ASN B 216 3.24 13.82 -18.85
C ASN B 216 2.90 12.78 -17.79
N GLN B 217 1.86 11.99 -18.07
CA GLN B 217 1.43 10.95 -17.16
C GLN B 217 2.54 9.91 -16.98
N TRP B 218 3.17 9.51 -18.08
CA TRP B 218 4.27 8.56 -18.02
C TRP B 218 5.50 9.19 -17.37
N LEU B 219 5.65 10.50 -17.54
CA LEU B 219 6.75 11.22 -16.91
C LEU B 219 6.62 11.17 -15.39
N ASP B 220 5.43 11.48 -14.90
CA ASP B 220 5.15 11.44 -13.47
C ASP B 220 5.26 10.01 -12.94
N PHE B 221 4.76 9.07 -13.74
CA PHE B 221 4.84 7.65 -13.41
C PHE B 221 6.29 7.23 -13.16
N TRP B 222 7.13 7.45 -14.17
CA TRP B 222 8.53 7.06 -14.08
C TRP B 222 9.26 7.84 -13.00
N LEU B 223 8.88 9.09 -12.80
CA LEU B 223 9.44 9.88 -11.71
C LEU B 223 9.21 9.18 -10.38
N ARG B 224 7.96 8.90 -10.08
CA ARG B 224 7.58 8.26 -8.82
C ARG B 224 8.21 6.87 -8.66
N HIS B 225 8.28 6.11 -9.74
CA HIS B 225 8.77 4.74 -9.66
C HIS B 225 10.29 4.65 -9.54
N ARG B 226 10.99 5.52 -10.27
CA ARG B 226 12.44 5.62 -10.15
C ARG B 226 12.82 6.10 -8.75
N LEU B 227 12.21 7.20 -8.33
CA LEU B 227 12.46 7.75 -7.01
C LEU B 227 12.15 6.71 -5.93
N GLN B 228 11.13 5.89 -6.15
CA GLN B 228 10.80 4.82 -5.22
C GLN B 228 11.87 3.74 -5.22
N TRP B 229 12.41 3.45 -6.40
CA TRP B 229 13.45 2.43 -6.53
C TRP B 229 14.74 2.86 -5.84
N TRP B 230 14.98 4.16 -5.83
CA TRP B 230 16.20 4.67 -5.21
C TRP B 230 15.99 4.90 -3.71
N ARG B 231 14.76 5.18 -3.30
CA ARG B 231 14.47 5.46 -1.89
C ARG B 231 14.46 4.20 -1.05
N LYS B 232 14.37 3.04 -1.69
CA LYS B 232 14.60 1.78 -0.98
C LYS B 232 16.09 1.47 -1.06
N PHE B 233 16.50 0.36 -0.44
CA PHE B 233 17.91 0.00 -0.26
C PHE B 233 18.64 1.00 0.65
N ALA B 234 17.93 2.02 1.11
CA ALA B 234 18.54 3.09 1.89
C ALA B 234 18.17 2.99 3.37
N MET B 235 19.12 3.38 4.21
CA MET B 235 18.89 3.37 5.65
C MET B 235 18.19 4.67 6.05
N SER B 236 18.30 5.67 5.18
CA SER B 236 17.63 6.95 5.38
C SER B 236 17.14 7.49 4.04
N PRO B 237 15.93 7.09 3.64
CA PRO B 237 15.32 7.47 2.35
C PRO B 237 15.07 8.97 2.22
N SER B 238 15.22 9.71 3.32
CA SER B 238 14.95 11.15 3.32
C SER B 238 15.99 11.93 2.52
N ASN B 239 17.13 11.31 2.26
CA ASN B 239 18.21 11.97 1.52
C ASN B 239 17.89 12.13 0.04
N PHE B 240 17.39 11.06 -0.58
CA PHE B 240 17.01 11.10 -1.99
C PHE B 240 15.80 11.99 -2.21
N SER B 241 15.94 12.97 -3.11
CA SER B 241 14.85 13.89 -3.38
C SER B 241 14.63 14.06 -4.88
N SER B 242 13.57 14.78 -5.24
CA SER B 242 13.28 15.05 -6.64
C SER B 242 13.00 16.53 -6.87
N SER B 243 13.23 16.98 -8.10
CA SER B 243 13.08 18.38 -8.45
C SER B 243 12.41 18.53 -9.81
N ASP B 244 11.28 19.22 -9.83
CA ASP B 244 10.55 19.50 -11.07
C ASP B 244 11.13 20.73 -11.75
N CYS B 245 11.51 20.58 -13.02
CA CYS B 245 12.13 21.66 -13.76
C CYS B 245 11.67 21.68 -15.21
N GLN B 246 11.74 22.85 -15.85
CA GLN B 246 11.35 22.98 -17.24
C GLN B 246 12.55 23.23 -18.14
N ASP B 247 12.37 22.99 -19.43
CA ASP B 247 13.44 23.16 -20.41
C ASP B 247 13.55 24.63 -20.82
N GLU B 248 14.50 24.94 -21.68
CA GLU B 248 14.66 26.30 -22.18
C GLU B 248 13.53 26.65 -23.15
N GLU B 249 12.91 25.62 -23.71
CA GLU B 249 11.79 25.79 -24.62
C GLU B 249 10.46 25.66 -23.88
N GLY B 250 10.42 24.75 -22.91
CA GLY B 250 9.23 24.57 -22.09
C GLY B 250 8.96 23.12 -21.73
N ARG B 251 9.77 22.21 -22.26
CA ARG B 251 9.61 20.78 -22.01
C ARG B 251 9.77 20.47 -20.53
N LYS B 252 8.83 19.71 -19.98
CA LYS B 252 8.84 19.34 -18.58
C LYS B 252 9.86 18.24 -18.30
N GLY B 253 10.39 18.22 -17.09
CA GLY B 253 11.38 17.23 -16.71
C GLY B 253 11.62 17.17 -15.21
N ASN B 254 12.27 16.11 -14.76
CA ASN B 254 12.53 15.91 -13.33
C ASN B 254 13.93 15.38 -13.05
N LYS B 255 14.58 15.97 -12.04
CA LYS B 255 15.91 15.53 -11.63
C LYS B 255 15.85 14.82 -10.28
N LEU B 256 16.76 13.87 -10.07
CA LEU B 256 16.85 13.17 -8.80
C LEU B 256 18.16 13.48 -8.09
N TYR B 257 18.08 13.86 -6.82
CA TYR B 257 19.27 14.20 -6.06
C TYR B 257 19.48 13.25 -4.88
N TYR B 258 20.74 13.13 -4.46
CA TYR B 258 21.04 12.46 -3.21
C TYR B 258 21.77 13.43 -2.29
N ASN B 259 21.40 13.45 -1.02
CA ASN B 259 22.02 14.36 -0.08
C ASN B 259 23.33 13.80 0.48
N PHE B 260 24.43 14.16 -0.16
CA PHE B 260 25.77 13.85 0.34
C PHE B 260 26.09 14.78 1.51
N PRO B 261 27.08 14.41 2.35
CA PRO B 261 27.49 15.23 3.50
C PRO B 261 27.88 16.68 3.16
N TRP B 262 28.09 16.98 1.89
CA TRP B 262 28.47 18.33 1.49
C TRP B 262 27.38 19.02 0.67
N GLY B 263 26.25 18.36 0.53
CA GLY B 263 25.14 18.91 -0.23
C GLY B 263 24.52 17.89 -1.16
N LYS B 264 23.43 18.27 -1.82
CA LYS B 264 22.75 17.37 -2.76
C LYS B 264 23.55 17.22 -4.05
N GLU B 265 23.34 16.11 -4.75
CA GLU B 265 24.05 15.83 -5.99
C GLU B 265 23.16 15.08 -6.97
N LEU B 266 23.22 15.47 -8.24
CA LEU B 266 22.43 14.84 -9.29
C LEU B 266 22.84 13.38 -9.50
N ILE B 267 21.85 12.48 -9.49
CA ILE B 267 22.12 11.06 -9.66
C ILE B 267 21.32 10.44 -10.80
N GLU B 268 20.22 11.09 -11.17
CA GLU B 268 19.37 10.59 -12.25
C GLU B 268 18.50 11.71 -12.80
N THR B 269 18.33 11.74 -14.12
CA THR B 269 17.58 12.80 -14.78
C THR B 269 16.49 12.22 -15.69
N LEU B 270 15.33 12.87 -15.69
CA LEU B 270 14.20 12.45 -16.53
C LEU B 270 13.65 13.61 -17.35
N TRP B 271 13.55 13.42 -18.65
CA TRP B 271 13.08 14.48 -19.56
C TRP B 271 12.07 13.98 -20.58
N ASN B 272 11.26 14.90 -21.07
CA ASN B 272 10.23 14.59 -22.06
C ASN B 272 10.49 15.27 -23.39
N LEU B 273 11.27 14.63 -24.24
CA LEU B 273 11.64 15.18 -25.54
C LEU B 273 10.47 15.12 -26.52
N GLY B 274 10.11 16.27 -27.07
CA GLY B 274 8.96 16.37 -27.96
C GLY B 274 9.22 15.96 -29.40
N ASP B 275 9.50 14.66 -29.59
CA ASP B 275 9.69 14.04 -30.91
C ASP B 275 10.45 14.89 -31.93
N HIS B 276 11.45 15.63 -31.47
CA HIS B 276 12.25 16.46 -32.36
C HIS B 276 13.38 15.65 -33.00
N GLU B 277 14.11 14.93 -32.17
CA GLU B 277 15.27 14.17 -32.63
C GLU B 277 14.88 13.05 -33.58
N LEU B 278 13.74 12.42 -33.33
CA LEU B 278 13.25 11.36 -34.22
C LEU B 278 12.84 11.95 -35.57
N LEU B 279 12.29 13.16 -35.56
CA LEU B 279 11.91 13.84 -36.78
C LEU B 279 13.14 14.27 -37.57
N HIS B 280 14.22 14.57 -36.85
CA HIS B 280 15.46 14.99 -37.49
C HIS B 280 16.22 13.80 -38.06
N MET B 281 16.14 12.65 -37.40
CA MET B 281 16.80 11.44 -37.85
C MET B 281 16.12 10.84 -39.08
N TYR B 282 14.81 11.00 -39.16
CA TYR B 282 14.04 10.47 -40.29
C TYR B 282 13.27 11.57 -41.01
N PRO B 283 13.98 12.35 -41.85
CA PRO B 283 13.34 13.45 -42.58
C PRO B 283 12.57 12.97 -43.82
N GLY B 284 13.02 11.88 -44.41
CA GLY B 284 12.41 11.34 -45.60
C GLY B 284 10.99 10.86 -45.37
N ASN B 285 10.85 9.61 -44.95
CA ASN B 285 9.54 9.05 -44.66
C ASN B 285 9.26 9.03 -43.16
N VAL B 286 8.22 9.75 -42.76
CA VAL B 286 7.80 9.78 -41.37
C VAL B 286 6.72 8.74 -41.11
N SER B 287 6.41 7.95 -42.15
CA SER B 287 5.41 6.92 -42.05
C SER B 287 5.93 5.72 -41.26
N LYS B 288 7.25 5.55 -41.26
CA LYS B 288 7.88 4.45 -40.54
C LYS B 288 8.06 4.81 -39.05
N LEU B 289 7.54 5.96 -38.66
CA LEU B 289 7.65 6.44 -37.29
C LEU B 289 6.30 6.37 -36.56
N HIS B 290 5.22 6.28 -37.33
CA HIS B 290 3.89 6.23 -36.76
C HIS B 290 3.68 4.99 -35.90
N GLY B 291 3.18 5.20 -34.69
CA GLY B 291 2.91 4.09 -33.79
C GLY B 291 1.43 4.05 -33.41
N ARG B 292 0.86 2.86 -33.42
CA ARG B 292 -0.57 2.71 -33.11
C ARG B 292 -0.86 3.03 -31.65
N ASP B 293 -1.43 4.22 -31.42
CA ASP B 293 -1.81 4.63 -30.07
C ASP B 293 -2.97 3.79 -29.56
N GLY B 294 -3.77 3.30 -30.50
CA GLY B 294 -4.93 2.48 -30.17
C GLY B 294 -5.84 2.35 -31.38
N ARG B 295 -6.54 3.43 -31.69
CA ARG B 295 -7.43 3.47 -32.84
C ARG B 295 -6.84 4.34 -33.94
N LYS B 296 -5.61 4.77 -33.73
CA LYS B 296 -4.95 5.70 -34.64
C LYS B 296 -3.43 5.68 -34.44
N ASN B 297 -2.69 5.94 -35.52
CA ASN B 297 -1.24 6.00 -35.45
C ASN B 297 -0.74 7.43 -35.27
N VAL B 298 0.13 7.63 -34.27
CA VAL B 298 0.62 8.96 -33.94
C VAL B 298 2.15 8.97 -33.86
N VAL B 299 2.73 10.16 -33.94
CA VAL B 299 4.17 10.33 -33.78
C VAL B 299 4.54 10.28 -32.31
N PRO B 300 5.43 9.33 -31.96
CA PRO B 300 5.80 9.06 -30.57
C PRO B 300 6.59 10.20 -29.92
N CYS B 301 6.12 10.65 -28.76
CA CYS B 301 6.88 11.56 -27.92
C CYS B 301 7.93 10.75 -27.17
N VAL B 302 9.17 11.26 -27.14
CA VAL B 302 10.28 10.47 -26.63
C VAL B 302 10.65 10.83 -25.19
N LEU B 303 10.20 10.01 -24.25
CA LEU B 303 10.56 10.16 -22.84
C LEU B 303 11.95 9.56 -22.61
N SER B 304 12.67 10.04 -21.61
CA SER B 304 14.01 9.52 -21.34
C SER B 304 14.43 9.64 -19.88
N VAL B 305 15.01 8.57 -19.35
CA VAL B 305 15.51 8.57 -17.99
C VAL B 305 16.91 7.98 -17.90
N ASN B 306 17.87 8.80 -17.50
CA ASN B 306 19.26 8.37 -17.40
C ASN B 306 19.73 8.41 -15.96
N GLY B 307 20.27 7.29 -15.47
CA GLY B 307 20.71 7.21 -14.10
C GLY B 307 22.18 6.84 -13.95
N ASP B 308 22.94 7.72 -13.31
CA ASP B 308 24.34 7.48 -13.02
C ASP B 308 24.47 6.44 -11.91
N LEU B 309 24.95 5.25 -12.26
CA LEU B 309 25.06 4.16 -11.29
C LEU B 309 26.33 4.24 -10.47
N ASP B 310 27.29 5.05 -10.90
CA ASP B 310 28.51 5.25 -10.13
C ASP B 310 28.22 6.17 -8.94
N ARG B 311 27.66 7.33 -9.22
CA ARG B 311 27.23 8.26 -8.17
C ARG B 311 26.21 7.61 -7.26
N GLY B 312 25.43 6.68 -7.81
CA GLY B 312 24.45 5.95 -7.02
C GLY B 312 25.14 4.97 -6.11
N MET B 313 26.12 4.26 -6.65
CA MET B 313 26.90 3.31 -5.87
C MET B 313 27.58 4.02 -4.70
N LEU B 314 28.13 5.20 -4.97
CA LEU B 314 28.74 6.03 -3.94
C LEU B 314 27.69 6.57 -2.95
N ALA B 315 26.49 6.81 -3.45
CA ALA B 315 25.40 7.32 -2.62
C ALA B 315 24.99 6.27 -1.59
N TYR B 316 24.86 5.03 -2.03
CA TYR B 316 24.52 3.92 -1.13
C TYR B 316 25.69 3.59 -0.23
N LEU B 317 26.90 3.83 -0.74
CA LEU B 317 28.11 3.60 0.01
C LEU B 317 28.23 4.57 1.19
N TYR B 318 27.82 5.82 0.98
CA TYR B 318 27.79 6.81 2.05
C TYR B 318 26.60 6.57 2.97
N ASP B 319 25.48 6.18 2.37
CA ASP B 319 24.25 5.95 3.12
C ASP B 319 24.37 4.80 4.10
N SER B 320 25.16 3.79 3.71
CA SER B 320 25.36 2.60 4.54
C SER B 320 26.09 2.91 5.84
N PHE B 321 26.98 3.90 5.80
CA PHE B 321 27.79 4.24 6.97
C PHE B 321 27.05 5.22 7.89
N GLN B 322 27.23 5.03 9.20
CA GLN B 322 26.60 5.90 10.19
C GLN B 322 27.12 7.33 10.09
N THR B 329 23.48 9.93 15.33
CA THR B 329 24.93 9.96 15.51
C THR B 329 25.31 10.76 16.76
N ARG B 330 24.58 10.53 17.84
CA ARG B 330 24.83 11.21 19.09
C ARG B 330 24.34 10.38 20.28
N LYS B 331 24.98 10.58 21.43
CA LYS B 331 24.73 9.86 22.69
C LYS B 331 24.43 8.37 22.52
N LYS B 332 25.12 7.73 21.58
CA LYS B 332 24.99 6.29 21.37
C LYS B 332 25.78 5.52 22.44
N ASN B 333 26.68 6.23 23.12
CA ASN B 333 27.49 5.68 24.22
C ASN B 333 28.47 4.57 23.82
N LEU B 334 28.32 4.03 22.63
CA LEU B 334 29.20 2.97 22.15
C LEU B 334 29.10 2.85 20.63
N HIS B 335 30.23 3.00 19.94
CA HIS B 335 30.23 3.02 18.48
C HIS B 335 31.05 1.89 17.88
N ARG B 336 30.57 1.37 16.74
CA ARG B 336 31.29 0.33 16.00
C ARG B 336 31.29 0.65 14.51
N LYS B 337 32.44 0.48 13.86
CA LYS B 337 32.57 0.77 12.44
C LYS B 337 31.93 -0.32 11.59
N VAL B 338 30.85 0.04 10.90
CA VAL B 338 30.14 -0.89 10.02
C VAL B 338 29.23 -0.13 9.05
N LEU B 339 29.31 -0.47 7.77
CA LEU B 339 28.43 0.12 6.77
C LEU B 339 27.28 -0.82 6.45
N LYS B 340 26.06 -0.31 6.61
CA LYS B 340 24.86 -1.13 6.47
C LYS B 340 24.24 -1.05 5.08
N LEU B 341 24.77 -1.82 4.15
CA LEU B 341 24.20 -1.89 2.81
C LEU B 341 23.00 -2.83 2.79
N HIS B 342 22.10 -2.59 1.85
CA HIS B 342 20.94 -3.45 1.68
C HIS B 342 21.36 -4.85 1.27
N PRO B 343 20.78 -5.87 1.90
CA PRO B 343 21.13 -7.28 1.66
C PRO B 343 21.02 -7.72 0.20
N CYS B 344 20.29 -6.97 -0.62
CA CYS B 344 20.14 -7.29 -2.04
C CYS B 344 21.37 -6.87 -2.84
N LEU B 345 21.81 -5.63 -2.65
CA LEU B 345 22.94 -5.11 -3.43
C LEU B 345 24.27 -5.29 -2.71
N ALA B 346 24.24 -5.89 -1.52
CA ALA B 346 25.46 -6.16 -0.78
C ALA B 346 26.40 -7.06 -1.57
N PRO B 347 27.68 -6.67 -1.66
CA PRO B 347 28.70 -7.37 -2.45
C PRO B 347 28.88 -8.83 -2.04
N ILE B 348 29.29 -9.07 -0.79
CA ILE B 348 29.42 -10.42 -0.29
C ILE B 348 28.31 -10.71 0.71
N LYS B 349 27.55 -11.77 0.46
CA LYS B 349 26.40 -12.10 1.28
C LYS B 349 26.83 -12.70 2.62
N VAL B 350 27.41 -13.90 2.57
CA VAL B 350 27.82 -14.60 3.78
C VAL B 350 29.34 -14.80 3.79
N ALA B 351 29.90 -15.10 4.95
CA ALA B 351 31.33 -15.34 5.07
C ALA B 351 31.60 -16.63 5.85
N LEU B 352 32.22 -17.59 5.18
CA LEU B 352 32.50 -18.88 5.79
C LEU B 352 33.91 -18.95 6.37
N ASP B 353 34.02 -19.43 7.60
CA ASP B 353 35.32 -19.52 8.27
C ASP B 353 35.50 -20.85 8.99
N VAL B 354 36.64 -20.99 9.68
CA VAL B 354 36.95 -22.20 10.43
C VAL B 354 37.30 -21.86 11.88
N GLY B 355 36.56 -22.46 12.82
CA GLY B 355 36.79 -22.23 14.23
C GLY B 355 37.15 -23.51 14.96
N ARG B 356 38.10 -23.41 15.89
CA ARG B 356 38.55 -24.53 16.71
C ARG B 356 38.85 -25.80 15.90
N GLY B 357 39.98 -25.81 15.21
CA GLY B 357 40.92 -24.71 15.20
C GLY B 357 42.07 -24.90 16.17
N PRO B 358 43.06 -25.71 15.78
CA PRO B 358 43.10 -26.46 14.51
C PRO B 358 42.37 -27.79 14.59
N THR B 359 41.76 -28.20 13.48
CA THR B 359 41.05 -29.48 13.42
C THR B 359 41.24 -30.14 12.07
N LEU B 360 41.89 -31.31 12.08
CA LEU B 360 42.19 -32.04 10.86
C LEU B 360 41.62 -33.47 10.92
N GLU B 361 41.13 -33.98 9.80
CA GLU B 361 41.15 -33.27 8.52
C GLU B 361 39.82 -33.43 7.78
N LEU B 362 38.73 -33.36 8.52
CA LEU B 362 37.40 -33.42 7.93
C LEU B 362 36.87 -32.02 7.66
N ARG B 363 37.77 -31.12 7.30
CA ARG B 363 37.41 -29.73 7.04
C ARG B 363 37.04 -29.52 5.57
N GLN B 364 36.88 -30.64 4.85
CA GLN B 364 36.48 -30.59 3.46
C GLN B 364 34.99 -30.31 3.33
N VAL B 365 34.29 -30.37 4.47
CA VAL B 365 32.87 -30.06 4.52
C VAL B 365 32.65 -28.57 4.19
N CYS B 366 33.64 -27.75 4.53
CA CYS B 366 33.60 -26.33 4.22
C CYS B 366 33.53 -26.13 2.72
N GLN B 367 34.25 -26.97 1.97
CA GLN B 367 34.23 -26.93 0.52
C GLN B 367 32.84 -27.28 0.00
N GLY B 368 32.22 -28.28 0.63
CA GLY B 368 30.87 -28.69 0.29
C GLY B 368 29.88 -27.57 0.47
N LEU B 369 29.91 -26.94 1.64
CA LEU B 369 29.03 -25.81 1.93
C LEU B 369 29.32 -24.65 0.98
N PHE B 370 30.57 -24.54 0.57
CA PHE B 370 31.00 -23.47 -0.33
C PHE B 370 30.37 -23.62 -1.71
N ASN B 371 30.58 -24.78 -2.34
CA ASN B 371 30.01 -25.00 -3.67
C ASN B 371 28.49 -25.03 -3.61
N GLU B 372 27.95 -25.58 -2.53
CA GLU B 372 26.49 -25.59 -2.34
C GLU B 372 25.96 -24.17 -2.30
N LEU B 373 26.69 -23.28 -1.62
CA LEU B 373 26.27 -21.89 -1.51
C LEU B 373 26.36 -21.15 -2.84
N LEU B 374 27.50 -21.28 -3.53
CA LEU B 374 27.67 -20.56 -4.80
C LEU B 374 26.74 -21.11 -5.88
N GLU B 375 26.32 -22.36 -5.74
CA GLU B 375 25.39 -22.95 -6.70
C GLU B 375 24.03 -22.25 -6.65
N ASN B 376 23.69 -21.70 -5.49
CA ASN B 376 22.43 -21.00 -5.33
C ASN B 376 22.56 -19.50 -5.62
N GLY B 377 23.76 -19.09 -5.99
CA GLY B 377 23.99 -17.72 -6.44
C GLY B 377 24.12 -16.70 -5.33
N ILE B 378 24.60 -17.15 -4.16
CA ILE B 378 24.86 -16.23 -3.06
C ILE B 378 26.35 -16.10 -2.80
N SER B 379 26.84 -14.87 -2.73
CA SER B 379 28.26 -14.59 -2.54
C SER B 379 28.75 -15.09 -1.19
N VAL B 380 29.87 -15.81 -1.20
CA VAL B 380 30.44 -16.34 0.03
C VAL B 380 31.95 -16.13 0.09
N TRP B 381 32.40 -15.46 1.15
CA TRP B 381 33.82 -15.22 1.35
C TRP B 381 34.48 -16.39 2.08
N PRO B 382 35.57 -16.93 1.52
CA PRO B 382 36.25 -18.10 2.09
C PRO B 382 37.33 -17.73 3.10
N GLY B 383 37.12 -18.15 4.34
CA GLY B 383 38.09 -17.91 5.41
C GLY B 383 38.86 -19.16 5.73
N TYR B 384 39.60 -19.68 4.75
CA TYR B 384 40.38 -20.90 4.93
C TYR B 384 41.83 -20.56 5.25
N LEU B 385 42.61 -20.26 4.22
CA LEU B 385 44.00 -19.86 4.42
C LEU B 385 44.05 -18.50 5.08
N GLU B 386 44.54 -18.46 6.31
CA GLU B 386 44.51 -17.23 7.10
C GLU B 386 45.79 -17.03 7.91
N THR B 387 46.12 -15.77 8.17
CA THR B 387 47.25 -15.43 9.01
C THR B 387 46.77 -15.15 10.44
N MET B 388 45.46 -14.97 10.57
CA MET B 388 44.84 -14.73 11.87
C MET B 388 43.80 -15.82 12.18
N GLN B 389 43.92 -16.59 13.27
CA GLN B 389 44.93 -16.50 14.35
C GLN B 389 44.97 -15.12 15.00
N SER B 390 43.80 -14.67 15.48
CA SER B 390 43.67 -13.42 16.20
C SER B 390 42.35 -13.37 16.93
N SER B 391 42.04 -12.22 17.53
CA SER B 391 40.76 -12.04 18.20
C SER B 391 39.61 -12.11 17.20
N LEU B 392 38.48 -12.65 17.63
CA LEU B 392 37.32 -12.78 16.76
C LEU B 392 36.77 -11.40 16.37
N GLU B 393 36.97 -10.44 17.26
CA GLU B 393 36.54 -9.07 17.01
C GLU B 393 37.23 -8.49 15.77
N GLN B 394 38.45 -8.96 15.50
CA GLN B 394 39.22 -8.48 14.36
C GLN B 394 38.57 -8.83 13.02
N LEU B 395 38.28 -10.11 12.82
CA LEU B 395 37.67 -10.54 11.56
C LEU B 395 36.17 -10.24 11.54
N TYR B 396 35.57 -10.06 12.72
CA TYR B 396 34.18 -9.63 12.78
C TYR B 396 34.06 -8.21 12.27
N SER B 397 34.93 -7.33 12.75
CA SER B 397 34.95 -5.95 12.26
C SER B 397 35.41 -5.91 10.81
N LYS B 398 36.28 -6.84 10.45
CA LYS B 398 36.74 -6.98 9.08
C LYS B 398 35.59 -7.34 8.14
N TYR B 399 34.63 -8.11 8.65
CA TYR B 399 33.46 -8.49 7.86
C TYR B 399 32.38 -7.42 7.91
N ASP B 400 32.38 -6.63 8.98
CA ASP B 400 31.42 -5.54 9.12
C ASP B 400 31.82 -4.34 8.28
N GLU B 401 33.11 -4.26 7.96
CA GLU B 401 33.61 -3.21 7.07
C GLU B 401 33.38 -3.60 5.62
N MET B 402 33.01 -4.85 5.41
CA MET B 402 32.73 -5.37 4.08
C MET B 402 31.23 -5.58 3.90
N SER B 403 30.46 -5.10 4.86
CA SER B 403 28.99 -5.18 4.83
C SER B 403 28.48 -6.60 4.63
N ILE B 404 29.24 -7.58 5.11
CA ILE B 404 28.82 -8.97 5.00
C ILE B 404 27.64 -9.23 5.93
N LEU B 405 26.56 -9.76 5.37
CA LEU B 405 25.31 -9.99 6.11
C LEU B 405 25.51 -10.93 7.30
N PHE B 406 25.92 -12.15 7.02
CA PHE B 406 26.05 -13.15 8.07
C PHE B 406 27.45 -13.77 8.10
N THR B 407 27.88 -14.17 9.29
CA THR B 407 29.16 -14.85 9.47
C THR B 407 28.93 -16.26 9.99
N VAL B 408 29.04 -17.25 9.11
CA VAL B 408 28.85 -18.64 9.47
C VAL B 408 30.16 -19.25 9.95
N LEU B 409 30.12 -19.84 11.15
CA LEU B 409 31.33 -20.43 11.73
C LEU B 409 31.18 -21.95 11.86
N VAL B 410 32.12 -22.67 11.26
CA VAL B 410 32.12 -24.12 11.33
C VAL B 410 33.19 -24.62 12.30
N THR B 411 32.75 -25.26 13.38
CA THR B 411 33.68 -25.83 14.34
C THR B 411 33.50 -27.34 14.45
N GLU B 412 34.31 -27.97 15.30
CA GLU B 412 34.34 -29.43 15.41
C GLU B 412 33.07 -29.98 16.06
N THR B 413 32.42 -29.18 16.88
CA THR B 413 31.16 -29.59 17.50
C THR B 413 30.09 -29.74 16.42
N THR B 414 30.17 -28.89 15.40
CA THR B 414 29.27 -28.98 14.25
C THR B 414 29.61 -30.22 13.43
N LEU B 415 30.90 -30.57 13.41
CA LEU B 415 31.36 -31.78 12.76
C LEU B 415 30.79 -33.00 13.49
N GLU B 416 30.57 -32.84 14.78
CA GLU B 416 29.97 -33.89 15.60
C GLU B 416 28.46 -34.00 15.33
N ASN B 417 27.71 -32.98 15.73
CA ASN B 417 26.26 -33.00 15.54
C ASN B 417 25.85 -32.45 14.17
N GLY B 418 25.91 -31.13 14.00
CA GLY B 418 25.55 -30.51 12.74
C GLY B 418 24.87 -29.17 12.91
N LEU B 419 25.37 -28.38 13.86
CA LEU B 419 24.79 -27.07 14.13
C LEU B 419 25.87 -25.99 14.14
N ILE B 420 26.04 -25.30 13.01
CA ILE B 420 27.08 -24.29 12.90
C ILE B 420 26.65 -22.96 13.50
N HIS B 421 27.63 -22.09 13.74
CA HIS B 421 27.39 -20.79 14.35
C HIS B 421 27.07 -19.75 13.28
N LEU B 422 26.47 -18.65 13.71
CA LEU B 422 26.04 -17.58 12.80
C LEU B 422 26.03 -16.23 13.51
N ARG B 423 26.63 -15.23 12.87
CA ARG B 423 26.63 -13.88 13.43
C ARG B 423 26.11 -12.85 12.43
N SER B 424 24.94 -12.29 12.71
CA SER B 424 24.34 -11.30 11.84
C SER B 424 25.07 -9.96 11.95
N ARG B 425 24.99 -9.17 10.87
CA ARG B 425 25.65 -7.87 10.83
C ARG B 425 24.76 -6.78 11.44
N ASP B 426 23.48 -6.83 11.10
CA ASP B 426 22.52 -5.84 11.58
C ASP B 426 22.41 -5.87 13.10
N THR B 427 22.42 -7.07 13.66
CA THR B 427 22.40 -7.26 15.10
C THR B 427 23.45 -8.28 15.51
N THR B 428 24.59 -7.80 15.98
CA THR B 428 25.70 -8.67 16.36
C THR B 428 25.28 -9.63 17.47
N MET B 429 24.95 -10.86 17.09
CA MET B 429 24.47 -11.85 18.03
C MET B 429 24.74 -13.28 17.54
N LYS B 430 25.30 -14.09 18.42
CA LYS B 430 25.61 -15.50 18.13
C LYS B 430 24.32 -16.31 18.02
N GLU B 431 24.24 -17.16 16.99
CA GLU B 431 23.05 -17.99 16.79
C GLU B 431 23.39 -19.33 16.14
N MET B 432 22.89 -20.41 16.72
CA MET B 432 23.12 -21.76 16.18
C MET B 432 22.09 -22.10 15.11
N MET B 433 22.52 -22.86 14.10
CA MET B 433 21.60 -23.23 13.01
C MET B 433 22.09 -24.47 12.28
N HIS B 434 21.22 -25.06 11.45
CA HIS B 434 21.57 -26.25 10.69
C HIS B 434 22.07 -25.87 9.29
N ILE B 435 22.72 -26.81 8.61
CA ILE B 435 23.41 -26.53 7.35
C ILE B 435 22.48 -26.18 6.18
N SER B 436 21.67 -27.15 5.75
CA SER B 436 20.74 -26.89 4.66
C SER B 436 19.72 -25.86 5.11
N LYS B 437 19.44 -25.87 6.41
CA LYS B 437 18.59 -24.85 7.00
C LYS B 437 19.25 -23.47 6.87
N LEU B 438 20.56 -23.42 6.90
CA LEU B 438 21.30 -22.17 6.71
C LEU B 438 21.23 -21.72 5.26
N LYS B 439 21.37 -22.68 4.34
CA LYS B 439 21.25 -22.38 2.91
C LYS B 439 19.88 -21.79 2.59
N ASP B 440 18.82 -22.49 2.99
CA ASP B 440 17.46 -22.03 2.74
C ASP B 440 17.14 -20.75 3.51
N PHE B 441 17.79 -20.57 4.66
CA PHE B 441 17.61 -19.34 5.42
C PHE B 441 18.21 -18.16 4.68
N LEU B 442 19.33 -18.38 4.01
CA LEU B 442 19.98 -17.31 3.24
C LEU B 442 19.15 -16.97 2.00
N ILE B 443 18.74 -18.01 1.27
CA ILE B 443 17.92 -17.80 0.08
C ILE B 443 16.62 -17.07 0.44
N LYS B 444 15.99 -17.50 1.54
CA LYS B 444 14.76 -16.86 2.00
C LYS B 444 15.02 -15.45 2.50
N TYR B 445 16.21 -15.23 3.05
CA TYR B 445 16.58 -13.92 3.59
C TYR B 445 16.70 -12.91 2.47
N ILE B 446 17.42 -13.28 1.41
CA ILE B 446 17.59 -12.41 0.26
C ILE B 446 16.26 -12.22 -0.47
N SER B 447 15.55 -13.32 -0.72
CA SER B 447 14.28 -13.28 -1.43
C SER B 447 13.25 -12.41 -0.72
N SER B 448 13.20 -12.51 0.61
CA SER B 448 12.26 -11.72 1.39
C SER B 448 12.73 -10.29 1.55
N ALA B 449 14.05 -10.10 1.57
CA ALA B 449 14.62 -8.76 1.60
C ALA B 449 14.22 -7.99 0.35
N LYS B 450 14.16 -8.69 -0.78
CA LYS B 450 13.73 -8.09 -2.03
C LYS B 450 12.29 -7.58 -1.90
N ASN B 451 11.47 -8.31 -1.14
CA ASN B 451 10.08 -7.91 -0.91
C ASN B 451 9.98 -6.81 0.15
N VAL B 452 8.80 -6.70 0.77
CA VAL B 452 8.56 -5.69 1.79
C VAL B 452 9.16 -6.11 3.13
N GLU C 67 24.63 -17.71 -45.08
CA GLU C 67 23.61 -18.47 -45.81
C GLU C 67 22.21 -17.96 -45.47
N ALA C 68 21.29 -18.88 -45.26
CA ALA C 68 19.91 -18.53 -44.90
C ALA C 68 19.77 -18.35 -43.39
N LEU C 69 20.90 -18.24 -42.71
CA LEU C 69 20.91 -18.04 -41.26
C LEU C 69 21.01 -16.56 -40.92
N LEU C 70 21.74 -15.82 -41.75
CA LEU C 70 21.91 -14.39 -41.53
C LEU C 70 20.63 -13.61 -41.80
N GLU C 71 19.68 -14.24 -42.48
CA GLU C 71 18.42 -13.58 -42.83
C GLU C 71 17.35 -13.83 -41.77
N ILE C 72 17.48 -14.93 -41.01
CA ILE C 72 16.54 -15.22 -39.95
C ILE C 72 17.03 -14.61 -38.63
N CYS C 73 18.18 -13.96 -38.69
CA CYS C 73 18.71 -13.22 -37.55
C CYS C 73 18.30 -11.75 -37.66
N GLN C 74 17.83 -11.37 -38.84
CA GLN C 74 17.38 -10.01 -39.08
C GLN C 74 15.89 -9.87 -38.80
N ARG C 75 15.12 -10.87 -39.22
CA ARG C 75 13.67 -10.85 -39.05
C ARG C 75 13.26 -11.25 -37.64
N ARG C 76 14.19 -11.87 -36.90
CA ARG C 76 13.91 -12.25 -35.52
C ARG C 76 14.73 -11.41 -34.54
N HIS C 77 15.37 -10.37 -35.07
CA HIS C 77 16.08 -9.37 -34.28
C HIS C 77 17.18 -9.94 -33.41
N PHE C 78 18.07 -10.74 -34.00
CA PHE C 78 19.29 -11.16 -33.34
C PHE C 78 20.40 -10.15 -33.64
N LEU C 79 20.34 -9.60 -34.85
CA LEU C 79 21.29 -8.58 -35.29
C LEU C 79 20.57 -7.29 -35.65
N SER C 80 21.31 -6.20 -35.75
CA SER C 80 20.73 -4.92 -36.10
C SER C 80 20.39 -4.86 -37.59
N GLY C 81 19.54 -3.89 -37.94
CA GLY C 81 19.08 -3.74 -39.31
C GLY C 81 20.15 -3.27 -40.26
N SER C 82 20.46 -4.09 -41.25
CA SER C 82 21.45 -3.75 -42.26
C SER C 82 21.12 -4.41 -43.59
N LYS C 83 21.64 -3.84 -44.67
CA LYS C 83 21.38 -4.37 -46.01
C LYS C 83 22.68 -4.62 -46.77
N GLN C 84 23.76 -3.97 -46.35
CA GLN C 84 25.05 -4.11 -47.01
C GLN C 84 26.11 -4.65 -46.05
N GLN C 85 26.05 -4.23 -44.79
CA GLN C 85 26.99 -4.70 -43.79
C GLN C 85 26.43 -5.89 -43.03
N LEU C 86 25.75 -6.78 -43.74
CA LEU C 86 25.18 -7.98 -43.14
C LEU C 86 26.00 -9.21 -43.49
N SER C 87 27.08 -9.01 -44.23
CA SER C 87 27.94 -10.09 -44.68
C SER C 87 28.68 -10.75 -43.50
N ARG C 88 29.25 -11.92 -43.75
CA ARG C 88 30.00 -12.66 -42.74
C ARG C 88 31.30 -11.94 -42.40
N ASP C 89 31.87 -11.26 -43.40
CA ASP C 89 33.12 -10.54 -43.21
C ASP C 89 32.93 -9.31 -42.33
N SER C 90 31.76 -8.69 -42.45
CA SER C 90 31.43 -7.53 -41.63
C SER C 90 31.06 -7.93 -40.21
N LEU C 91 30.53 -9.15 -40.07
CA LEU C 91 30.18 -9.69 -38.76
C LEU C 91 31.41 -10.13 -37.99
N LEU C 92 32.34 -10.76 -38.70
CA LEU C 92 33.61 -11.18 -38.11
C LEU C 92 34.42 -9.95 -37.70
N SER C 93 34.28 -8.88 -38.47
CA SER C 93 34.90 -7.61 -38.13
C SER C 93 34.11 -6.93 -37.01
N GLY C 94 34.73 -5.94 -36.36
CA GLY C 94 34.08 -5.23 -35.28
C GLY C 94 33.08 -4.21 -35.78
N CYS C 95 33.06 -3.99 -37.10
CA CYS C 95 32.16 -3.01 -37.70
C CYS C 95 30.70 -3.44 -37.54
N HIS C 96 29.88 -2.50 -37.08
CA HIS C 96 28.49 -2.77 -36.75
C HIS C 96 27.67 -1.49 -37.01
N PRO C 97 26.34 -1.60 -37.23
CA PRO C 97 25.21 -2.51 -37.03
C PRO C 97 25.35 -3.54 -35.92
N GLY C 98 25.09 -3.12 -34.69
CA GLY C 98 25.36 -3.91 -33.51
C GLY C 98 24.54 -5.19 -33.36
N PHE C 99 23.64 -5.18 -32.38
CA PHE C 99 22.87 -6.38 -32.05
C PHE C 99 21.41 -6.09 -31.77
N GLY C 100 20.58 -7.12 -31.97
CA GLY C 100 19.17 -7.04 -31.62
C GLY C 100 18.96 -7.61 -30.23
N PRO C 101 17.78 -7.34 -29.64
CA PRO C 101 17.41 -7.76 -28.28
C PRO C 101 17.70 -9.23 -28.00
N LEU C 102 17.41 -10.10 -28.96
CA LEU C 102 17.68 -11.53 -28.82
C LEU C 102 19.18 -11.79 -28.71
N GLY C 103 19.95 -11.11 -29.55
CA GLY C 103 21.39 -11.22 -29.51
C GLY C 103 21.97 -10.67 -28.22
N VAL C 104 21.42 -9.57 -27.74
CA VAL C 104 21.86 -8.96 -26.50
C VAL C 104 21.61 -9.90 -25.32
N GLU C 105 20.42 -10.50 -25.28
CA GLU C 105 20.08 -11.44 -24.22
C GLU C 105 20.94 -12.70 -24.29
N LEU C 106 21.20 -13.17 -25.51
CA LEU C 106 22.04 -14.34 -25.73
C LEU C 106 23.45 -14.07 -25.20
N ARG C 107 23.97 -12.90 -25.53
CA ARG C 107 25.31 -12.49 -25.10
C ARG C 107 25.36 -12.34 -23.59
N LYS C 108 24.27 -11.84 -23.00
CA LYS C 108 24.21 -11.63 -21.56
C LYS C 108 24.21 -12.97 -20.82
N ASN C 109 23.44 -13.92 -21.35
CA ASN C 109 23.41 -15.27 -20.78
C ASN C 109 24.77 -15.96 -20.94
N LEU C 110 25.40 -15.76 -22.09
CA LEU C 110 26.70 -16.35 -22.38
C LEU C 110 27.77 -15.81 -21.43
N ALA C 111 27.77 -14.50 -21.24
CA ALA C 111 28.70 -13.85 -20.32
C ALA C 111 28.42 -14.29 -18.89
N ALA C 112 27.15 -14.48 -18.58
CA ALA C 112 26.75 -14.95 -17.26
C ALA C 112 27.32 -16.34 -16.97
N GLU C 113 27.16 -17.23 -17.93
CA GLU C 113 27.71 -18.59 -17.81
C GLU C 113 29.23 -18.57 -17.79
N TRP C 114 29.82 -17.59 -18.46
CA TRP C 114 31.27 -17.43 -18.43
C TRP C 114 31.74 -17.08 -17.03
N TRP C 115 31.09 -16.08 -16.43
CA TRP C 115 31.44 -15.63 -15.09
C TRP C 115 31.10 -16.70 -14.05
N THR C 116 30.18 -17.60 -14.41
CA THR C 116 29.80 -18.69 -13.53
C THR C 116 30.82 -19.82 -13.58
N SER C 117 31.41 -20.02 -14.76
CA SER C 117 32.37 -21.10 -14.97
C SER C 117 33.76 -20.74 -14.46
N VAL C 118 33.89 -19.55 -13.89
CA VAL C 118 35.17 -19.11 -13.32
C VAL C 118 35.01 -18.70 -11.86
N VAL C 119 33.77 -18.60 -11.40
CA VAL C 119 33.51 -18.25 -10.00
C VAL C 119 33.49 -19.53 -9.16
N VAL C 120 33.28 -20.66 -9.81
CA VAL C 120 33.33 -21.95 -9.14
C VAL C 120 34.77 -22.42 -9.00
N PHE C 121 35.67 -21.70 -9.67
CA PHE C 121 37.09 -22.04 -9.68
C PHE C 121 37.78 -21.64 -8.37
N ARG C 122 38.44 -22.61 -7.75
CA ARG C 122 39.20 -22.37 -6.52
C ARG C 122 40.60 -21.86 -6.84
N GLU C 123 41.12 -20.95 -6.03
CA GLU C 123 40.46 -20.49 -4.81
C GLU C 123 39.58 -19.27 -5.05
N GLN C 124 40.19 -18.14 -5.41
CA GLN C 124 39.46 -16.89 -5.56
C GLN C 124 39.97 -16.04 -6.72
N VAL C 125 39.04 -15.61 -7.57
CA VAL C 125 39.35 -14.72 -8.67
C VAL C 125 38.51 -13.45 -8.56
N PHE C 126 39.16 -12.30 -8.43
CA PHE C 126 38.46 -11.05 -8.21
C PHE C 126 38.10 -10.34 -9.51
N PRO C 127 36.84 -9.90 -9.62
CA PRO C 127 36.39 -9.15 -10.80
C PRO C 127 36.82 -7.69 -10.75
N VAL C 128 37.29 -7.18 -11.87
CA VAL C 128 37.73 -5.78 -11.95
C VAL C 128 37.22 -5.12 -13.23
N ASP C 129 37.39 -3.81 -13.32
CA ASP C 129 37.03 -3.08 -14.53
C ASP C 129 38.16 -2.12 -14.91
N ALA C 130 38.54 -2.14 -16.18
CA ALA C 130 39.60 -1.28 -16.68
C ALA C 130 39.03 -0.11 -17.46
N LEU C 131 39.81 0.96 -17.58
CA LEU C 131 39.39 2.13 -18.35
C LEU C 131 39.41 1.80 -19.84
N HIS C 132 38.67 2.58 -20.63
CA HIS C 132 38.60 2.37 -22.07
C HIS C 132 39.63 3.22 -22.81
N HIS C 133 39.73 4.49 -22.41
CA HIS C 133 40.67 5.41 -23.05
C HIS C 133 42.03 5.37 -22.36
N LYS C 134 42.99 6.08 -22.95
CA LYS C 134 44.34 6.16 -22.39
C LYS C 134 44.37 7.04 -21.15
N PRO C 135 45.00 6.55 -20.09
CA PRO C 135 45.07 7.27 -18.83
C PRO C 135 45.85 8.57 -18.98
N GLY C 136 46.83 8.58 -19.88
CA GLY C 136 47.66 9.75 -20.10
C GLY C 136 47.21 10.59 -21.28
N PRO C 137 45.93 10.48 -21.61
CA PRO C 137 45.37 11.24 -22.73
C PRO C 137 44.57 10.37 -23.68
N LYS C 147 44.14 5.83 -28.58
CA LYS C 147 44.01 6.02 -27.14
C LYS C 147 43.18 4.92 -26.51
N LEU C 148 42.22 4.39 -27.28
CA LEU C 148 41.35 3.32 -26.79
C LEU C 148 42.13 2.02 -26.62
N ARG C 149 41.61 1.13 -25.78
CA ARG C 149 42.31 -0.11 -25.45
C ARG C 149 42.16 -1.16 -26.55
N GLU C 150 43.23 -1.94 -26.74
CA GLU C 150 43.24 -3.03 -27.70
C GLU C 150 42.99 -4.35 -27.00
N ASN C 151 43.82 -4.63 -25.99
CA ASN C 151 43.70 -5.84 -25.20
C ASN C 151 43.09 -5.53 -23.83
N LEU C 152 42.74 -6.57 -23.09
CA LEU C 152 42.18 -6.40 -21.76
C LEU C 152 43.13 -6.97 -20.71
N LEU C 153 44.39 -6.54 -20.79
CA LEU C 153 45.44 -7.07 -19.93
C LEU C 153 46.02 -6.00 -19.02
N HIS C 154 46.30 -4.83 -19.61
CA HIS C 154 46.93 -3.72 -18.90
C HIS C 154 46.14 -3.26 -17.69
N GLY C 155 44.83 -3.12 -17.87
CA GLY C 155 43.95 -2.69 -16.79
C GLY C 155 43.89 -3.69 -15.65
N ALA C 156 44.17 -4.95 -15.96
CA ALA C 156 44.20 -6.00 -14.96
C ALA C 156 45.59 -6.09 -14.31
N LEU C 157 46.58 -5.57 -15.01
CA LEU C 157 47.95 -5.52 -14.47
C LEU C 157 48.11 -4.31 -13.55
N GLU C 158 47.28 -3.30 -13.74
CA GLU C 158 47.32 -2.11 -12.91
C GLU C 158 46.76 -2.39 -11.50
N HIS C 159 45.82 -3.32 -11.43
CA HIS C 159 45.18 -3.65 -10.15
C HIS C 159 45.81 -4.88 -9.50
N TYR C 160 46.97 -5.28 -9.99
CA TYR C 160 47.68 -6.43 -9.46
C TYR C 160 48.19 -6.17 -8.04
N VAL C 161 48.99 -5.11 -7.90
CA VAL C 161 49.60 -4.77 -6.62
C VAL C 161 48.53 -4.48 -5.56
N ASN C 162 47.41 -3.92 -5.98
CA ASN C 162 46.31 -3.63 -5.07
C ASN C 162 45.62 -4.91 -4.62
N CYS C 163 45.33 -5.80 -5.56
CA CYS C 163 44.67 -7.06 -5.26
C CYS C 163 45.61 -8.05 -4.57
N LEU C 164 46.89 -7.67 -4.46
CA LEU C 164 47.85 -8.46 -3.71
C LEU C 164 47.50 -8.43 -2.21
N ASP C 165 46.93 -7.30 -1.79
CA ASP C 165 46.57 -7.13 -0.38
C ASP C 165 45.37 -7.98 0.01
N LEU C 166 44.41 -8.09 -0.90
CA LEU C 166 43.17 -8.82 -0.63
C LEU C 166 43.40 -10.32 -0.56
N VAL C 167 44.36 -10.82 -1.35
CA VAL C 167 44.73 -12.23 -1.32
C VAL C 167 45.77 -12.49 -0.24
N ASN C 168 46.16 -11.42 0.45
CA ASN C 168 47.17 -11.48 1.51
C ASN C 168 48.50 -12.04 1.03
N LYS C 169 48.77 -11.87 -0.27
CA LYS C 169 50.02 -12.33 -0.88
C LYS C 169 50.27 -13.82 -0.66
N ARG C 170 49.20 -14.58 -0.53
CA ARG C 170 49.30 -15.97 -0.08
C ARG C 170 49.64 -16.93 -1.22
N LEU C 171 48.77 -17.00 -2.22
CA LEU C 171 48.93 -17.93 -3.32
C LEU C 171 48.80 -17.25 -4.68
N PRO C 172 49.19 -17.93 -5.76
CA PRO C 172 48.87 -17.49 -7.12
C PRO C 172 47.38 -17.24 -7.31
N TYR C 173 47.04 -16.21 -8.07
CA TYR C 173 45.64 -15.80 -8.19
C TYR C 173 45.39 -15.05 -9.49
N GLY C 174 44.13 -14.96 -9.90
CA GLY C 174 43.80 -14.34 -11.17
C GLY C 174 42.80 -13.19 -11.08
N LEU C 175 42.65 -12.48 -12.20
CA LEU C 175 41.69 -11.38 -12.30
C LEU C 175 40.90 -11.48 -13.59
N ALA C 176 39.60 -11.69 -13.48
CA ALA C 176 38.74 -11.80 -14.64
C ALA C 176 37.95 -10.52 -14.87
N GLN C 177 37.67 -10.23 -16.14
CA GLN C 177 36.87 -9.05 -16.49
C GLN C 177 36.30 -9.16 -17.91
N ILE C 178 35.06 -8.75 -18.08
CA ILE C 178 34.43 -8.73 -19.39
C ILE C 178 34.23 -7.29 -19.86
N GLY C 179 34.75 -6.96 -21.03
CA GLY C 179 34.69 -5.58 -21.49
C GLY C 179 34.65 -5.41 -23.01
N VAL C 180 34.32 -4.21 -23.44
CA VAL C 180 34.21 -3.89 -24.85
C VAL C 180 35.50 -3.28 -25.38
N CYS C 181 36.33 -4.11 -25.99
CA CYS C 181 37.61 -3.68 -26.53
C CYS C 181 37.47 -3.30 -28.00
N PHE C 182 38.47 -2.60 -28.52
CA PHE C 182 38.40 -2.06 -29.87
C PHE C 182 39.53 -2.60 -30.75
N HIS C 183 39.33 -2.50 -32.06
CA HIS C 183 40.36 -2.89 -33.02
C HIS C 183 40.09 -2.25 -34.38
N PRO C 184 41.14 -1.69 -35.01
CA PRO C 184 41.01 -0.98 -36.27
C PRO C 184 40.62 -1.88 -37.45
N VAL C 185 39.57 -1.49 -38.16
CA VAL C 185 39.11 -2.26 -39.33
C VAL C 185 39.36 -1.48 -40.62
N PHE C 186 39.97 -2.15 -41.59
CA PHE C 186 40.34 -1.52 -42.85
C PHE C 186 39.36 -1.89 -43.96
N GLY C 194 38.82 3.39 -49.55
CA GLY C 194 38.53 4.64 -48.89
C GLY C 194 39.24 4.75 -47.55
N VAL C 195 38.57 5.34 -46.57
CA VAL C 195 39.15 5.51 -45.24
C VAL C 195 38.90 4.28 -44.39
N LYS C 196 39.67 4.14 -43.31
CA LYS C 196 39.55 2.99 -42.42
C LYS C 196 38.79 3.36 -41.16
N SER C 197 38.01 2.43 -40.64
CA SER C 197 37.16 2.68 -39.48
C SER C 197 37.63 1.90 -38.26
N ILE C 198 36.82 1.94 -37.19
CA ILE C 198 37.15 1.26 -35.96
C ILE C 198 36.02 0.31 -35.54
N GLY C 199 36.38 -0.92 -35.20
CA GLY C 199 35.42 -1.92 -34.79
C GLY C 199 35.48 -2.27 -33.32
N GLU C 200 34.38 -2.79 -32.79
CA GLU C 200 34.28 -3.16 -31.39
C GLU C 200 34.04 -4.65 -31.20
N LYS C 201 34.45 -5.18 -30.05
CA LYS C 201 34.16 -6.56 -29.69
C LYS C 201 34.10 -6.71 -28.18
N THR C 202 33.10 -7.44 -27.69
CA THR C 202 32.97 -7.67 -26.26
C THR C 202 33.69 -8.96 -25.88
N GLU C 203 34.86 -8.83 -25.28
CA GLU C 203 35.67 -9.98 -24.92
C GLU C 203 35.74 -10.18 -23.41
N ALA C 204 35.94 -11.44 -23.02
CA ALA C 204 36.07 -11.80 -21.62
C ALA C 204 37.47 -12.33 -21.36
N SER C 205 38.19 -11.65 -20.48
CA SER C 205 39.59 -12.00 -20.23
C SER C 205 39.83 -12.46 -18.80
N LEU C 206 40.89 -13.23 -18.62
CA LEU C 206 41.30 -13.71 -17.31
C LEU C 206 42.82 -13.70 -17.19
N VAL C 207 43.34 -12.88 -16.28
CA VAL C 207 44.77 -12.77 -16.09
C VAL C 207 45.20 -13.56 -14.86
N TRP C 208 45.78 -14.74 -15.10
CA TRP C 208 46.10 -15.66 -14.02
C TRP C 208 47.58 -15.60 -13.62
N PHE C 209 47.86 -14.92 -12.51
CA PHE C 209 49.21 -14.82 -11.96
C PHE C 209 49.62 -16.10 -11.25
N THR C 210 50.69 -16.73 -11.73
CA THR C 210 51.15 -18.01 -11.20
C THR C 210 52.67 -18.17 -11.34
N PRO C 211 53.31 -18.79 -10.32
CA PRO C 211 54.76 -19.04 -10.33
C PRO C 211 55.24 -19.74 -11.60
N PRO C 212 56.43 -19.38 -12.08
CA PRO C 212 57.04 -19.88 -13.32
C PRO C 212 57.17 -21.40 -13.35
N ARG C 213 57.36 -22.02 -12.20
CA ARG C 213 57.53 -23.48 -12.13
C ARG C 213 56.21 -24.20 -12.33
N THR C 214 55.11 -23.54 -12.01
CA THR C 214 53.78 -24.13 -12.15
C THR C 214 52.90 -23.28 -13.05
N SER C 215 53.49 -22.70 -14.08
CA SER C 215 52.77 -21.84 -15.01
C SER C 215 52.23 -22.64 -16.20
N ASN C 216 53.08 -23.50 -16.76
CA ASN C 216 52.72 -24.31 -17.91
C ASN C 216 51.61 -25.31 -17.58
N GLN C 217 51.72 -25.93 -16.41
CA GLN C 217 50.73 -26.91 -15.96
C GLN C 217 49.37 -26.25 -15.80
N TRP C 218 49.35 -25.08 -15.18
CA TRP C 218 48.12 -24.33 -15.00
C TRP C 218 47.58 -23.81 -16.33
N LEU C 219 48.48 -23.61 -17.29
CA LEU C 219 48.09 -23.21 -18.63
C LEU C 219 47.36 -24.35 -19.32
N ASP C 220 47.86 -25.56 -19.15
CA ASP C 220 47.19 -26.75 -19.69
C ASP C 220 45.86 -26.97 -19.00
N PHE C 221 45.83 -26.69 -17.69
CA PHE C 221 44.61 -26.78 -16.90
C PHE C 221 43.53 -25.85 -17.45
N TRP C 222 43.90 -24.59 -17.66
CA TRP C 222 42.97 -23.62 -18.22
C TRP C 222 42.58 -23.96 -19.65
N LEU C 223 43.50 -24.59 -20.37
CA LEU C 223 43.21 -25.06 -21.73
C LEU C 223 42.06 -26.05 -21.67
N ARG C 224 42.22 -27.09 -20.86
CA ARG C 224 41.20 -28.12 -20.72
C ARG C 224 39.88 -27.54 -20.23
N HIS C 225 39.94 -26.68 -19.22
CA HIS C 225 38.73 -26.11 -18.64
C HIS C 225 37.98 -25.20 -19.62
N ARG C 226 38.70 -24.46 -20.43
CA ARG C 226 38.07 -23.59 -21.43
C ARG C 226 37.49 -24.41 -22.57
N LEU C 227 38.22 -25.42 -23.01
CA LEU C 227 37.73 -26.31 -24.06
C LEU C 227 36.44 -27.00 -23.63
N GLN C 228 36.43 -27.49 -22.39
CA GLN C 228 35.24 -28.11 -21.83
C GLN C 228 34.11 -27.09 -21.69
N TRP C 229 34.47 -25.87 -21.32
CA TRP C 229 33.50 -24.78 -21.21
C TRP C 229 32.79 -24.53 -22.53
N TRP C 230 33.54 -24.55 -23.63
CA TRP C 230 32.93 -24.38 -24.95
C TRP C 230 32.22 -25.66 -25.38
N ARG C 231 32.60 -26.77 -24.77
CA ARG C 231 32.04 -28.07 -25.14
C ARG C 231 30.67 -28.31 -24.51
N LYS C 232 30.44 -27.76 -23.33
CA LYS C 232 29.19 -27.97 -22.60
C LYS C 232 27.97 -27.49 -23.38
N PHE C 233 27.97 -26.22 -23.76
CA PHE C 233 26.83 -25.62 -24.44
C PHE C 233 26.81 -25.92 -25.93
N ALA C 234 27.84 -26.63 -26.40
CA ALA C 234 27.95 -26.95 -27.81
C ALA C 234 27.05 -28.12 -28.19
N MET C 235 26.48 -28.03 -29.39
CA MET C 235 25.67 -29.11 -29.93
C MET C 235 26.60 -30.20 -30.48
N SER C 236 27.82 -29.80 -30.80
CA SER C 236 28.83 -30.71 -31.32
C SER C 236 30.22 -30.32 -30.82
N PRO C 237 30.87 -31.22 -30.09
CA PRO C 237 32.22 -30.96 -29.53
C PRO C 237 33.29 -30.95 -30.60
N SER C 238 33.03 -31.61 -31.72
CA SER C 238 34.00 -31.70 -32.81
C SER C 238 34.12 -30.37 -33.58
N ASN C 239 33.14 -29.50 -33.38
CA ASN C 239 33.13 -28.19 -34.02
C ASN C 239 34.18 -27.26 -33.40
N PHE C 240 34.41 -27.44 -32.10
CA PHE C 240 35.43 -26.65 -31.40
C PHE C 240 36.76 -27.40 -31.38
N SER C 241 37.85 -26.67 -31.66
CA SER C 241 39.17 -27.29 -31.71
C SER C 241 40.17 -26.53 -30.85
N SER C 242 41.28 -27.19 -30.52
CA SER C 242 42.33 -26.57 -29.72
C SER C 242 43.69 -26.75 -30.38
N SER C 243 44.37 -25.64 -30.64
CA SER C 243 45.66 -25.68 -31.33
C SER C 243 46.80 -25.19 -30.42
N ASP C 244 47.96 -25.81 -30.55
CA ASP C 244 49.13 -25.44 -29.76
C ASP C 244 50.10 -24.60 -30.58
N CYS C 245 50.84 -23.73 -29.90
CA CYS C 245 51.84 -22.89 -30.57
C CYS C 245 52.85 -22.34 -29.58
N GLN C 246 53.89 -21.71 -30.10
CA GLN C 246 54.93 -21.10 -29.26
C GLN C 246 55.77 -20.11 -30.07
N ASP C 247 56.55 -19.29 -29.36
CA ASP C 247 57.46 -18.37 -30.00
C ASP C 247 58.56 -17.94 -29.04
N GLU C 248 59.28 -16.87 -29.38
CA GLU C 248 60.37 -16.38 -28.57
C GLU C 248 59.87 -15.50 -27.43
N GLU C 249 58.78 -14.78 -27.68
CA GLU C 249 58.19 -13.92 -26.66
C GLU C 249 57.32 -14.73 -25.69
N GLY C 250 56.46 -15.57 -26.24
CA GLY C 250 55.67 -16.48 -25.43
C GLY C 250 56.23 -17.88 -25.50
N ARG C 251 56.65 -18.42 -24.36
CA ARG C 251 57.27 -19.73 -24.33
C ARG C 251 56.32 -20.83 -24.78
N LYS C 252 55.05 -20.71 -24.40
CA LYS C 252 54.04 -21.68 -24.81
C LYS C 252 52.66 -21.05 -24.78
N GLY C 253 51.92 -21.18 -25.88
CA GLY C 253 50.59 -20.63 -25.97
C GLY C 253 49.62 -21.57 -26.68
N ASN C 254 48.34 -21.38 -26.44
CA ASN C 254 47.32 -22.20 -27.07
C ASN C 254 46.15 -21.34 -27.57
N LYS C 255 45.61 -21.70 -28.73
CA LYS C 255 44.52 -20.94 -29.32
C LYS C 255 43.32 -21.85 -29.60
N LEU C 256 42.13 -21.40 -29.19
CA LEU C 256 40.91 -22.16 -29.37
C LEU C 256 40.18 -21.74 -30.64
N TYR C 257 40.03 -22.67 -31.57
CA TYR C 257 39.38 -22.38 -32.83
C TYR C 257 37.97 -22.96 -32.89
N TYR C 258 37.17 -22.46 -33.83
CA TYR C 258 35.83 -22.97 -34.05
C TYR C 258 35.57 -23.22 -35.53
N ASN C 259 35.07 -24.42 -35.84
CA ASN C 259 34.75 -24.80 -37.21
C ASN C 259 33.35 -24.31 -37.59
N PHE C 260 33.23 -23.73 -38.77
CA PHE C 260 32.00 -23.05 -39.17
C PHE C 260 30.98 -23.86 -39.99
N PRO C 261 31.41 -24.64 -40.99
CA PRO C 261 32.74 -24.94 -41.55
C PRO C 261 33.08 -24.18 -42.83
N TRP C 262 32.73 -22.90 -42.89
CA TRP C 262 33.12 -22.07 -44.02
C TRP C 262 34.54 -21.56 -43.83
N GLY C 263 35.13 -21.95 -42.69
CA GLY C 263 36.47 -21.54 -42.35
C GLY C 263 36.65 -21.48 -40.84
N LYS C 264 37.57 -22.29 -40.32
CA LYS C 264 37.87 -22.30 -38.88
C LYS C 264 38.37 -20.93 -38.43
N GLU C 265 37.77 -20.41 -37.36
CA GLU C 265 38.08 -19.06 -36.91
C GLU C 265 38.55 -19.02 -35.45
N LEU C 266 39.27 -17.95 -35.09
CA LEU C 266 39.77 -17.78 -33.73
C LEU C 266 38.65 -17.41 -32.76
N ILE C 267 38.60 -18.07 -31.62
CA ILE C 267 37.56 -17.82 -30.63
C ILE C 267 38.13 -17.41 -29.27
N GLU C 268 39.31 -17.91 -28.95
CA GLU C 268 39.94 -17.64 -27.66
C GLU C 268 41.44 -17.90 -27.69
N THR C 269 42.20 -17.00 -27.06
CA THR C 269 43.65 -17.14 -27.01
C THR C 269 44.13 -17.37 -25.57
N LEU C 270 45.05 -18.31 -25.40
CA LEU C 270 45.61 -18.64 -24.10
C LEU C 270 47.13 -18.57 -24.14
N TRP C 271 47.69 -17.46 -23.66
CA TRP C 271 49.14 -17.27 -23.70
C TRP C 271 49.77 -17.40 -22.32
N ASN C 272 51.10 -17.51 -22.30
CA ASN C 272 51.86 -17.61 -21.07
C ASN C 272 52.96 -16.55 -21.01
N LEU C 273 52.56 -15.29 -20.94
CA LEU C 273 53.51 -14.18 -20.90
C LEU C 273 54.38 -14.20 -19.66
N GLY C 274 55.64 -13.86 -19.82
CA GLY C 274 56.56 -13.79 -18.70
C GLY C 274 56.28 -12.58 -17.82
N ASP C 275 57.20 -12.27 -16.91
CA ASP C 275 57.03 -11.13 -16.02
C ASP C 275 57.46 -9.84 -16.70
N HIS C 276 57.94 -9.95 -17.94
CA HIS C 276 58.41 -8.80 -18.70
C HIS C 276 57.32 -7.75 -18.90
N GLU C 277 56.09 -8.20 -19.10
CA GLU C 277 54.96 -7.30 -19.29
C GLU C 277 54.68 -6.51 -18.02
N LEU C 278 54.82 -7.18 -16.87
CA LEU C 278 54.54 -6.58 -15.59
C LEU C 278 55.73 -5.78 -15.05
N LEU C 279 56.93 -6.26 -15.36
CA LEU C 279 58.16 -5.63 -14.90
C LEU C 279 58.43 -4.32 -15.64
N HIS C 280 57.74 -4.14 -16.75
CA HIS C 280 57.92 -2.97 -17.60
C HIS C 280 57.14 -1.76 -17.09
N MET C 281 56.06 -2.01 -16.37
CA MET C 281 55.23 -0.93 -15.86
C MET C 281 55.51 -0.62 -14.39
N TYR C 282 56.33 -1.46 -13.76
CA TYR C 282 56.76 -1.20 -12.38
C TYR C 282 58.27 -1.31 -12.14
N PRO C 283 59.09 -0.55 -12.90
CA PRO C 283 60.50 -0.55 -12.51
C PRO C 283 60.95 0.77 -11.89
N GLY C 284 61.17 0.80 -10.58
CA GLY C 284 60.96 -0.37 -9.74
C GLY C 284 60.02 -0.05 -8.59
N ASN C 285 60.39 -0.49 -7.39
CA ASN C 285 61.63 -1.21 -7.16
C ASN C 285 61.41 -2.72 -7.20
N VAL C 286 60.36 -3.14 -7.92
CA VAL C 286 60.00 -4.54 -8.15
C VAL C 286 60.00 -5.45 -6.90
N SER C 287 60.16 -4.85 -5.72
CA SER C 287 60.12 -5.60 -4.48
C SER C 287 58.68 -5.83 -4.04
N LYS C 288 57.77 -5.15 -4.73
CA LYS C 288 56.34 -5.28 -4.45
C LYS C 288 55.74 -6.43 -5.22
N LEU C 289 56.26 -6.64 -6.43
CA LEU C 289 55.66 -7.56 -7.39
C LEU C 289 55.71 -9.02 -6.94
N HIS C 290 56.86 -9.44 -6.42
CA HIS C 290 57.03 -10.83 -6.03
C HIS C 290 56.10 -11.21 -4.87
N GLY C 291 55.35 -12.29 -5.07
CA GLY C 291 54.40 -12.75 -4.07
C GLY C 291 54.91 -14.00 -3.38
N ARG C 292 54.40 -14.25 -2.16
CA ARG C 292 54.84 -15.38 -1.37
C ARG C 292 54.35 -16.70 -1.97
N ASP C 293 55.25 -17.66 -2.09
CA ASP C 293 54.92 -18.96 -2.63
C ASP C 293 55.46 -20.09 -1.75
N GLY C 294 54.94 -20.18 -0.54
CA GLY C 294 55.41 -21.17 0.41
C GLY C 294 56.76 -20.78 0.98
N ARG C 295 56.78 -19.68 1.74
CA ARG C 295 58.00 -19.13 2.33
C ARG C 295 59.04 -18.86 1.24
N LYS C 296 58.56 -18.45 0.07
CA LYS C 296 59.43 -18.13 -1.05
C LYS C 296 58.95 -16.88 -1.79
N ASN C 297 59.85 -15.94 -2.02
CA ASN C 297 59.53 -14.73 -2.77
C ASN C 297 59.90 -14.90 -4.25
N VAL C 298 58.90 -14.77 -5.12
CA VAL C 298 59.12 -14.97 -6.54
C VAL C 298 58.15 -14.15 -7.40
N VAL C 299 58.69 -13.45 -8.39
CA VAL C 299 57.87 -12.70 -9.33
C VAL C 299 57.10 -13.68 -10.23
N PRO C 300 55.77 -13.60 -10.18
CA PRO C 300 54.91 -14.58 -10.85
C PRO C 300 54.81 -14.39 -12.37
N CYS C 301 54.85 -15.50 -13.09
CA CYS C 301 54.57 -15.51 -14.52
C CYS C 301 53.08 -15.23 -14.75
N VAL C 302 52.77 -14.63 -15.90
CA VAL C 302 51.40 -14.19 -16.16
C VAL C 302 50.71 -14.99 -17.26
N LEU C 303 49.59 -15.62 -16.91
CA LEU C 303 48.77 -16.32 -17.89
C LEU C 303 47.72 -15.39 -18.48
N SER C 304 47.62 -15.36 -19.80
CA SER C 304 46.69 -14.47 -20.47
C SER C 304 45.56 -15.23 -21.18
N VAL C 305 44.40 -15.25 -20.55
CA VAL C 305 43.21 -15.83 -21.14
C VAL C 305 42.38 -14.74 -21.80
N ASN C 306 41.96 -14.96 -23.04
CA ASN C 306 41.23 -13.95 -23.78
C ASN C 306 40.22 -14.54 -24.75
N GLY C 307 38.96 -14.61 -24.33
CA GLY C 307 37.92 -15.19 -25.16
C GLY C 307 37.01 -14.15 -25.79
N ASP C 308 36.42 -14.49 -26.92
CA ASP C 308 35.49 -13.59 -27.60
C ASP C 308 34.06 -14.09 -27.44
N LEU C 309 33.19 -13.24 -26.93
CA LEU C 309 31.80 -13.60 -26.69
C LEU C 309 30.93 -13.35 -27.91
N ASP C 310 31.38 -12.46 -28.79
CA ASP C 310 30.65 -12.18 -30.03
C ASP C 310 30.88 -13.31 -31.03
N ARG C 311 32.13 -13.67 -31.22
CA ARG C 311 32.51 -14.81 -32.04
C ARG C 311 31.89 -16.09 -31.49
N GLY C 312 31.77 -16.16 -30.17
CA GLY C 312 31.14 -17.30 -29.51
C GLY C 312 29.65 -17.31 -29.75
N MET C 313 29.05 -16.11 -29.73
CA MET C 313 27.64 -15.96 -30.02
C MET C 313 27.32 -16.48 -31.41
N LEU C 314 28.08 -15.99 -32.39
CA LEU C 314 27.92 -16.43 -33.78
C LEU C 314 28.19 -17.92 -33.89
N ALA C 315 29.16 -18.40 -33.12
CA ALA C 315 29.51 -19.81 -33.12
C ALA C 315 28.33 -20.69 -32.72
N TYR C 316 27.70 -20.33 -31.60
CA TYR C 316 26.55 -21.09 -31.12
C TYR C 316 25.33 -20.88 -32.04
N LEU C 317 25.26 -19.72 -32.69
CA LEU C 317 24.20 -19.45 -33.65
C LEU C 317 24.29 -20.40 -34.84
N TYR C 318 25.50 -20.56 -35.38
CA TYR C 318 25.71 -21.50 -36.48
C TYR C 318 25.66 -22.94 -35.98
N ASP C 319 25.83 -23.12 -34.68
CA ASP C 319 25.80 -24.45 -34.08
C ASP C 319 24.37 -24.90 -33.82
N SER C 320 23.46 -23.94 -33.77
CA SER C 320 22.06 -24.22 -33.46
C SER C 320 21.20 -24.31 -34.72
N PHE C 321 21.70 -23.79 -35.82
CA PHE C 321 20.94 -23.76 -37.07
C PHE C 321 20.73 -25.16 -37.64
N GLN C 322 19.47 -25.59 -37.65
CA GLN C 322 19.11 -26.90 -38.18
C GLN C 322 17.89 -26.81 -39.09
N HIS C 335 12.17 -28.61 -44.65
CA HIS C 335 11.41 -27.37 -44.72
C HIS C 335 11.49 -26.59 -43.40
N ARG C 336 12.04 -27.24 -42.38
CA ARG C 336 12.13 -26.62 -41.05
C ARG C 336 13.31 -25.68 -40.93
N LYS C 337 13.13 -24.61 -40.18
CA LYS C 337 14.20 -23.66 -39.88
C LYS C 337 14.16 -23.30 -38.39
N VAL C 338 14.75 -24.15 -37.56
CA VAL C 338 14.71 -23.97 -36.12
C VAL C 338 16.10 -23.86 -35.50
N LEU C 339 16.30 -22.82 -34.70
CA LEU C 339 17.55 -22.64 -33.96
C LEU C 339 17.47 -23.35 -32.60
N LYS C 340 18.24 -24.42 -32.45
CA LYS C 340 18.22 -25.19 -31.21
C LYS C 340 19.36 -24.79 -30.27
N LEU C 341 19.29 -23.57 -29.74
CA LEU C 341 20.27 -23.11 -28.76
C LEU C 341 20.11 -23.86 -27.44
N HIS C 342 21.18 -23.92 -26.66
CA HIS C 342 21.16 -24.61 -25.37
C HIS C 342 20.17 -23.93 -24.43
N PRO C 343 19.39 -24.73 -23.68
CA PRO C 343 18.36 -24.22 -22.76
C PRO C 343 18.91 -23.20 -21.76
N CYS C 344 20.12 -23.43 -21.25
CA CYS C 344 20.74 -22.52 -20.30
C CYS C 344 21.30 -21.28 -20.99
N LEU C 345 21.28 -21.30 -22.32
CA LEU C 345 21.92 -20.24 -23.10
C LEU C 345 20.91 -19.44 -23.91
N ALA C 346 19.80 -20.09 -24.26
CA ALA C 346 18.77 -19.46 -25.08
C ALA C 346 18.20 -18.21 -24.39
N PRO C 347 18.00 -17.13 -25.17
CA PRO C 347 17.50 -15.86 -24.65
C PRO C 347 16.09 -15.97 -24.08
N ILE C 348 15.11 -16.26 -24.94
CA ILE C 348 13.75 -16.48 -24.50
C ILE C 348 13.46 -17.99 -24.51
N LYS C 349 13.04 -18.52 -23.38
CA LYS C 349 12.88 -19.97 -23.23
C LYS C 349 11.44 -20.43 -23.25
N VAL C 350 10.50 -19.48 -23.29
CA VAL C 350 9.08 -19.83 -23.35
C VAL C 350 8.25 -18.66 -23.88
N ALA C 351 7.19 -18.96 -24.61
CA ALA C 351 6.28 -17.95 -25.12
C ALA C 351 4.83 -18.43 -25.05
N LEU C 352 3.95 -17.61 -24.51
CA LEU C 352 2.56 -18.02 -24.34
C LEU C 352 1.58 -17.08 -25.04
N ASP C 353 0.71 -17.66 -25.86
CA ASP C 353 -0.33 -16.92 -26.56
C ASP C 353 -1.71 -17.43 -26.17
N VAL C 354 -2.74 -16.91 -26.82
CA VAL C 354 -4.10 -17.38 -26.59
C VAL C 354 -4.65 -18.06 -27.85
N GLY C 355 -5.72 -18.83 -27.69
CA GLY C 355 -6.34 -19.53 -28.80
C GLY C 355 -7.75 -19.04 -29.05
N ARG C 356 -8.53 -18.95 -27.99
CA ARG C 356 -9.88 -18.39 -28.05
C ARG C 356 -9.82 -16.93 -28.49
N GLY C 357 -10.92 -16.44 -29.09
CA GLY C 357 -11.01 -15.06 -29.50
C GLY C 357 -10.74 -14.07 -28.37
N PRO C 358 -10.29 -12.85 -28.73
CA PRO C 358 -9.87 -11.80 -27.80
C PRO C 358 -10.82 -11.58 -26.62
N THR C 359 -10.52 -12.21 -25.50
CA THR C 359 -11.32 -12.08 -24.29
C THR C 359 -10.44 -11.60 -23.14
N LEU C 360 -10.99 -10.73 -22.30
CA LEU C 360 -10.25 -10.15 -21.18
C LEU C 360 -9.74 -11.19 -20.19
N GLU C 361 -10.55 -12.22 -19.97
CA GLU C 361 -10.20 -13.27 -19.00
C GLU C 361 -8.96 -14.04 -19.43
N LEU C 362 -8.83 -14.28 -20.73
CA LEU C 362 -7.65 -14.95 -21.28
C LEU C 362 -6.40 -14.11 -20.98
N ARG C 363 -6.53 -12.80 -21.17
CA ARG C 363 -5.43 -11.88 -20.89
C ARG C 363 -5.10 -11.87 -19.40
N GLN C 364 -6.12 -12.06 -18.57
CA GLN C 364 -5.92 -12.14 -17.12
C GLN C 364 -5.10 -13.37 -16.74
N VAL C 365 -5.52 -14.52 -17.26
CA VAL C 365 -4.81 -15.77 -16.99
C VAL C 365 -3.37 -15.71 -17.51
N CYS C 366 -3.21 -15.16 -18.70
CA CYS C 366 -1.88 -15.08 -19.33
C CYS C 366 -0.98 -14.09 -18.60
N GLN C 367 -1.58 -13.05 -18.03
CA GLN C 367 -0.83 -12.10 -17.22
C GLN C 367 -0.39 -12.76 -15.93
N GLY C 368 -1.27 -13.58 -15.37
CA GLY C 368 -0.95 -14.35 -14.18
C GLY C 368 0.22 -15.28 -14.40
N LEU C 369 0.15 -16.06 -15.48
CA LEU C 369 1.23 -16.98 -15.83
C LEU C 369 2.51 -16.22 -16.16
N PHE C 370 2.35 -15.02 -16.72
CA PHE C 370 3.48 -14.15 -17.05
C PHE C 370 4.23 -13.77 -15.77
N ASN C 371 3.49 -13.25 -14.79
CA ASN C 371 4.09 -12.88 -13.51
C ASN C 371 4.66 -14.08 -12.76
N GLU C 372 3.95 -15.20 -12.78
CA GLU C 372 4.43 -16.42 -12.12
C GLU C 372 5.74 -16.91 -12.72
N LEU C 373 5.85 -16.85 -14.05
CA LEU C 373 7.06 -17.31 -14.72
C LEU C 373 8.23 -16.34 -14.52
N LEU C 374 7.93 -15.04 -14.49
CA LEU C 374 8.97 -14.05 -14.26
C LEU C 374 9.38 -13.96 -12.80
N GLU C 375 8.59 -14.57 -11.92
CA GLU C 375 8.87 -14.57 -10.49
C GLU C 375 9.97 -15.55 -10.14
N ASN C 376 10.10 -16.59 -10.97
CA ASN C 376 11.11 -17.61 -10.75
C ASN C 376 12.23 -17.53 -11.77
N GLY C 377 12.42 -16.35 -12.36
CA GLY C 377 13.50 -16.11 -13.29
C GLY C 377 13.43 -16.90 -14.57
N ILE C 378 12.28 -16.86 -15.24
CA ILE C 378 12.10 -17.55 -16.51
C ILE C 378 11.68 -16.56 -17.59
N SER C 379 12.55 -16.36 -18.59
CA SER C 379 12.27 -15.45 -19.68
C SER C 379 11.07 -15.90 -20.50
N VAL C 380 10.06 -15.04 -20.61
CA VAL C 380 8.84 -15.39 -21.31
C VAL C 380 8.44 -14.31 -22.33
N TRP C 381 8.24 -14.74 -23.57
CA TRP C 381 7.80 -13.83 -24.63
C TRP C 381 6.28 -13.72 -24.65
N PRO C 382 5.76 -12.49 -24.51
CA PRO C 382 4.32 -12.23 -24.44
C PRO C 382 3.68 -12.09 -25.82
N GLY C 383 3.14 -13.19 -26.33
CA GLY C 383 2.50 -13.18 -27.63
C GLY C 383 0.99 -13.13 -27.52
N TYR C 384 0.51 -12.76 -26.34
CA TYR C 384 -0.92 -12.71 -26.06
C TYR C 384 -1.45 -11.29 -26.06
N LEU C 385 -0.65 -10.38 -26.63
CA LEU C 385 -1.00 -8.96 -26.64
C LEU C 385 -2.24 -8.58 -27.50
N GLU C 386 -2.37 -9.03 -28.74
CA GLU C 386 -1.45 -9.94 -29.46
C GLU C 386 -1.01 -9.52 -30.89
N THR C 387 -1.86 -8.96 -31.75
CA THR C 387 -3.25 -8.56 -31.48
C THR C 387 -4.27 -9.37 -32.28
N MET C 388 -3.80 -10.23 -33.17
CA MET C 388 -4.72 -10.97 -34.04
C MET C 388 -4.65 -12.48 -33.85
N GLN C 389 -3.46 -13.00 -33.59
CA GLN C 389 -3.22 -14.44 -33.56
C GLN C 389 -3.73 -15.09 -34.84
N SER C 390 -2.99 -14.91 -35.92
CA SER C 390 -3.39 -15.41 -37.24
C SER C 390 -3.34 -16.93 -37.30
N SER C 391 -2.20 -17.45 -37.73
CA SER C 391 -2.03 -18.89 -37.84
C SER C 391 -1.27 -19.47 -36.66
N LEU C 392 -1.08 -20.78 -36.67
CA LEU C 392 -0.38 -21.48 -35.60
C LEU C 392 0.95 -22.03 -36.08
N GLU C 393 1.01 -22.42 -37.35
CA GLU C 393 2.21 -22.98 -37.93
C GLU C 393 3.29 -21.92 -38.14
N GLN C 394 2.89 -20.75 -38.64
CA GLN C 394 3.83 -19.66 -38.83
C GLN C 394 4.21 -19.06 -37.49
N LEU C 395 3.34 -19.24 -36.50
CA LEU C 395 3.61 -18.81 -35.13
C LEU C 395 4.69 -19.69 -34.52
N TYR C 396 4.53 -21.01 -34.69
CA TYR C 396 5.52 -21.96 -34.21
C TYR C 396 6.84 -21.80 -34.96
N SER C 397 6.74 -21.42 -36.23
CA SER C 397 7.93 -21.16 -37.06
C SER C 397 8.67 -19.95 -36.51
N LYS C 398 7.93 -18.90 -36.19
CA LYS C 398 8.51 -17.69 -35.61
C LYS C 398 9.16 -17.98 -34.26
N TYR C 399 8.50 -18.81 -33.45
CA TYR C 399 9.01 -19.14 -32.13
C TYR C 399 10.14 -20.16 -32.18
N ASP C 400 10.30 -20.81 -33.33
CA ASP C 400 11.41 -21.74 -33.53
C ASP C 400 12.62 -21.00 -34.10
N GLU C 401 12.35 -19.91 -34.80
CA GLU C 401 13.41 -19.07 -35.34
C GLU C 401 13.96 -18.12 -34.26
N MET C 402 13.25 -18.05 -33.14
CA MET C 402 13.71 -17.26 -32.00
C MET C 402 14.27 -18.16 -30.91
N SER C 403 14.37 -19.46 -31.22
CA SER C 403 14.93 -20.46 -30.31
C SER C 403 14.19 -20.54 -28.98
N ILE C 404 12.86 -20.48 -29.02
CA ILE C 404 12.06 -20.68 -27.82
C ILE C 404 11.93 -22.17 -27.51
N LEU C 405 12.24 -22.54 -26.27
CA LEU C 405 12.22 -23.94 -25.85
C LEU C 405 10.82 -24.54 -25.89
N PHE C 406 9.86 -23.88 -25.26
CA PHE C 406 8.49 -24.37 -25.20
C PHE C 406 7.48 -23.29 -25.52
N THR C 407 6.51 -23.61 -26.36
CA THR C 407 5.43 -22.68 -26.68
C THR C 407 4.14 -23.09 -25.97
N VAL C 408 3.50 -22.13 -25.31
CA VAL C 408 2.32 -22.40 -24.50
C VAL C 408 1.07 -21.75 -25.10
N LEU C 409 -0.02 -22.50 -25.16
CA LEU C 409 -1.27 -21.99 -25.69
C LEU C 409 -2.38 -22.07 -24.65
N VAL C 410 -2.98 -20.92 -24.36
CA VAL C 410 -4.03 -20.81 -23.36
C VAL C 410 -5.41 -20.65 -24.01
N THR C 411 -6.06 -21.78 -24.27
CA THR C 411 -7.36 -21.76 -24.92
C THR C 411 -8.47 -21.46 -23.92
N GLU C 412 -9.72 -21.73 -24.30
CA GLU C 412 -10.86 -21.42 -23.45
C GLU C 412 -11.15 -22.56 -22.47
N THR C 413 -10.56 -23.73 -22.73
CA THR C 413 -10.73 -24.87 -21.85
C THR C 413 -9.95 -24.63 -20.56
N THR C 414 -8.87 -23.87 -20.66
CA THR C 414 -8.02 -23.56 -19.52
C THR C 414 -8.82 -22.83 -18.43
N LEU C 415 -9.83 -22.08 -18.86
CA LEU C 415 -10.70 -21.36 -17.94
C LEU C 415 -11.72 -22.30 -17.30
N GLU C 416 -11.56 -23.59 -17.53
CA GLU C 416 -12.46 -24.59 -16.95
C GLU C 416 -11.69 -25.67 -16.20
N ASN C 417 -10.71 -26.27 -16.87
CA ASN C 417 -9.94 -27.36 -16.28
C ASN C 417 -8.54 -26.92 -15.85
N GLY C 418 -8.06 -25.83 -16.44
CA GLY C 418 -6.73 -25.34 -16.14
C GLY C 418 -5.68 -25.94 -17.06
N LEU C 419 -6.11 -26.85 -17.93
CA LEU C 419 -5.20 -27.48 -18.87
C LEU C 419 -4.71 -26.50 -19.92
N ILE C 420 -3.47 -26.68 -20.35
CA ILE C 420 -2.83 -25.75 -21.27
C ILE C 420 -2.04 -26.52 -22.34
N HIS C 421 -1.88 -25.90 -23.51
CA HIS C 421 -1.27 -26.58 -24.64
C HIS C 421 0.22 -26.29 -24.78
N LEU C 422 1.05 -27.18 -24.24
CA LEU C 422 2.50 -27.08 -24.40
C LEU C 422 2.93 -27.59 -25.76
N ARG C 423 4.10 -27.14 -26.21
CA ARG C 423 4.66 -27.62 -27.47
C ARG C 423 6.18 -27.41 -27.48
N SER C 424 6.92 -28.52 -27.48
CA SER C 424 8.37 -28.48 -27.41
C SER C 424 8.99 -27.96 -28.71
N ARG C 425 10.30 -27.77 -28.69
CA ARG C 425 11.03 -27.27 -29.85
C ARG C 425 11.93 -28.35 -30.43
N ASP C 426 12.65 -29.04 -29.55
CA ASP C 426 13.60 -30.07 -29.97
C ASP C 426 12.90 -31.33 -30.45
N THR C 427 11.64 -31.50 -30.05
CA THR C 427 10.86 -32.66 -30.46
C THR C 427 9.58 -32.23 -31.17
N THR C 428 9.21 -30.97 -30.98
CA THR C 428 7.99 -30.39 -31.57
C THR C 428 6.76 -31.23 -31.24
N MET C 429 6.68 -31.72 -30.02
CA MET C 429 5.57 -32.55 -29.60
C MET C 429 4.46 -31.73 -28.94
N LYS C 430 3.29 -31.72 -29.56
CA LYS C 430 2.12 -31.05 -28.99
C LYS C 430 1.62 -31.80 -27.77
N GLU C 431 1.87 -31.23 -26.60
CA GLU C 431 1.47 -31.84 -25.33
C GLU C 431 0.45 -30.97 -24.61
N MET C 432 -0.14 -31.51 -23.55
CA MET C 432 -1.07 -30.74 -22.72
C MET C 432 -0.83 -31.01 -21.24
N MET C 433 -0.81 -29.96 -20.43
CA MET C 433 -0.65 -30.13 -18.99
C MET C 433 -1.24 -28.97 -18.19
N HIS C 434 -1.54 -29.23 -16.93
CA HIS C 434 -2.17 -28.25 -16.05
C HIS C 434 -1.28 -27.01 -15.87
N ILE C 435 -1.93 -25.86 -15.74
CA ILE C 435 -1.22 -24.58 -15.69
C ILE C 435 -0.41 -24.41 -14.41
N SER C 436 -0.78 -25.15 -13.37
CA SER C 436 -0.10 -25.04 -12.08
C SER C 436 1.24 -25.75 -12.07
N LYS C 437 1.36 -26.79 -12.89
CA LYS C 437 2.57 -27.61 -12.90
C LYS C 437 3.51 -27.22 -14.05
N LEU C 438 3.33 -26.00 -14.56
CA LEU C 438 4.15 -25.50 -15.66
C LEU C 438 5.47 -24.95 -15.15
N LYS C 439 5.39 -24.13 -14.10
CA LYS C 439 6.57 -23.52 -13.49
C LYS C 439 7.59 -24.58 -13.06
N ASP C 440 7.11 -25.57 -12.30
CA ASP C 440 7.96 -26.64 -11.81
C ASP C 440 8.58 -27.41 -12.97
N PHE C 441 7.80 -27.62 -14.03
CA PHE C 441 8.28 -28.33 -15.21
C PHE C 441 9.42 -27.59 -15.89
N LEU C 442 9.22 -26.28 -16.12
CA LEU C 442 10.25 -25.47 -16.78
C LEU C 442 11.51 -25.38 -15.93
N ILE C 443 11.34 -25.14 -14.63
CA ILE C 443 12.49 -25.03 -13.73
C ILE C 443 13.27 -26.35 -13.67
N LYS C 444 12.56 -27.46 -13.58
CA LYS C 444 13.20 -28.77 -13.54
C LYS C 444 13.90 -29.09 -14.86
N TYR C 445 13.32 -28.64 -15.96
CA TYR C 445 13.90 -28.87 -17.28
C TYR C 445 15.18 -28.07 -17.46
N ILE C 446 15.19 -26.84 -16.98
CA ILE C 446 16.37 -25.98 -17.05
C ILE C 446 17.46 -26.52 -16.13
N SER C 447 17.06 -26.96 -14.93
CA SER C 447 18.00 -27.49 -13.95
C SER C 447 18.57 -28.84 -14.39
N SER C 448 17.84 -29.53 -15.25
CA SER C 448 18.29 -30.82 -15.76
C SER C 448 19.38 -30.67 -16.81
N ALA C 449 19.47 -29.46 -17.38
CA ALA C 449 20.48 -29.16 -18.38
C ALA C 449 21.82 -28.81 -17.74
N LYS C 450 21.85 -28.80 -16.41
CA LYS C 450 23.08 -28.54 -15.67
C LYS C 450 23.88 -29.82 -15.48
N ASN C 451 24.80 -30.07 -16.40
CA ASN C 451 25.67 -31.25 -16.32
C ASN C 451 26.91 -31.09 -17.18
N VAL C 452 27.98 -31.78 -16.80
CA VAL C 452 29.24 -31.72 -17.54
C VAL C 452 29.90 -33.10 -17.58
#